data_2CS8
#
_entry.id   2CS8
#
loop_
_entity.id
_entity.type
_entity.pdbx_description
1 polymer 'KIAA0535 protein'
2 non-polymer 'ZINC ION'
#
_entity_poly.entity_id   1
_entity_poly.type   'polypeptide(L)'
_entity_poly.pdbx_seq_one_letter_code
;GSSGSSGPELKCPVIGCDGQGHISGKYTSHRTASGCPLAAKRQKENPLNGASLSWKLNKQELPHCPLPGCNGLGHVNNVF
VTHRSLSGCPLNAQVIKKGKVSSGPSSG
;
_entity_poly.pdbx_strand_id   A
#
# COMPACT_ATOMS: atom_id res chain seq x y z
N GLY A 1 36.59 10.86 16.92
CA GLY A 1 36.31 9.63 16.20
C GLY A 1 37.54 8.74 16.08
N SER A 2 37.76 7.90 17.09
CA SER A 2 38.91 7.00 17.10
C SER A 2 38.77 5.94 16.00
N SER A 3 37.53 5.56 15.70
CA SER A 3 37.28 4.56 14.67
C SER A 3 35.81 4.61 14.23
N GLY A 4 35.54 4.05 13.06
CA GLY A 4 34.18 4.03 12.55
C GLY A 4 33.51 2.68 12.72
N SER A 5 32.41 2.47 12.00
CA SER A 5 31.67 1.22 12.08
C SER A 5 30.97 0.92 10.76
N SER A 6 30.97 -0.35 10.37
CA SER A 6 30.34 -0.77 9.12
C SER A 6 29.73 -2.16 9.27
N GLY A 7 28.81 -2.50 8.37
CA GLY A 7 28.16 -3.80 8.41
C GLY A 7 26.82 -3.81 7.71
N PRO A 8 26.55 -4.88 6.96
CA PRO A 8 25.29 -5.02 6.22
C PRO A 8 24.10 -5.25 7.15
N GLU A 9 22.92 -4.83 6.70
CA GLU A 9 21.71 -5.00 7.49
C GLU A 9 20.52 -5.35 6.60
N LEU A 10 19.44 -5.81 7.23
CA LEU A 10 18.24 -6.19 6.49
C LEU A 10 17.94 -5.19 5.38
N LYS A 11 17.08 -5.59 4.44
CA LYS A 11 16.71 -4.73 3.33
C LYS A 11 15.33 -5.11 2.78
N CYS A 12 14.62 -4.13 2.25
CA CYS A 12 13.29 -4.35 1.70
C CYS A 12 13.33 -5.45 0.64
N PRO A 13 12.77 -6.63 0.98
CA PRO A 13 12.74 -7.78 0.08
C PRO A 13 11.78 -7.56 -1.09
N VAL A 14 11.00 -6.49 -1.02
CA VAL A 14 10.05 -6.16 -2.08
C VAL A 14 10.75 -5.52 -3.27
N ILE A 15 10.85 -6.27 -4.37
CA ILE A 15 11.49 -5.78 -5.57
C ILE A 15 10.82 -4.50 -6.09
N GLY A 16 11.58 -3.68 -6.79
CA GLY A 16 11.03 -2.45 -7.33
C GLY A 16 11.00 -1.34 -6.29
N CYS A 17 10.77 -1.69 -5.04
CA CYS A 17 10.72 -0.73 -3.96
C CYS A 17 12.07 -0.03 -3.78
N ASP A 18 12.06 1.08 -3.06
CA ASP A 18 13.28 1.84 -2.81
C ASP A 18 13.83 1.55 -1.42
N GLY A 19 12.97 1.04 -0.54
CA GLY A 19 13.39 0.73 0.82
C GLY A 19 13.16 1.88 1.77
N GLN A 20 13.09 3.09 1.22
CA GLN A 20 12.87 4.28 2.04
C GLN A 20 11.40 4.44 2.41
N GLY A 21 11.14 5.10 3.53
CA GLY A 21 9.77 5.30 3.97
C GLY A 21 9.31 4.23 4.94
N HIS A 22 8.06 4.32 5.38
CA HIS A 22 7.49 3.36 6.31
C HIS A 22 5.97 3.34 6.21
N ILE A 23 5.41 2.14 6.20
CA ILE A 23 3.95 1.98 6.11
C ILE A 23 3.26 2.68 7.28
N SER A 24 4.03 3.03 8.30
CA SER A 24 3.49 3.70 9.47
C SER A 24 3.51 5.21 9.28
N GLY A 25 4.59 5.72 8.69
CA GLY A 25 4.72 7.15 8.47
C GLY A 25 5.77 7.78 9.34
N LYS A 26 5.81 7.39 10.61
CA LYS A 26 6.79 7.93 11.55
C LYS A 26 8.22 7.72 11.04
N TYR A 27 8.51 6.49 10.63
CA TYR A 27 9.84 6.16 10.12
C TYR A 27 9.95 6.49 8.64
N THR A 28 11.11 7.00 8.23
CA THR A 28 11.35 7.36 6.84
C THR A 28 12.25 6.33 6.15
N SER A 29 12.13 5.07 6.57
CA SER A 29 12.93 3.99 5.99
C SER A 29 12.45 2.64 6.48
N HIS A 30 12.82 1.59 5.76
CA HIS A 30 12.43 0.23 6.12
C HIS A 30 13.34 -0.79 5.45
N ARG A 31 13.46 -1.96 6.07
CA ARG A 31 14.30 -3.03 5.53
C ARG A 31 13.56 -4.37 5.54
N THR A 32 12.24 -4.30 5.70
CA THR A 32 11.42 -5.50 5.73
C THR A 32 10.08 -5.28 5.03
N ALA A 33 9.42 -6.37 4.67
CA ALA A 33 8.12 -6.29 3.99
C ALA A 33 7.04 -5.78 4.94
N SER A 34 7.05 -6.28 6.17
CA SER A 34 6.07 -5.88 7.17
C SER A 34 6.01 -4.37 7.29
N GLY A 35 7.17 -3.72 7.17
CA GLY A 35 7.23 -2.28 7.28
C GLY A 35 7.30 -1.60 5.93
N CYS A 36 7.21 -2.39 4.87
CA CYS A 36 7.26 -1.87 3.51
C CYS A 36 5.95 -1.19 3.13
N PRO A 37 6.00 0.15 2.97
CA PRO A 37 4.81 0.94 2.61
C PRO A 37 4.35 0.67 1.18
N LEU A 38 5.30 0.36 0.31
CA LEU A 38 4.99 0.07 -1.09
C LEU A 38 4.18 -1.20 -1.23
N ALA A 39 4.57 -2.23 -0.48
CA ALA A 39 3.88 -3.51 -0.50
C ALA A 39 2.43 -3.36 -0.05
N ALA A 40 2.16 -2.32 0.74
CA ALA A 40 0.82 -2.07 1.25
C ALA A 40 0.03 -1.18 0.28
N LYS A 41 0.71 -0.24 -0.35
CA LYS A 41 0.07 0.67 -1.30
C LYS A 41 -0.57 -0.11 -2.45
N ARG A 42 0.04 -1.24 -2.80
CA ARG A 42 -0.48 -2.08 -3.88
C ARG A 42 -1.74 -2.81 -3.44
N GLN A 43 -1.62 -3.65 -2.43
CA GLN A 43 -2.75 -4.40 -1.92
C GLN A 43 -3.95 -3.49 -1.67
N LYS A 44 -3.68 -2.26 -1.24
CA LYS A 44 -4.74 -1.29 -0.97
C LYS A 44 -4.87 -0.31 -2.13
N GLU A 45 -5.95 0.47 -2.12
CA GLU A 45 -6.21 1.45 -3.17
C GLU A 45 -6.56 2.80 -2.56
N ASN A 46 -5.54 3.60 -2.26
CA ASN A 46 -5.76 4.91 -1.67
C ASN A 46 -5.05 5.99 -2.50
N PRO A 47 -5.70 6.42 -3.59
CA PRO A 47 -5.15 7.44 -4.48
C PRO A 47 -5.13 8.83 -3.84
N LEU A 48 -5.63 8.90 -2.60
CA LEU A 48 -5.67 10.16 -1.88
C LEU A 48 -4.46 11.02 -2.20
N ASN A 49 -3.27 10.53 -1.86
CA ASN A 49 -2.03 11.25 -2.12
C ASN A 49 -1.54 10.99 -3.54
N GLY A 50 -0.86 11.97 -4.12
CA GLY A 50 -0.34 11.83 -5.46
C GLY A 50 -0.03 13.17 -6.11
N ALA A 51 1.25 13.38 -6.44
CA ALA A 51 1.68 14.62 -7.06
C ALA A 51 2.19 14.37 -8.48
N SER A 52 1.64 15.10 -9.44
CA SER A 52 2.05 14.95 -10.84
C SER A 52 2.22 16.31 -11.49
N LEU A 53 3.26 16.44 -12.31
CA LEU A 53 3.54 17.69 -13.01
C LEU A 53 2.45 17.99 -14.05
N SER A 54 1.37 18.61 -13.58
CA SER A 54 0.26 18.95 -14.47
C SER A 54 0.21 20.45 -14.72
N TRP A 55 0.91 20.90 -15.74
CA TRP A 55 0.95 22.32 -16.08
C TRP A 55 1.71 22.56 -17.39
N LYS A 56 1.05 23.19 -18.35
CA LYS A 56 1.67 23.48 -19.64
C LYS A 56 2.13 22.18 -20.32
N LEU A 57 1.31 21.15 -20.21
CA LEU A 57 1.63 19.86 -20.82
C LEU A 57 0.74 19.58 -22.02
N ASN A 58 1.29 19.80 -23.22
CA ASN A 58 0.53 19.58 -24.45
C ASN A 58 0.28 18.08 -24.66
N LYS A 59 1.35 17.30 -24.64
CA LYS A 59 1.23 15.85 -24.83
C LYS A 59 1.19 15.12 -23.49
N GLN A 60 -0.02 14.93 -22.97
CA GLN A 60 -0.19 14.25 -21.69
C GLN A 60 -1.22 13.13 -21.82
N GLU A 61 -0.75 11.93 -22.17
CA GLU A 61 -1.63 10.78 -22.32
C GLU A 61 -0.83 9.52 -22.62
N LEU A 62 -1.44 8.37 -22.36
CA LEU A 62 -0.78 7.09 -22.60
C LEU A 62 -1.22 6.48 -23.93
N PRO A 63 -0.33 5.69 -24.55
CA PRO A 63 -0.60 5.03 -25.83
C PRO A 63 -1.65 3.93 -25.70
N HIS A 64 -2.04 3.36 -26.84
CA HIS A 64 -3.04 2.30 -26.87
C HIS A 64 -2.52 1.09 -27.64
N CYS A 65 -1.57 0.37 -27.04
CA CYS A 65 -1.00 -0.81 -27.67
C CYS A 65 -1.42 -2.08 -26.95
N PRO A 66 -1.77 -3.11 -27.73
CA PRO A 66 -2.21 -4.41 -27.18
C PRO A 66 -1.07 -5.16 -26.51
N LEU A 67 0.10 -5.15 -27.16
CA LEU A 67 1.27 -5.84 -26.63
C LEU A 67 1.56 -5.40 -25.20
N PRO A 68 1.78 -6.38 -24.31
CA PRO A 68 2.07 -6.12 -22.90
C PRO A 68 3.45 -5.49 -22.70
N GLY A 69 4.47 -6.12 -23.29
CA GLY A 69 5.82 -5.61 -23.17
C GLY A 69 6.00 -4.27 -23.85
N CYS A 70 5.33 -4.09 -24.98
CA CYS A 70 5.42 -2.84 -25.73
C CYS A 70 4.84 -1.68 -24.93
N ASN A 71 5.57 -0.57 -24.90
CA ASN A 71 5.12 0.61 -24.17
C ASN A 71 4.40 1.59 -25.10
N GLY A 72 3.80 1.05 -26.16
CA GLY A 72 3.08 1.88 -27.11
C GLY A 72 3.94 2.98 -27.69
N LEU A 73 5.26 2.80 -27.61
CA LEU A 73 6.21 3.79 -28.12
C LEU A 73 6.91 3.26 -29.36
N GLY A 74 6.86 4.05 -30.44
CA GLY A 74 7.51 3.64 -31.68
C GLY A 74 6.55 3.64 -32.86
N HIS A 75 7.04 3.22 -34.01
CA HIS A 75 6.21 3.17 -35.22
C HIS A 75 6.89 2.33 -36.30
N VAL A 76 6.10 1.52 -37.00
CA VAL A 76 6.61 0.67 -38.06
C VAL A 76 7.25 1.50 -39.16
N ASN A 77 6.60 2.60 -39.52
CA ASN A 77 7.11 3.48 -40.57
C ASN A 77 8.47 4.06 -40.18
N ASN A 78 8.88 3.82 -38.94
CA ASN A 78 10.15 4.33 -38.45
C ASN A 78 10.27 5.83 -38.67
N VAL A 79 9.25 6.57 -38.22
CA VAL A 79 9.24 8.01 -38.38
C VAL A 79 8.84 8.70 -37.07
N PHE A 80 7.78 8.19 -36.45
CA PHE A 80 7.29 8.75 -35.20
C PHE A 80 7.80 7.95 -34.01
N VAL A 81 7.37 8.34 -32.81
CA VAL A 81 7.79 7.67 -31.59
C VAL A 81 6.58 7.20 -30.78
N THR A 82 5.40 7.28 -31.39
CA THR A 82 4.17 6.86 -30.72
C THR A 82 3.30 6.01 -31.64
N HIS A 83 2.40 5.24 -31.05
CA HIS A 83 1.50 4.38 -31.81
C HIS A 83 0.43 3.79 -30.93
N ARG A 84 -0.83 4.02 -31.29
CA ARG A 84 -1.97 3.52 -30.53
C ARG A 84 -2.72 2.45 -31.32
N SER A 85 -1.98 1.51 -31.90
CA SER A 85 -2.58 0.44 -32.69
C SER A 85 -1.52 -0.56 -33.14
N LEU A 86 -1.97 -1.71 -33.64
CA LEU A 86 -1.06 -2.74 -34.10
C LEU A 86 -0.34 -2.31 -35.37
N SER A 87 -1.12 -2.01 -36.42
CA SER A 87 -0.55 -1.59 -37.69
C SER A 87 0.63 -0.64 -37.47
N GLY A 88 0.55 0.17 -36.42
CA GLY A 88 1.61 1.10 -36.12
C GLY A 88 2.68 0.50 -35.24
N CYS A 89 2.30 -0.47 -34.41
CA CYS A 89 3.23 -1.13 -33.52
C CYS A 89 4.40 -1.73 -34.29
N PRO A 90 5.60 -1.17 -34.09
CA PRO A 90 6.81 -1.62 -34.76
C PRO A 90 7.27 -3.00 -34.25
N LEU A 91 6.96 -3.29 -33.00
CA LEU A 91 7.34 -4.56 -32.39
C LEU A 91 6.37 -5.66 -32.80
N ASN A 92 5.19 -5.26 -33.29
CA ASN A 92 4.17 -6.21 -33.71
C ASN A 92 4.36 -6.60 -35.18
N ALA A 93 4.88 -5.66 -35.97
CA ALA A 93 5.12 -5.90 -37.38
C ALA A 93 6.23 -6.93 -37.59
N GLN A 94 7.40 -6.65 -37.03
CA GLN A 94 8.54 -7.56 -37.15
C GLN A 94 8.16 -8.98 -36.74
N VAL A 95 7.38 -9.09 -35.67
CA VAL A 95 6.95 -10.39 -35.18
C VAL A 95 6.22 -11.17 -36.26
N ILE A 96 5.37 -10.47 -37.01
CA ILE A 96 4.60 -11.10 -38.08
C ILE A 96 5.46 -12.09 -38.86
N LYS A 97 4.96 -13.31 -39.02
CA LYS A 97 5.68 -14.35 -39.75
C LYS A 97 4.83 -15.59 -39.91
N LYS A 98 4.61 -16.00 -41.15
CA LYS A 98 3.80 -17.18 -41.44
C LYS A 98 4.70 -18.38 -41.77
N GLY A 99 4.77 -19.32 -40.84
CA GLY A 99 5.60 -20.51 -41.05
C GLY A 99 6.73 -20.60 -40.05
N LYS A 100 6.43 -20.28 -38.79
CA LYS A 100 7.44 -20.34 -37.73
C LYS A 100 7.73 -21.78 -37.35
N VAL A 101 8.62 -22.42 -38.11
CA VAL A 101 8.99 -23.80 -37.85
C VAL A 101 9.03 -24.09 -36.35
N SER A 102 9.87 -23.34 -35.64
CA SER A 102 10.01 -23.51 -34.20
C SER A 102 8.73 -23.13 -33.48
N SER A 103 8.16 -24.08 -32.75
CA SER A 103 6.93 -23.85 -32.01
C SER A 103 6.98 -24.50 -30.63
N GLY A 104 6.96 -23.67 -29.59
CA GLY A 104 7.01 -24.18 -28.23
C GLY A 104 5.69 -24.02 -27.50
N PRO A 105 4.86 -25.08 -27.53
CA PRO A 105 3.55 -25.07 -26.87
C PRO A 105 3.67 -25.08 -25.35
N SER A 106 4.65 -25.80 -24.83
CA SER A 106 4.86 -25.90 -23.39
C SER A 106 4.81 -24.52 -22.75
N SER A 107 4.04 -24.40 -21.67
CA SER A 107 3.89 -23.13 -20.97
C SER A 107 4.41 -23.24 -19.54
N GLY A 108 5.54 -23.91 -19.38
CA GLY A 108 6.13 -24.07 -18.05
C GLY A 108 5.35 -25.06 -17.21
N GLY A 1 42.70 -13.84 -3.16
CA GLY A 1 43.86 -13.72 -2.29
C GLY A 1 43.49 -13.74 -0.82
N SER A 2 44.24 -12.99 -0.02
CA SER A 2 43.98 -12.93 1.42
C SER A 2 42.75 -12.09 1.72
N SER A 3 42.71 -10.89 1.14
CA SER A 3 41.58 -9.98 1.34
C SER A 3 40.42 -10.35 0.45
N GLY A 4 39.24 -9.78 0.74
CA GLY A 4 38.07 -10.07 -0.06
C GLY A 4 36.92 -9.10 0.23
N SER A 5 35.79 -9.31 -0.43
CA SER A 5 34.63 -8.45 -0.23
C SER A 5 33.50 -9.22 0.45
N SER A 6 32.85 -8.57 1.41
CA SER A 6 31.76 -9.18 2.16
C SER A 6 31.00 -8.14 2.96
N GLY A 7 29.76 -8.48 3.34
CA GLY A 7 28.95 -7.56 4.10
C GLY A 7 27.49 -7.99 4.17
N PRO A 8 27.17 -8.86 5.14
CA PRO A 8 25.81 -9.37 5.33
C PRO A 8 24.85 -8.30 5.83
N GLU A 9 23.74 -8.12 5.12
CA GLU A 9 22.74 -7.12 5.51
C GLU A 9 21.44 -7.34 4.75
N LEU A 10 20.32 -7.17 5.44
CA LEU A 10 19.01 -7.35 4.84
C LEU A 10 18.40 -6.01 4.45
N LYS A 11 17.38 -6.04 3.60
CA LYS A 11 16.71 -4.83 3.16
C LYS A 11 15.40 -5.16 2.45
N CYS A 12 14.52 -4.17 2.33
CA CYS A 12 13.23 -4.35 1.68
C CYS A 12 13.34 -5.34 0.52
N PRO A 13 12.92 -6.59 0.77
CA PRO A 13 12.97 -7.64 -0.25
C PRO A 13 11.96 -7.42 -1.36
N VAL A 14 11.07 -6.45 -1.17
CA VAL A 14 10.06 -6.13 -2.17
C VAL A 14 10.68 -5.49 -3.40
N ILE A 15 10.52 -6.15 -4.54
CA ILE A 15 11.07 -5.65 -5.80
C ILE A 15 10.46 -4.30 -6.16
N GLY A 16 11.21 -3.50 -6.91
CA GLY A 16 10.72 -2.19 -7.32
C GLY A 16 10.91 -1.15 -6.23
N CYS A 17 10.73 -1.55 -4.98
CA CYS A 17 10.88 -0.64 -3.86
C CYS A 17 12.35 -0.32 -3.61
N ASP A 18 12.60 0.82 -2.97
CA ASP A 18 13.96 1.24 -2.67
C ASP A 18 14.20 1.29 -1.16
N GLY A 19 13.35 0.59 -0.41
CA GLY A 19 13.48 0.56 1.03
C GLY A 19 13.44 1.95 1.64
N GLN A 20 12.53 2.78 1.15
CA GLN A 20 12.38 4.14 1.65
C GLN A 20 10.98 4.38 2.22
N GLY A 21 10.91 5.04 3.36
CA GLY A 21 9.63 5.32 3.98
C GLY A 21 9.25 4.28 5.01
N HIS A 22 7.99 4.32 5.45
CA HIS A 22 7.50 3.37 6.45
C HIS A 22 5.98 3.29 6.42
N ILE A 23 5.46 2.08 6.27
CA ILE A 23 4.02 1.88 6.23
C ILE A 23 3.31 2.71 7.29
N SER A 24 4.00 2.95 8.40
CA SER A 24 3.43 3.74 9.50
C SER A 24 3.50 5.23 9.18
N GLY A 25 4.61 5.66 8.60
CA GLY A 25 4.79 7.06 8.26
C GLY A 25 5.78 7.76 9.16
N LYS A 26 5.76 7.41 10.44
CA LYS A 26 6.67 8.01 11.41
C LYS A 26 8.12 7.84 10.98
N TYR A 27 8.46 6.63 10.55
CA TYR A 27 9.82 6.33 10.11
C TYR A 27 9.99 6.64 8.63
N THR A 28 11.18 7.09 8.26
CA THR A 28 11.48 7.43 6.87
C THR A 28 12.39 6.38 6.23
N SER A 29 12.19 5.12 6.62
CA SER A 29 12.99 4.02 6.10
C SER A 29 12.45 2.68 6.57
N HIS A 30 12.79 1.62 5.84
CA HIS A 30 12.35 0.27 6.19
C HIS A 30 13.24 -0.78 5.54
N ARG A 31 13.39 -1.91 6.22
CA ARG A 31 14.22 -3.00 5.72
C ARG A 31 13.49 -4.34 5.83
N THR A 32 12.16 -4.28 5.88
CA THR A 32 11.36 -5.49 5.99
C THR A 32 10.00 -5.31 5.31
N ALA A 33 9.55 -6.35 4.62
CA ALA A 33 8.27 -6.30 3.92
C ALA A 33 7.15 -5.84 4.85
N SER A 34 7.20 -6.30 6.10
CA SER A 34 6.19 -5.94 7.09
C SER A 34 6.09 -4.43 7.24
N GLY A 35 7.24 -3.75 7.21
CA GLY A 35 7.26 -2.31 7.33
C GLY A 35 7.35 -1.61 5.99
N CYS A 36 7.22 -2.38 4.91
CA CYS A 36 7.30 -1.83 3.57
C CYS A 36 5.98 -1.16 3.17
N PRO A 37 6.00 0.17 3.04
CA PRO A 37 4.81 0.95 2.67
C PRO A 37 4.40 0.71 1.22
N LEU A 38 5.37 0.46 0.36
CA LEU A 38 5.11 0.21 -1.05
C LEU A 38 4.33 -1.09 -1.24
N ALA A 39 4.62 -2.08 -0.40
CA ALA A 39 3.94 -3.37 -0.46
C ALA A 39 2.46 -3.22 -0.14
N ALA A 40 2.14 -2.36 0.82
CA ALA A 40 0.77 -2.13 1.23
C ALA A 40 -0.08 -1.63 0.06
N LYS A 41 0.48 -0.70 -0.71
CA LYS A 41 -0.22 -0.13 -1.86
C LYS A 41 -0.68 -1.24 -2.81
N ARG A 42 0.27 -1.98 -3.36
CA ARG A 42 -0.05 -3.05 -4.28
C ARG A 42 -1.08 -4.00 -3.67
N GLN A 43 -0.76 -4.54 -2.50
CA GLN A 43 -1.66 -5.47 -1.81
C GLN A 43 -3.10 -4.97 -1.88
N LYS A 44 -3.30 -3.70 -1.55
CA LYS A 44 -4.63 -3.10 -1.56
C LYS A 44 -5.68 -4.11 -1.12
N GLU A 45 -5.46 -4.72 0.03
CA GLU A 45 -6.39 -5.71 0.56
C GLU A 45 -7.05 -5.21 1.85
N ASN A 46 -8.34 -4.93 1.78
CA ASN A 46 -9.09 -4.44 2.92
C ASN A 46 -8.50 -3.13 3.44
N PRO A 47 -8.25 -2.19 2.53
CA PRO A 47 -7.67 -0.88 2.87
C PRO A 47 -8.65 -0.01 3.65
N LEU A 48 -9.82 -0.56 3.96
CA LEU A 48 -10.84 0.16 4.71
C LEU A 48 -10.19 1.10 5.72
N ASN A 49 -10.48 2.40 5.59
CA ASN A 49 -9.93 3.40 6.50
C ASN A 49 -10.66 4.73 6.35
N GLY A 50 -10.90 5.40 7.47
CA GLY A 50 -11.59 6.68 7.44
C GLY A 50 -10.72 7.82 7.94
N ALA A 51 -9.59 8.03 7.26
CA ALA A 51 -8.67 9.10 7.65
C ALA A 51 -8.62 10.19 6.58
N SER A 52 -8.13 11.37 6.96
CA SER A 52 -8.04 12.49 6.04
C SER A 52 -7.27 13.64 6.67
N LEU A 53 -6.56 14.40 5.84
CA LEU A 53 -5.78 15.54 6.32
C LEU A 53 -6.27 16.83 5.68
N SER A 54 -7.30 17.44 6.29
CA SER A 54 -7.86 18.68 5.79
C SER A 54 -8.16 19.64 6.94
N TRP A 55 -7.40 20.72 7.01
CA TRP A 55 -7.59 21.72 8.07
C TRP A 55 -8.21 22.99 7.51
N LYS A 56 -9.53 23.10 7.61
CA LYS A 56 -10.24 24.27 7.12
C LYS A 56 -11.71 24.22 7.52
N LEU A 57 -12.30 25.39 7.73
CA LEU A 57 -13.71 25.47 8.12
C LEU A 57 -14.54 26.08 7.00
N ASN A 58 -15.17 25.22 6.20
CA ASN A 58 -16.01 25.67 5.09
C ASN A 58 -17.46 25.28 5.31
N LYS A 59 -17.92 25.39 6.56
CA LYS A 59 -19.29 25.05 6.90
C LYS A 59 -20.28 25.93 6.15
N GLN A 60 -20.09 27.25 6.25
CA GLN A 60 -20.96 28.20 5.58
C GLN A 60 -20.22 28.92 4.46
N GLU A 61 -19.13 29.59 4.81
CA GLU A 61 -18.33 30.32 3.82
C GLU A 61 -17.35 29.39 3.13
N LEU A 62 -17.37 29.40 1.80
CA LEU A 62 -16.47 28.55 1.02
C LEU A 62 -16.12 29.21 -0.31
N PRO A 63 -14.82 29.17 -0.67
CA PRO A 63 -14.33 29.76 -1.91
C PRO A 63 -14.80 29.00 -3.15
N HIS A 64 -15.00 29.72 -4.24
CA HIS A 64 -15.44 29.10 -5.49
C HIS A 64 -14.39 29.26 -6.58
N CYS A 65 -14.42 28.38 -7.57
CA CYS A 65 -13.47 28.42 -8.68
C CYS A 65 -13.14 29.86 -9.05
N PRO A 66 -11.84 30.13 -9.23
CA PRO A 66 -11.36 31.47 -9.60
C PRO A 66 -11.74 31.86 -11.02
N LEU A 67 -11.71 30.87 -11.93
CA LEU A 67 -12.05 31.11 -13.32
C LEU A 67 -13.33 31.93 -13.44
N PRO A 68 -13.29 32.97 -14.29
CA PRO A 68 -14.45 33.85 -14.51
C PRO A 68 -15.57 33.15 -15.26
N GLY A 69 -15.22 32.53 -16.39
CA GLY A 69 -16.22 31.84 -17.18
C GLY A 69 -16.74 30.58 -16.50
N CYS A 70 -15.88 29.95 -15.70
CA CYS A 70 -16.26 28.74 -14.99
C CYS A 70 -17.26 29.04 -13.88
N ASN A 71 -18.15 28.10 -13.61
CA ASN A 71 -19.15 28.26 -12.58
C ASN A 71 -18.74 27.56 -11.29
N GLY A 72 -18.28 26.32 -11.41
CA GLY A 72 -17.86 25.57 -10.24
C GLY A 72 -18.54 24.21 -10.14
N LEU A 73 -18.87 23.63 -11.29
CA LEU A 73 -19.53 22.34 -11.33
C LEU A 73 -18.78 21.37 -12.25
N GLY A 74 -18.32 20.26 -11.69
CA GLY A 74 -17.60 19.28 -12.47
C GLY A 74 -16.22 18.99 -11.92
N HIS A 75 -15.58 17.95 -12.43
CA HIS A 75 -14.25 17.56 -11.98
C HIS A 75 -13.40 17.06 -13.14
N VAL A 76 -12.09 17.34 -13.08
CA VAL A 76 -11.18 16.92 -14.14
C VAL A 76 -11.07 15.39 -14.18
N ASN A 77 -11.19 14.75 -13.02
CA ASN A 77 -11.10 13.30 -12.93
C ASN A 77 -12.36 12.65 -13.51
N ASN A 78 -13.41 13.44 -13.67
CA ASN A 78 -14.67 12.93 -14.21
C ASN A 78 -15.33 11.98 -13.23
N VAL A 79 -15.41 12.37 -11.97
CA VAL A 79 -16.03 11.55 -10.93
C VAL A 79 -16.98 12.38 -10.08
N PHE A 80 -16.57 13.58 -9.74
CA PHE A 80 -17.38 14.47 -8.91
C PHE A 80 -18.10 15.51 -9.77
N VAL A 81 -19.11 16.16 -9.19
CA VAL A 81 -19.88 17.17 -9.91
C VAL A 81 -19.60 18.56 -9.34
N THR A 82 -18.72 18.62 -8.35
CA THR A 82 -18.36 19.90 -7.73
C THR A 82 -16.85 20.08 -7.67
N HIS A 83 -16.41 21.32 -7.54
CA HIS A 83 -14.99 21.64 -7.47
C HIS A 83 -14.77 23.10 -7.13
N ARG A 84 -13.99 23.36 -6.08
CA ARG A 84 -13.71 24.72 -5.65
C ARG A 84 -12.21 25.02 -5.73
N SER A 85 -11.58 24.54 -6.79
CA SER A 85 -10.14 24.74 -6.98
C SER A 85 -9.71 24.27 -8.36
N LEU A 86 -8.67 24.92 -8.89
CA LEU A 86 -8.14 24.56 -10.20
C LEU A 86 -7.70 23.11 -10.26
N SER A 87 -7.18 22.61 -9.14
CA SER A 87 -6.72 21.24 -9.05
C SER A 87 -7.84 20.26 -9.44
N GLY A 88 -9.07 20.76 -9.43
CA GLY A 88 -10.21 19.93 -9.78
C GLY A 88 -11.13 20.59 -10.78
N CYS A 89 -10.61 21.59 -11.48
CA CYS A 89 -11.39 22.31 -12.47
C CYS A 89 -11.21 21.69 -13.86
N PRO A 90 -12.29 21.10 -14.39
CA PRO A 90 -12.27 20.46 -15.70
C PRO A 90 -12.17 21.48 -16.84
N LEU A 91 -12.36 22.75 -16.51
CA LEU A 91 -12.29 23.82 -17.50
C LEU A 91 -10.89 24.43 -17.54
N ASN A 92 -10.13 24.23 -16.45
CA ASN A 92 -8.78 24.77 -16.37
C ASN A 92 -7.76 23.73 -16.83
N ALA A 93 -8.19 22.47 -16.92
CA ALA A 93 -7.32 21.39 -17.36
C ALA A 93 -7.43 21.18 -18.87
N GLN A 94 -8.63 21.39 -19.40
CA GLN A 94 -8.86 21.22 -20.83
C GLN A 94 -8.21 22.33 -21.64
N VAL A 95 -8.30 23.55 -21.13
CA VAL A 95 -7.72 24.71 -21.79
C VAL A 95 -6.21 24.53 -21.98
N ILE A 96 -5.58 23.89 -21.01
CA ILE A 96 -4.14 23.65 -21.06
C ILE A 96 -3.69 23.30 -22.47
N LYS A 97 -4.47 22.45 -23.13
CA LYS A 97 -4.16 22.04 -24.50
C LYS A 97 -3.54 23.19 -25.29
N LYS A 98 -2.23 23.12 -25.50
CA LYS A 98 -1.52 24.16 -26.24
C LYS A 98 -0.83 23.57 -27.47
N GLY A 99 -0.23 24.43 -28.28
CA GLY A 99 0.45 23.98 -29.48
C GLY A 99 -0.37 24.20 -30.73
N LYS A 100 -0.23 23.29 -31.70
CA LYS A 100 -0.96 23.39 -32.96
C LYS A 100 -1.61 22.05 -33.32
N VAL A 101 -2.91 21.96 -33.10
CA VAL A 101 -3.65 20.74 -33.40
C VAL A 101 -3.80 20.55 -34.90
N SER A 102 -3.80 21.65 -35.65
CA SER A 102 -3.93 21.61 -37.09
C SER A 102 -5.18 20.82 -37.49
N SER A 103 -6.28 21.06 -36.80
CA SER A 103 -7.53 20.38 -37.07
C SER A 103 -8.69 21.05 -36.33
N GLY A 104 -9.91 20.74 -36.76
CA GLY A 104 -11.08 21.31 -36.13
C GLY A 104 -11.71 20.37 -35.12
N PRO A 105 -11.54 20.67 -33.83
CA PRO A 105 -12.09 19.86 -32.74
C PRO A 105 -13.61 19.95 -32.65
N SER A 106 -14.28 18.80 -32.74
CA SER A 106 -15.73 18.77 -32.67
C SER A 106 -16.21 18.89 -31.23
N SER A 107 -16.20 20.12 -30.71
CA SER A 107 -16.63 20.38 -29.34
C SER A 107 -17.93 19.65 -29.04
N GLY A 108 -18.94 19.86 -29.89
CA GLY A 108 -20.22 19.21 -29.69
C GLY A 108 -20.68 19.25 -28.25
N GLY A 1 11.84 -0.01 35.28
CA GLY A 1 12.70 0.50 34.24
C GLY A 1 13.45 -0.60 33.51
N SER A 2 13.81 -0.35 32.26
CA SER A 2 14.52 -1.32 31.46
C SER A 2 14.98 -0.72 30.12
N SER A 3 15.78 -1.47 29.39
CA SER A 3 16.29 -0.99 28.10
C SER A 3 17.08 -2.10 27.39
N GLY A 4 17.50 -1.82 26.16
CA GLY A 4 18.26 -2.80 25.40
C GLY A 4 17.65 -3.08 24.04
N SER A 5 18.47 -3.05 23.01
CA SER A 5 18.01 -3.31 21.65
C SER A 5 19.18 -3.44 20.68
N SER A 6 18.89 -3.91 19.47
CA SER A 6 19.93 -4.08 18.45
C SER A 6 19.35 -3.91 17.06
N GLY A 7 20.21 -3.55 16.11
CA GLY A 7 19.76 -3.35 14.74
C GLY A 7 20.54 -4.21 13.75
N PRO A 8 20.00 -5.38 13.42
CA PRO A 8 20.63 -6.32 12.48
C PRO A 8 20.60 -5.80 11.06
N GLU A 9 21.10 -6.61 10.13
CA GLU A 9 21.13 -6.23 8.72
C GLU A 9 19.87 -6.70 8.00
N LEU A 10 19.20 -5.77 7.32
CA LEU A 10 17.97 -6.08 6.60
C LEU A 10 17.77 -5.12 5.43
N LYS A 11 16.91 -5.50 4.49
CA LYS A 11 16.62 -4.67 3.33
C LYS A 11 15.28 -5.05 2.72
N CYS A 12 14.51 -4.04 2.32
CA CYS A 12 13.20 -4.26 1.72
C CYS A 12 13.26 -5.39 0.68
N PRO A 13 12.73 -6.56 1.05
CA PRO A 13 12.72 -7.73 0.16
C PRO A 13 11.77 -7.56 -1.01
N VAL A 14 10.99 -6.48 -0.99
CA VAL A 14 10.04 -6.20 -2.06
C VAL A 14 10.74 -5.55 -3.25
N ILE A 15 10.95 -6.33 -4.30
CA ILE A 15 11.60 -5.84 -5.51
C ILE A 15 10.91 -4.59 -6.04
N GLY A 16 11.65 -3.76 -6.77
CA GLY A 16 11.08 -2.54 -7.32
C GLY A 16 11.06 -1.40 -6.32
N CYS A 17 10.79 -1.74 -5.06
CA CYS A 17 10.73 -0.74 -4.00
C CYS A 17 12.10 -0.07 -3.81
N ASP A 18 12.09 1.08 -3.16
CA ASP A 18 13.33 1.82 -2.90
C ASP A 18 13.86 1.52 -1.50
N GLY A 19 13.00 1.01 -0.64
CA GLY A 19 13.40 0.69 0.71
C GLY A 19 13.15 1.82 1.68
N GLN A 20 13.11 3.04 1.17
CA GLN A 20 12.86 4.21 1.99
C GLN A 20 11.39 4.34 2.35
N GLY A 21 11.10 5.06 3.43
CA GLY A 21 9.72 5.23 3.86
C GLY A 21 9.27 4.16 4.83
N HIS A 22 8.06 4.31 5.35
CA HIS A 22 7.51 3.34 6.29
C HIS A 22 5.99 3.35 6.25
N ILE A 23 5.40 2.16 6.10
CA ILE A 23 3.94 2.03 6.05
C ILE A 23 3.29 2.71 7.23
N SER A 24 4.07 2.95 8.28
CA SER A 24 3.55 3.59 9.50
C SER A 24 3.65 5.11 9.38
N GLY A 25 4.72 5.58 8.74
CA GLY A 25 4.90 7.01 8.57
C GLY A 25 5.88 7.58 9.58
N LYS A 26 5.81 7.10 10.81
CA LYS A 26 6.70 7.57 11.88
C LYS A 26 8.16 7.53 11.42
N TYR A 27 8.51 6.51 10.65
CA TYR A 27 9.88 6.36 10.15
C TYR A 27 9.96 6.75 8.68
N THR A 28 11.17 7.04 8.22
CA THR A 28 11.40 7.43 6.83
C THR A 28 12.25 6.40 6.10
N SER A 29 12.18 5.16 6.57
CA SER A 29 12.95 4.07 5.96
C SER A 29 12.48 2.71 6.47
N HIS A 30 12.70 1.68 5.67
CA HIS A 30 12.29 0.32 6.03
C HIS A 30 13.22 -0.71 5.41
N ARG A 31 13.34 -1.86 6.06
CA ARG A 31 14.19 -2.93 5.56
C ARG A 31 13.47 -4.28 5.63
N THR A 32 12.14 -4.23 5.71
CA THR A 32 11.34 -5.45 5.78
C THR A 32 10.01 -5.26 5.06
N ALA A 33 9.38 -6.37 4.69
CA ALA A 33 8.10 -6.34 4.00
C ALA A 33 7.00 -5.81 4.91
N SER A 34 7.06 -6.18 6.18
CA SER A 34 6.06 -5.74 7.15
C SER A 34 6.02 -4.22 7.24
N GLY A 35 7.18 -3.59 7.13
CA GLY A 35 7.25 -2.14 7.20
C GLY A 35 7.35 -1.50 5.82
N CYS A 36 7.17 -2.30 4.78
CA CYS A 36 7.24 -1.82 3.42
C CYS A 36 5.90 -1.21 2.99
N PRO A 37 5.89 0.12 2.81
CA PRO A 37 4.69 0.85 2.40
C PRO A 37 4.29 0.56 0.96
N LEU A 38 5.27 0.19 0.15
CA LEU A 38 5.03 -0.12 -1.26
C LEU A 38 4.27 -1.43 -1.40
N ALA A 39 4.57 -2.39 -0.53
CA ALA A 39 3.91 -3.68 -0.55
C ALA A 39 2.43 -3.56 -0.16
N ALA A 40 2.17 -2.79 0.89
CA ALA A 40 0.80 -2.59 1.36
C ALA A 40 -0.07 -1.97 0.28
N LYS A 41 0.45 -0.92 -0.35
CA LYS A 41 -0.28 -0.22 -1.41
C LYS A 41 -0.50 -1.14 -2.60
N ARG A 42 0.59 -1.57 -3.24
CA ARG A 42 0.51 -2.46 -4.39
C ARG A 42 -0.44 -3.62 -4.11
N GLN A 43 -0.49 -4.06 -2.87
CA GLN A 43 -1.36 -5.17 -2.48
C GLN A 43 -2.81 -4.73 -2.43
N LYS A 44 -3.08 -3.68 -1.64
CA LYS A 44 -4.44 -3.16 -1.51
C LYS A 44 -4.76 -2.18 -2.63
N GLU A 45 -4.46 -2.59 -3.87
CA GLU A 45 -4.71 -1.76 -5.04
C GLU A 45 -5.73 -2.41 -5.96
N ASN A 46 -5.59 -3.72 -6.14
CA ASN A 46 -6.49 -4.48 -7.01
C ASN A 46 -7.07 -5.68 -6.27
N PRO A 47 -7.94 -5.42 -5.29
CA PRO A 47 -8.58 -6.46 -4.48
C PRO A 47 -9.60 -7.26 -5.29
N LEU A 48 -10.50 -6.56 -5.97
CA LEU A 48 -11.52 -7.20 -6.78
C LEU A 48 -11.64 -6.53 -8.15
N ASN A 49 -10.55 -5.91 -8.59
CA ASN A 49 -10.53 -5.23 -9.88
C ASN A 49 -11.65 -4.22 -9.98
N GLY A 50 -11.92 -3.53 -8.88
CA GLY A 50 -12.97 -2.52 -8.86
C GLY A 50 -12.50 -1.20 -8.31
N ALA A 51 -11.40 -0.68 -8.86
CA ALA A 51 -10.84 0.59 -8.41
C ALA A 51 -11.18 1.70 -9.40
N SER A 52 -11.02 1.42 -10.68
CA SER A 52 -11.31 2.40 -11.72
C SER A 52 -12.79 2.40 -12.08
N LEU A 53 -13.37 3.59 -12.19
CA LEU A 53 -14.79 3.73 -12.52
C LEU A 53 -14.96 4.43 -13.87
N SER A 54 -14.26 5.55 -14.03
CA SER A 54 -14.34 6.32 -15.28
C SER A 54 -14.33 5.39 -16.49
N TRP A 55 -15.43 5.39 -17.22
CA TRP A 55 -15.54 4.54 -18.41
C TRP A 55 -15.49 5.39 -19.68
N LYS A 56 -16.45 6.28 -19.83
CA LYS A 56 -16.51 7.15 -21.00
C LYS A 56 -15.36 8.15 -21.00
N LEU A 57 -14.84 8.45 -22.18
CA LEU A 57 -13.73 9.39 -22.32
C LEU A 57 -13.99 10.65 -21.50
N ASN A 58 -15.19 11.19 -21.64
CA ASN A 58 -15.57 12.40 -20.91
C ASN A 58 -17.02 12.33 -20.42
N LYS A 59 -17.19 12.27 -19.11
CA LYS A 59 -18.52 12.19 -18.51
C LYS A 59 -19.40 13.32 -19.01
N GLN A 60 -18.98 14.56 -18.76
CA GLN A 60 -19.73 15.73 -19.17
C GLN A 60 -18.86 16.68 -20.00
N GLU A 61 -19.46 17.75 -20.49
CA GLU A 61 -18.73 18.73 -21.30
C GLU A 61 -18.51 20.02 -20.52
N LEU A 62 -17.27 20.50 -20.52
CA LEU A 62 -16.92 21.72 -19.81
C LEU A 62 -16.73 22.88 -20.78
N PRO A 63 -17.00 24.10 -20.30
CA PRO A 63 -16.87 25.32 -21.11
C PRO A 63 -15.41 25.65 -21.42
N HIS A 64 -15.17 26.19 -22.61
CA HIS A 64 -13.83 26.56 -23.04
C HIS A 64 -13.51 28.00 -22.65
N CYS A 65 -14.55 28.80 -22.47
CA CYS A 65 -14.39 30.21 -22.11
C CYS A 65 -15.74 30.88 -21.93
N PRO A 66 -15.89 31.64 -20.83
CA PRO A 66 -17.13 32.35 -20.51
C PRO A 66 -17.39 33.51 -21.46
N LEU A 67 -16.34 34.27 -21.75
CA LEU A 67 -16.46 35.41 -22.65
C LEU A 67 -17.17 35.03 -23.95
N PRO A 68 -18.13 35.86 -24.38
CA PRO A 68 -18.89 35.62 -25.61
C PRO A 68 -18.04 35.79 -26.87
N GLY A 69 -17.35 36.91 -26.96
CA GLY A 69 -16.50 37.18 -28.11
C GLY A 69 -15.41 36.14 -28.28
N CYS A 70 -14.80 35.73 -27.18
CA CYS A 70 -13.74 34.74 -27.21
C CYS A 70 -14.26 33.40 -27.71
N ASN A 71 -13.35 32.56 -28.19
CA ASN A 71 -13.73 31.24 -28.71
C ASN A 71 -12.90 30.15 -28.04
N GLY A 72 -12.43 30.42 -26.83
CA GLY A 72 -11.63 29.45 -26.10
C GLY A 72 -10.30 29.18 -26.78
N LEU A 73 -9.75 30.19 -27.43
CA LEU A 73 -8.47 30.05 -28.11
C LEU A 73 -7.45 31.05 -27.58
N GLY A 74 -6.27 30.57 -27.25
CA GLY A 74 -5.22 31.44 -26.73
C GLY A 74 -4.97 31.22 -25.26
N HIS A 75 -3.82 31.71 -24.78
CA HIS A 75 -3.46 31.57 -23.37
C HIS A 75 -2.72 32.80 -22.87
N VAL A 76 -3.04 33.22 -21.65
CA VAL A 76 -2.41 34.39 -21.05
C VAL A 76 -0.91 34.19 -20.90
N ASN A 77 -0.47 32.94 -21.01
CA ASN A 77 0.94 32.61 -20.88
C ASN A 77 1.64 32.71 -22.23
N ASN A 78 0.86 32.85 -23.30
CA ASN A 78 1.40 32.96 -24.64
C ASN A 78 2.25 31.74 -24.99
N VAL A 79 1.78 30.56 -24.57
CA VAL A 79 2.48 29.32 -24.84
C VAL A 79 1.55 28.28 -25.44
N PHE A 80 0.31 28.28 -24.99
CA PHE A 80 -0.69 27.33 -25.48
C PHE A 80 -1.70 28.02 -26.39
N VAL A 81 -2.37 27.24 -27.22
CA VAL A 81 -3.38 27.78 -28.14
C VAL A 81 -4.78 27.36 -27.72
N THR A 82 -5.00 27.27 -26.42
CA THR A 82 -6.30 26.90 -25.88
C THR A 82 -6.43 27.25 -24.40
N HIS A 83 -7.64 27.21 -23.88
CA HIS A 83 -7.89 27.52 -22.49
C HIS A 83 -9.35 27.23 -22.11
N ARG A 84 -9.57 26.87 -20.86
CA ARG A 84 -10.91 26.56 -20.37
C ARG A 84 -11.20 27.30 -19.07
N SER A 85 -10.83 28.57 -19.02
CA SER A 85 -11.04 29.39 -17.83
C SER A 85 -10.65 30.84 -18.08
N LEU A 86 -11.05 31.72 -17.17
CA LEU A 86 -10.74 33.14 -17.29
C LEU A 86 -9.24 33.39 -17.15
N SER A 87 -8.66 32.86 -16.08
CA SER A 87 -7.24 33.01 -15.82
C SER A 87 -6.42 32.66 -17.06
N GLY A 88 -6.85 31.63 -17.77
CA GLY A 88 -6.14 31.20 -18.97
C GLY A 88 -6.57 31.98 -20.19
N CYS A 89 -7.65 32.74 -20.06
CA CYS A 89 -8.16 33.54 -21.18
C CYS A 89 -7.31 34.78 -21.39
N PRO A 90 -6.63 34.84 -22.54
CA PRO A 90 -5.77 35.98 -22.89
C PRO A 90 -6.57 37.24 -23.19
N LEU A 91 -7.75 37.07 -23.76
CA LEU A 91 -8.61 38.19 -24.09
C LEU A 91 -9.22 38.80 -22.83
N ASN A 92 -9.40 37.98 -21.80
CA ASN A 92 -9.97 38.44 -20.54
C ASN A 92 -8.94 39.23 -19.74
N ALA A 93 -7.75 38.66 -19.56
CA ALA A 93 -6.69 39.31 -18.82
C ALA A 93 -6.56 40.77 -19.21
N GLN A 94 -6.88 41.08 -20.47
CA GLN A 94 -6.80 42.45 -20.97
C GLN A 94 -7.61 43.40 -20.10
N VAL A 95 -8.85 43.00 -19.79
CA VAL A 95 -9.72 43.81 -18.95
C VAL A 95 -9.19 43.93 -17.54
N ILE A 96 -8.44 42.91 -17.11
CA ILE A 96 -7.88 42.90 -15.76
C ILE A 96 -6.63 43.77 -15.69
N LYS A 97 -6.72 44.97 -16.26
CA LYS A 97 -5.61 45.90 -16.26
C LYS A 97 -6.05 47.29 -15.80
N LYS A 98 -5.21 47.95 -15.01
CA LYS A 98 -5.52 49.29 -14.52
C LYS A 98 -5.25 50.34 -15.58
N GLY A 99 -4.02 50.41 -16.05
CA GLY A 99 -3.66 51.38 -17.07
C GLY A 99 -2.44 50.96 -17.86
N LYS A 100 -1.98 51.84 -18.75
CA LYS A 100 -0.82 51.55 -19.58
C LYS A 100 0.46 52.03 -18.90
N VAL A 101 0.56 51.78 -17.60
CA VAL A 101 1.74 52.18 -16.84
C VAL A 101 2.68 51.01 -16.61
N SER A 102 2.88 50.20 -17.66
CA SER A 102 3.75 49.05 -17.58
C SER A 102 4.97 49.23 -18.47
N SER A 103 4.74 49.57 -19.73
CA SER A 103 5.82 49.76 -20.69
C SER A 103 6.97 50.55 -20.06
N GLY A 104 6.64 51.71 -19.50
CA GLY A 104 7.64 52.55 -18.87
C GLY A 104 7.50 54.01 -19.24
N PRO A 105 8.64 54.72 -19.29
CA PRO A 105 8.67 56.15 -19.65
C PRO A 105 8.34 56.38 -21.10
N SER A 106 8.50 55.35 -21.92
CA SER A 106 8.22 55.46 -23.35
C SER A 106 7.27 54.34 -23.80
N SER A 107 6.18 54.73 -24.46
CA SER A 107 5.20 53.77 -24.94
C SER A 107 5.59 53.23 -26.31
N GLY A 108 5.95 51.94 -26.36
CA GLY A 108 6.33 51.34 -27.62
C GLY A 108 5.60 50.03 -27.87
N GLY A 1 32.92 -27.58 6.16
CA GLY A 1 33.05 -26.16 5.90
C GLY A 1 31.86 -25.59 5.15
N SER A 2 31.53 -24.34 5.43
CA SER A 2 30.41 -23.67 4.78
C SER A 2 30.66 -22.17 4.64
N SER A 3 29.77 -21.50 3.94
CA SER A 3 29.90 -20.06 3.73
C SER A 3 29.33 -19.28 4.92
N GLY A 4 29.47 -17.96 4.86
CA GLY A 4 28.96 -17.12 5.93
C GLY A 4 28.96 -15.65 5.56
N SER A 5 30.02 -15.19 4.93
CA SER A 5 30.13 -13.79 4.52
C SER A 5 29.67 -12.87 5.64
N SER A 6 30.07 -13.18 6.87
CA SER A 6 29.69 -12.38 8.02
C SER A 6 28.25 -11.89 7.90
N GLY A 7 27.37 -12.77 7.43
CA GLY A 7 25.98 -12.41 7.27
C GLY A 7 25.78 -11.28 6.28
N PRO A 8 24.91 -11.51 5.28
CA PRO A 8 24.61 -10.52 4.24
C PRO A 8 23.84 -9.32 4.78
N GLU A 9 23.53 -8.38 3.90
CA GLU A 9 22.79 -7.19 4.28
C GLU A 9 21.30 -7.34 3.97
N LEU A 10 20.46 -7.17 4.98
CA LEU A 10 19.02 -7.29 4.81
C LEU A 10 18.41 -5.95 4.39
N LYS A 11 17.31 -6.02 3.65
CA LYS A 11 16.63 -4.82 3.18
C LYS A 11 15.29 -5.17 2.54
N CYS A 12 14.46 -4.16 2.32
CA CYS A 12 13.15 -4.35 1.72
C CYS A 12 13.20 -5.44 0.65
N PRO A 13 12.66 -6.62 0.98
CA PRO A 13 12.64 -7.77 0.07
C PRO A 13 11.68 -7.56 -1.09
N VAL A 14 10.87 -6.50 -1.01
CA VAL A 14 9.91 -6.18 -2.06
C VAL A 14 10.61 -5.58 -3.27
N ILE A 15 10.76 -6.38 -4.32
CA ILE A 15 11.41 -5.92 -5.55
C ILE A 15 10.73 -4.66 -6.08
N GLY A 16 11.51 -3.82 -6.75
CA GLY A 16 10.98 -2.59 -7.30
C GLY A 16 10.99 -1.45 -6.30
N CYS A 17 10.73 -1.76 -5.04
CA CYS A 17 10.71 -0.75 -4.00
C CYS A 17 12.09 -0.13 -3.81
N ASP A 18 12.14 1.04 -3.20
CA ASP A 18 13.39 1.74 -2.96
C ASP A 18 13.95 1.39 -1.59
N GLY A 19 13.07 1.00 -0.68
CA GLY A 19 13.50 0.64 0.67
C GLY A 19 13.55 1.83 1.60
N GLN A 20 12.67 2.80 1.37
CA GLN A 20 12.63 4.01 2.19
C GLN A 20 11.23 4.23 2.76
N GLY A 21 11.11 5.21 3.64
CA GLY A 21 9.82 5.51 4.25
C GLY A 21 9.38 4.45 5.24
N HIS A 22 8.07 4.38 5.49
CA HIS A 22 7.53 3.40 6.42
C HIS A 22 6.00 3.36 6.33
N ILE A 23 5.46 2.17 6.13
CA ILE A 23 4.01 2.00 6.03
C ILE A 23 3.28 2.80 7.11
N SER A 24 3.94 2.93 8.27
CA SER A 24 3.35 3.67 9.38
C SER A 24 3.46 5.18 9.15
N GLY A 25 4.61 5.62 8.64
CA GLY A 25 4.82 7.03 8.38
C GLY A 25 5.83 7.65 9.33
N LYS A 26 5.72 7.30 10.61
CA LYS A 26 6.62 7.82 11.63
C LYS A 26 8.07 7.76 11.15
N TYR A 27 8.51 6.57 10.74
CA TYR A 27 9.87 6.37 10.26
C TYR A 27 9.98 6.76 8.79
N THR A 28 11.20 7.08 8.37
CA THR A 28 11.46 7.47 7.00
C THR A 28 12.35 6.46 6.28
N SER A 29 12.20 5.19 6.65
CA SER A 29 12.99 4.12 6.05
C SER A 29 12.52 2.75 6.55
N HIS A 30 12.74 1.72 5.74
CA HIS A 30 12.34 0.37 6.09
C HIS A 30 13.29 -0.65 5.47
N ARG A 31 13.41 -1.81 6.11
CA ARG A 31 14.28 -2.87 5.62
C ARG A 31 13.57 -4.22 5.67
N THR A 32 12.25 -4.19 5.64
CA THR A 32 11.46 -5.42 5.69
C THR A 32 10.12 -5.23 4.98
N ALA A 33 9.56 -6.35 4.51
CA ALA A 33 8.28 -6.30 3.80
C ALA A 33 7.16 -5.84 4.72
N SER A 34 7.19 -6.31 5.97
CA SER A 34 6.17 -5.96 6.94
C SER A 34 6.10 -4.44 7.13
N GLY A 35 7.26 -3.79 7.07
CA GLY A 35 7.31 -2.34 7.22
C GLY A 35 7.43 -1.62 5.90
N CYS A 36 7.26 -2.36 4.80
CA CYS A 36 7.34 -1.79 3.47
C CYS A 36 6.06 -1.06 3.10
N PRO A 37 6.13 0.28 3.01
CA PRO A 37 4.99 1.12 2.67
C PRO A 37 4.55 0.95 1.22
N LEU A 38 5.45 0.43 0.39
CA LEU A 38 5.15 0.20 -1.02
C LEU A 38 4.32 -1.06 -1.21
N ALA A 39 4.53 -2.04 -0.34
CA ALA A 39 3.80 -3.30 -0.41
C ALA A 39 2.33 -3.10 -0.03
N ALA A 40 2.09 -2.23 0.94
CA ALA A 40 0.73 -1.95 1.39
C ALA A 40 -0.11 -1.38 0.26
N LYS A 41 0.43 -0.38 -0.43
CA LYS A 41 -0.28 0.26 -1.54
C LYS A 41 -0.87 -0.79 -2.47
N ARG A 42 -0.02 -1.64 -3.03
CA ARG A 42 -0.46 -2.69 -3.94
C ARG A 42 -1.36 -3.69 -3.22
N GLN A 43 -0.95 -4.10 -2.03
CA GLN A 43 -1.72 -5.06 -1.24
C GLN A 43 -3.20 -4.66 -1.19
N LYS A 44 -3.45 -3.39 -0.93
CA LYS A 44 -4.81 -2.87 -0.86
C LYS A 44 -5.70 -3.55 -1.90
N GLU A 45 -6.64 -4.36 -1.42
CA GLU A 45 -7.56 -5.07 -2.31
C GLU A 45 -8.93 -5.24 -1.65
N ASN A 46 -9.98 -5.05 -2.44
CA ASN A 46 -11.35 -5.19 -1.93
C ASN A 46 -12.16 -6.12 -2.82
N PRO A 47 -12.00 -7.43 -2.62
CA PRO A 47 -12.72 -8.45 -3.40
C PRO A 47 -14.20 -8.49 -3.06
N LEU A 48 -14.52 -8.49 -1.78
CA LEU A 48 -15.91 -8.51 -1.32
C LEU A 48 -16.65 -9.70 -1.93
N ASN A 49 -15.98 -10.85 -1.98
CA ASN A 49 -16.58 -12.06 -2.53
C ASN A 49 -16.80 -13.11 -1.44
N GLY A 50 -17.50 -14.18 -1.79
CA GLY A 50 -17.77 -15.24 -0.83
C GLY A 50 -19.25 -15.35 -0.49
N ALA A 51 -19.83 -16.50 -0.80
CA ALA A 51 -21.24 -16.74 -0.53
C ALA A 51 -21.47 -17.14 0.92
N SER A 52 -20.75 -18.17 1.36
CA SER A 52 -20.88 -18.65 2.73
C SER A 52 -19.54 -18.56 3.46
N LEU A 53 -19.25 -17.38 4.01
CA LEU A 53 -18.00 -17.15 4.73
C LEU A 53 -18.02 -17.88 6.07
N SER A 54 -19.11 -17.71 6.82
CA SER A 54 -19.24 -18.36 8.13
C SER A 54 -19.64 -19.82 7.97
N TRP A 55 -20.66 -20.07 7.16
CA TRP A 55 -21.14 -21.43 6.93
C TRP A 55 -20.40 -22.07 5.75
N LYS A 56 -19.10 -21.82 5.67
CA LYS A 56 -18.28 -22.38 4.59
C LYS A 56 -18.36 -23.90 4.59
N LEU A 57 -19.01 -24.45 3.58
CA LEU A 57 -19.15 -25.89 3.45
C LEU A 57 -17.89 -26.52 2.88
N ASN A 58 -16.74 -26.07 3.38
CA ASN A 58 -15.45 -26.59 2.91
C ASN A 58 -15.51 -26.94 1.43
N LYS A 59 -16.19 -26.11 0.65
CA LYS A 59 -16.31 -26.34 -0.78
C LYS A 59 -16.39 -25.02 -1.54
N GLN A 60 -15.40 -24.78 -2.40
CA GLN A 60 -15.35 -23.55 -3.19
C GLN A 60 -15.49 -23.85 -4.68
N GLU A 61 -16.69 -23.65 -5.21
CA GLU A 61 -16.94 -23.90 -6.63
C GLU A 61 -15.77 -23.43 -7.49
N LEU A 62 -15.69 -23.96 -8.70
CA LEU A 62 -14.61 -23.61 -9.62
C LEU A 62 -14.88 -22.24 -10.26
N PRO A 63 -13.79 -21.58 -10.70
CA PRO A 63 -13.88 -20.26 -11.34
C PRO A 63 -14.53 -20.33 -12.72
N HIS A 64 -15.38 -19.36 -13.01
CA HIS A 64 -16.07 -19.31 -14.30
C HIS A 64 -16.78 -17.97 -14.48
N CYS A 65 -16.59 -17.35 -15.65
CA CYS A 65 -17.22 -16.08 -15.95
C CYS A 65 -18.60 -15.99 -15.32
N PRO A 66 -18.90 -14.83 -14.70
CA PRO A 66 -20.19 -14.59 -14.04
C PRO A 66 -21.33 -14.46 -15.04
N LEU A 67 -21.08 -13.71 -16.12
CA LEU A 67 -22.09 -13.51 -17.16
C LEU A 67 -22.79 -14.82 -17.51
N PRO A 68 -24.13 -14.77 -17.59
CA PRO A 68 -24.94 -15.94 -17.91
C PRO A 68 -24.78 -16.39 -19.36
N GLY A 69 -24.90 -15.43 -20.27
CA GLY A 69 -24.77 -15.73 -21.69
C GLY A 69 -23.34 -16.08 -22.08
N CYS A 70 -22.38 -15.41 -21.43
CA CYS A 70 -20.96 -15.64 -21.70
C CYS A 70 -20.54 -17.03 -21.24
N ASN A 71 -20.10 -17.86 -22.19
CA ASN A 71 -19.66 -19.22 -21.88
C ASN A 71 -18.32 -19.20 -21.16
N GLY A 72 -17.41 -18.34 -21.61
CA GLY A 72 -16.10 -18.26 -21.00
C GLY A 72 -14.98 -18.56 -21.97
N LEU A 73 -15.15 -18.12 -23.22
CA LEU A 73 -14.15 -18.35 -24.25
C LEU A 73 -13.65 -17.03 -24.84
N GLY A 74 -12.47 -16.60 -24.40
CA GLY A 74 -11.92 -15.35 -24.90
C GLY A 74 -11.35 -14.49 -23.79
N HIS A 75 -10.76 -13.35 -24.17
CA HIS A 75 -10.18 -12.44 -23.19
C HIS A 75 -10.12 -11.01 -23.76
N VAL A 76 -10.54 -10.05 -22.96
CA VAL A 76 -10.53 -8.65 -23.37
C VAL A 76 -9.17 -8.25 -23.92
N ASN A 77 -8.10 -8.66 -23.22
CA ASN A 77 -6.74 -8.34 -23.64
C ASN A 77 -6.49 -8.83 -25.07
N ASN A 78 -7.28 -9.81 -25.50
CA ASN A 78 -7.14 -10.37 -26.85
C ASN A 78 -5.81 -11.09 -26.99
N VAL A 79 -5.38 -11.76 -25.93
CA VAL A 79 -4.11 -12.49 -25.93
C VAL A 79 -4.31 -13.93 -25.47
N PHE A 80 -5.32 -14.13 -24.61
CA PHE A 80 -5.62 -15.46 -24.09
C PHE A 80 -6.81 -16.08 -24.82
N VAL A 81 -7.19 -17.28 -24.40
CA VAL A 81 -8.31 -17.98 -25.01
C VAL A 81 -9.44 -18.19 -24.01
N THR A 82 -9.07 -18.36 -22.74
CA THR A 82 -10.06 -18.57 -21.69
C THR A 82 -10.11 -17.39 -20.74
N HIS A 83 -11.09 -17.39 -19.84
CA HIS A 83 -11.25 -16.30 -18.88
C HIS A 83 -12.36 -16.62 -17.88
N ARG A 84 -12.02 -16.66 -16.60
CA ARG A 84 -12.99 -16.95 -15.56
C ARG A 84 -13.22 -15.73 -14.67
N SER A 85 -13.33 -14.56 -15.30
CA SER A 85 -13.56 -13.32 -14.57
C SER A 85 -13.87 -12.17 -15.54
N LEU A 86 -14.64 -11.21 -15.06
CA LEU A 86 -15.02 -10.06 -15.87
C LEU A 86 -13.79 -9.37 -16.45
N SER A 87 -12.76 -9.24 -15.62
CA SER A 87 -11.51 -8.60 -16.05
C SER A 87 -11.15 -9.03 -17.47
N GLY A 88 -11.17 -10.34 -17.71
CA GLY A 88 -10.83 -10.86 -19.02
C GLY A 88 -12.06 -11.32 -19.79
N CYS A 89 -13.14 -10.55 -19.70
CA CYS A 89 -14.38 -10.88 -20.38
C CYS A 89 -14.62 -9.93 -21.56
N PRO A 90 -14.45 -10.46 -22.78
CA PRO A 90 -14.64 -9.67 -24.00
C PRO A 90 -16.11 -9.33 -24.26
N LEU A 91 -16.99 -10.15 -23.70
CA LEU A 91 -18.43 -9.94 -23.86
C LEU A 91 -18.92 -8.83 -22.94
N ASN A 92 -18.29 -8.72 -21.77
CA ASN A 92 -18.67 -7.70 -20.80
C ASN A 92 -18.14 -6.32 -21.22
N ALA A 93 -16.83 -6.23 -21.40
CA ALA A 93 -16.21 -4.97 -21.80
C ALA A 93 -17.05 -4.26 -22.85
N GLN A 94 -17.84 -5.02 -23.60
CA GLN A 94 -18.69 -4.45 -24.64
C GLN A 94 -19.75 -3.54 -24.04
N VAL A 95 -20.37 -4.01 -22.96
CA VAL A 95 -21.41 -3.24 -22.29
C VAL A 95 -20.84 -1.95 -21.70
N ILE A 96 -19.55 -1.97 -21.40
CA ILE A 96 -18.88 -0.80 -20.82
C ILE A 96 -18.89 0.37 -21.81
N LYS A 97 -19.43 1.50 -21.37
CA LYS A 97 -19.49 2.69 -22.20
C LYS A 97 -20.03 3.88 -21.42
N LYS A 98 -19.56 5.08 -21.76
CA LYS A 98 -19.98 6.30 -21.09
C LYS A 98 -20.51 7.32 -22.10
N GLY A 99 -21.83 7.43 -22.18
CA GLY A 99 -22.43 8.37 -23.10
C GLY A 99 -23.64 9.07 -22.52
N LYS A 100 -24.80 8.44 -22.65
CA LYS A 100 -26.04 9.00 -22.13
C LYS A 100 -26.12 8.84 -20.61
N VAL A 101 -25.81 9.91 -19.88
CA VAL A 101 -25.85 9.88 -18.43
C VAL A 101 -26.70 11.01 -17.87
N SER A 102 -27.32 10.78 -16.72
CA SER A 102 -28.16 11.79 -16.08
C SER A 102 -27.76 12.00 -14.63
N SER A 103 -26.91 13.00 -14.40
CA SER A 103 -26.43 13.31 -13.05
C SER A 103 -26.56 14.80 -12.77
N GLY A 104 -26.93 15.14 -11.54
CA GLY A 104 -27.08 16.52 -11.16
C GLY A 104 -25.90 17.03 -10.36
N PRO A 105 -25.04 17.83 -11.01
CA PRO A 105 -23.85 18.41 -10.38
C PRO A 105 -24.20 19.46 -9.33
N SER A 106 -24.42 19.01 -8.10
CA SER A 106 -24.76 19.91 -7.00
C SER A 106 -24.42 19.29 -5.66
N SER A 107 -23.67 20.02 -4.85
CA SER A 107 -23.26 19.53 -3.53
C SER A 107 -23.98 20.32 -2.43
N GLY A 108 -24.30 19.63 -1.34
CA GLY A 108 -24.97 20.28 -0.22
C GLY A 108 -24.12 20.30 1.03
N GLY A 1 48.31 5.61 -5.43
CA GLY A 1 46.87 5.59 -5.61
C GLY A 1 46.27 4.23 -5.34
N SER A 2 45.08 4.22 -4.75
CA SER A 2 44.40 2.96 -4.43
C SER A 2 42.99 3.23 -3.89
N SER A 3 42.14 2.21 -3.96
CA SER A 3 40.77 2.33 -3.48
C SER A 3 40.04 0.99 -3.56
N GLY A 4 38.83 0.95 -3.02
CA GLY A 4 38.06 -0.27 -3.04
C GLY A 4 37.14 -0.39 -1.85
N SER A 5 35.95 -0.95 -2.06
CA SER A 5 34.97 -1.12 -0.99
C SER A 5 33.91 -2.14 -1.38
N SER A 6 33.42 -2.88 -0.38
CA SER A 6 32.41 -3.90 -0.63
C SER A 6 31.86 -4.44 0.70
N GLY A 7 30.81 -5.25 0.61
CA GLY A 7 30.21 -5.82 1.80
C GLY A 7 28.87 -6.49 1.52
N PRO A 8 28.16 -6.87 2.58
CA PRO A 8 26.86 -7.53 2.47
C PRO A 8 25.78 -6.58 1.96
N GLU A 9 24.56 -7.12 1.79
CA GLU A 9 23.44 -6.32 1.31
C GLU A 9 22.11 -6.89 1.80
N LEU A 10 21.36 -6.09 2.53
CA LEU A 10 20.07 -6.52 3.06
C LEU A 10 19.13 -5.33 3.24
N LYS A 11 17.98 -5.38 2.58
CA LYS A 11 17.00 -4.31 2.66
C LYS A 11 15.65 -4.76 2.11
N CYS A 12 14.69 -3.84 2.07
CA CYS A 12 13.36 -4.15 1.57
C CYS A 12 13.42 -5.17 0.44
N PRO A 13 12.95 -6.40 0.72
CA PRO A 13 12.95 -7.49 -0.26
C PRO A 13 11.95 -7.25 -1.38
N VAL A 14 10.95 -6.40 -1.12
CA VAL A 14 9.92 -6.09 -2.11
C VAL A 14 10.54 -5.48 -3.36
N ILE A 15 10.55 -6.24 -4.45
CA ILE A 15 11.11 -5.78 -5.71
C ILE A 15 10.55 -4.42 -6.09
N GLY A 16 11.33 -3.64 -6.83
CA GLY A 16 10.89 -2.32 -7.26
C GLY A 16 11.05 -1.29 -6.16
N CYS A 17 10.80 -1.69 -4.92
CA CYS A 17 10.92 -0.79 -3.78
C CYS A 17 12.39 -0.52 -3.45
N ASP A 18 12.66 0.66 -2.88
CA ASP A 18 14.02 1.04 -2.52
C ASP A 18 14.16 1.19 -1.01
N GLY A 19 13.36 0.42 -0.26
CA GLY A 19 13.40 0.48 1.19
C GLY A 19 13.38 1.91 1.71
N GLN A 20 12.47 2.72 1.16
CA GLN A 20 12.35 4.12 1.57
C GLN A 20 10.96 4.39 2.12
N GLY A 21 10.91 4.99 3.31
CA GLY A 21 9.63 5.30 3.93
C GLY A 21 9.22 4.26 4.96
N HIS A 22 7.95 4.30 5.35
CA HIS A 22 7.43 3.36 6.33
C HIS A 22 5.90 3.31 6.28
N ILE A 23 5.35 2.10 6.28
CA ILE A 23 3.91 1.92 6.23
C ILE A 23 3.22 2.66 7.37
N SER A 24 4.01 3.06 8.38
CA SER A 24 3.47 3.77 9.53
C SER A 24 3.55 5.28 9.31
N GLY A 25 4.62 5.73 8.66
CA GLY A 25 4.79 7.15 8.40
C GLY A 25 5.83 7.78 9.31
N LYS A 26 5.78 7.43 10.59
CA LYS A 26 6.72 7.98 11.56
C LYS A 26 8.16 7.82 11.08
N TYR A 27 8.52 6.61 10.69
CA TYR A 27 9.87 6.33 10.21
C TYR A 27 9.99 6.66 8.72
N THR A 28 11.17 7.09 8.31
CA THR A 28 11.43 7.44 6.92
C THR A 28 12.33 6.41 6.25
N SER A 29 12.17 5.15 6.64
CA SER A 29 12.97 4.07 6.08
C SER A 29 12.46 2.71 6.53
N HIS A 30 12.81 1.66 5.79
CA HIS A 30 12.38 0.31 6.13
C HIS A 30 13.25 -0.72 5.41
N ARG A 31 13.42 -1.88 6.03
CA ARG A 31 14.22 -2.95 5.45
C ARG A 31 13.50 -4.29 5.56
N THR A 32 12.17 -4.24 5.69
CA THR A 32 11.37 -5.44 5.80
C THR A 32 10.01 -5.25 5.14
N ALA A 33 9.50 -6.32 4.52
CA ALA A 33 8.21 -6.28 3.85
C ALA A 33 7.11 -5.82 4.81
N SER A 34 7.18 -6.31 6.05
CA SER A 34 6.18 -5.96 7.06
C SER A 34 6.07 -4.45 7.21
N GLY A 35 7.21 -3.77 7.19
CA GLY A 35 7.22 -2.32 7.33
C GLY A 35 7.33 -1.62 5.99
N CYS A 36 7.18 -2.37 4.91
CA CYS A 36 7.26 -1.82 3.56
C CYS A 36 5.94 -1.14 3.17
N PRO A 37 5.97 0.19 3.06
CA PRO A 37 4.80 0.98 2.69
C PRO A 37 4.38 0.77 1.24
N LEU A 38 5.36 0.48 0.39
CA LEU A 38 5.11 0.26 -1.03
C LEU A 38 4.35 -1.05 -1.25
N ALA A 39 4.53 -1.99 -0.32
CA ALA A 39 3.85 -3.27 -0.41
C ALA A 39 2.36 -3.14 -0.13
N ALA A 40 2.01 -2.20 0.74
CA ALA A 40 0.62 -1.96 1.09
C ALA A 40 -0.06 -1.03 0.09
N LYS A 41 0.57 0.10 -0.17
CA LYS A 41 0.05 1.08 -1.12
C LYS A 41 -0.35 0.41 -2.43
N ARG A 42 0.51 -0.48 -2.91
CA ARG A 42 0.25 -1.20 -4.15
C ARG A 42 -1.21 -1.64 -4.24
N GLN A 43 -1.75 -2.10 -3.12
CA GLN A 43 -3.13 -2.55 -3.07
C GLN A 43 -4.02 -1.69 -3.96
N LYS A 44 -3.76 -0.38 -3.95
CA LYS A 44 -4.53 0.56 -4.76
C LYS A 44 -3.84 0.82 -6.09
N GLU A 45 -4.13 -0.01 -7.09
CA GLU A 45 -3.53 0.13 -8.41
C GLU A 45 -4.50 0.83 -9.36
N ASN A 46 -5.72 0.31 -9.45
CA ASN A 46 -6.74 0.88 -10.32
C ASN A 46 -7.88 1.46 -9.51
N PRO A 47 -7.94 2.80 -9.44
CA PRO A 47 -8.99 3.51 -8.71
C PRO A 47 -10.36 3.39 -9.37
N LEU A 48 -10.39 3.66 -10.67
CA LEU A 48 -11.64 3.58 -11.44
C LEU A 48 -11.36 3.33 -12.91
N ASN A 49 -11.88 2.22 -13.42
CA ASN A 49 -11.68 1.86 -14.82
C ASN A 49 -12.99 1.37 -15.44
N GLY A 50 -13.20 1.71 -16.71
CA GLY A 50 -14.41 1.31 -17.39
C GLY A 50 -15.47 2.38 -17.38
N ALA A 51 -16.13 2.58 -18.52
CA ALA A 51 -17.19 3.58 -18.64
C ALA A 51 -18.54 2.93 -18.91
N SER A 52 -18.63 2.21 -20.01
CA SER A 52 -19.87 1.53 -20.39
C SER A 52 -19.62 0.07 -20.73
N LEU A 53 -19.63 -0.77 -19.70
CA LEU A 53 -19.40 -2.21 -19.88
C LEU A 53 -20.68 -2.99 -19.63
N SER A 54 -21.48 -3.19 -20.68
CA SER A 54 -22.73 -3.92 -20.56
C SER A 54 -22.80 -5.04 -21.61
N TRP A 55 -22.48 -6.25 -21.19
CA TRP A 55 -22.51 -7.40 -22.09
C TRP A 55 -23.24 -8.57 -21.45
N LYS A 56 -24.56 -8.58 -21.60
CA LYS A 56 -25.39 -9.65 -21.04
C LYS A 56 -25.76 -10.67 -22.11
N LEU A 57 -26.23 -10.18 -23.26
CA LEU A 57 -26.62 -11.05 -24.35
C LEU A 57 -25.56 -11.05 -25.45
N ASN A 58 -24.30 -11.05 -25.05
CA ASN A 58 -23.19 -11.05 -26.00
C ASN A 58 -22.65 -12.47 -26.21
N LYS A 59 -23.56 -13.43 -26.29
CA LYS A 59 -23.18 -14.82 -26.50
C LYS A 59 -23.80 -15.37 -27.78
N GLN A 60 -25.06 -15.05 -28.01
CA GLN A 60 -25.77 -15.51 -29.20
C GLN A 60 -24.83 -15.55 -30.40
N GLU A 61 -25.04 -16.53 -31.28
CA GLU A 61 -24.21 -16.68 -32.47
C GLU A 61 -24.98 -16.27 -33.72
N LEU A 62 -24.27 -16.21 -34.84
CA LEU A 62 -24.89 -15.83 -36.11
C LEU A 62 -25.50 -17.04 -36.80
N PRO A 63 -26.53 -16.79 -37.64
CA PRO A 63 -27.22 -17.85 -38.38
C PRO A 63 -26.34 -18.46 -39.47
N HIS A 64 -26.97 -19.19 -40.40
CA HIS A 64 -26.24 -19.82 -41.49
C HIS A 64 -25.08 -18.95 -41.95
N CYS A 65 -23.91 -19.58 -42.12
CA CYS A 65 -22.72 -18.86 -42.55
C CYS A 65 -23.09 -17.74 -43.54
N PRO A 66 -22.52 -16.55 -43.31
CA PRO A 66 -22.76 -15.38 -44.16
C PRO A 66 -22.13 -15.54 -45.55
N LEU A 67 -20.88 -15.99 -45.57
CA LEU A 67 -20.17 -16.18 -46.84
C LEU A 67 -21.12 -16.67 -47.93
N PRO A 68 -21.03 -16.04 -49.12
CA PRO A 68 -21.87 -16.40 -50.26
C PRO A 68 -21.51 -17.76 -50.84
N GLY A 69 -20.22 -17.96 -51.11
CA GLY A 69 -19.76 -19.23 -51.67
C GLY A 69 -19.84 -20.36 -50.66
N CYS A 70 -19.64 -20.04 -49.39
CA CYS A 70 -19.68 -21.04 -48.33
C CYS A 70 -21.09 -21.58 -48.16
N ASN A 71 -21.20 -22.87 -47.83
CA ASN A 71 -22.49 -23.51 -47.63
C ASN A 71 -22.75 -23.76 -46.15
N GLY A 72 -21.71 -24.20 -45.44
CA GLY A 72 -21.85 -24.48 -44.02
C GLY A 72 -21.42 -25.88 -43.66
N LEU A 73 -20.46 -26.42 -44.40
CA LEU A 73 -19.96 -27.77 -44.17
C LEU A 73 -18.46 -27.74 -43.87
N GLY A 74 -18.11 -27.78 -42.59
CA GLY A 74 -16.72 -27.77 -42.20
C GLY A 74 -16.48 -27.05 -40.89
N HIS A 75 -15.22 -26.94 -40.50
CA HIS A 75 -14.86 -26.27 -39.25
C HIS A 75 -13.37 -26.00 -39.18
N VAL A 76 -13.00 -24.76 -38.84
CA VAL A 76 -11.61 -24.38 -38.74
C VAL A 76 -10.83 -25.34 -37.85
N ASN A 77 -11.42 -25.67 -36.70
CA ASN A 77 -10.79 -26.57 -35.76
C ASN A 77 -10.31 -27.85 -36.44
N ASN A 78 -10.94 -28.17 -37.58
CA ASN A 78 -10.57 -29.35 -38.34
C ASN A 78 -10.95 -30.62 -37.57
N VAL A 79 -12.14 -30.62 -36.98
CA VAL A 79 -12.60 -31.78 -36.23
C VAL A 79 -14.03 -32.15 -36.63
N PHE A 80 -14.86 -31.15 -36.87
CA PHE A 80 -16.25 -31.37 -37.26
C PHE A 80 -16.45 -31.04 -38.73
N VAL A 81 -17.68 -31.27 -39.22
CA VAL A 81 -18.01 -31.00 -40.60
C VAL A 81 -19.21 -30.06 -40.71
N THR A 82 -19.36 -29.20 -39.71
CA THR A 82 -20.47 -28.24 -39.69
C THR A 82 -20.06 -26.96 -38.98
N HIS A 83 -20.74 -25.86 -39.33
CA HIS A 83 -20.45 -24.57 -38.73
C HIS A 83 -21.47 -23.52 -39.18
N ARG A 84 -22.10 -22.87 -38.21
CA ARG A 84 -23.11 -21.85 -38.50
C ARG A 84 -22.62 -20.47 -38.07
N SER A 85 -21.33 -20.20 -38.30
CA SER A 85 -20.74 -18.92 -37.93
C SER A 85 -19.32 -18.79 -38.49
N LEU A 86 -18.87 -17.56 -38.66
CA LEU A 86 -17.53 -17.30 -39.18
C LEU A 86 -16.47 -17.94 -38.29
N SER A 87 -16.69 -17.89 -36.98
CA SER A 87 -15.75 -18.45 -36.02
C SER A 87 -15.31 -19.85 -36.46
N GLY A 88 -16.29 -20.67 -36.85
CA GLY A 88 -15.99 -22.02 -37.28
C GLY A 88 -16.05 -22.18 -38.78
N CYS A 89 -15.71 -21.11 -39.51
CA CYS A 89 -15.73 -21.13 -40.96
C CYS A 89 -14.32 -21.31 -41.53
N PRO A 90 -14.05 -22.50 -42.08
CA PRO A 90 -12.74 -22.83 -42.66
C PRO A 90 -12.48 -22.05 -43.95
N LEU A 91 -13.55 -21.67 -44.64
CA LEU A 91 -13.42 -20.93 -45.90
C LEU A 91 -13.04 -19.49 -45.63
N ASN A 92 -13.46 -18.96 -44.48
CA ASN A 92 -13.16 -17.59 -44.10
C ASN A 92 -11.74 -17.48 -43.54
N ALA A 93 -11.47 -18.24 -42.49
CA ALA A 93 -10.15 -18.24 -41.87
C ALA A 93 -9.04 -18.31 -42.92
N GLN A 94 -9.14 -19.29 -43.81
CA GLN A 94 -8.14 -19.47 -44.85
C GLN A 94 -7.80 -18.13 -45.51
N VAL A 95 -8.81 -17.27 -45.65
CA VAL A 95 -8.62 -15.96 -46.27
C VAL A 95 -8.16 -14.94 -45.23
N ILE A 96 -8.76 -14.98 -44.05
CA ILE A 96 -8.41 -14.06 -42.97
C ILE A 96 -6.91 -13.77 -42.96
N LYS A 97 -6.13 -14.74 -43.43
CA LYS A 97 -4.68 -14.60 -43.47
C LYS A 97 -4.28 -13.16 -43.84
N LYS A 98 -3.57 -12.50 -42.95
CA LYS A 98 -3.12 -11.13 -43.18
C LYS A 98 -1.64 -11.09 -43.55
N GLY A 99 -1.00 -12.26 -43.49
CA GLY A 99 0.42 -12.33 -43.82
C GLY A 99 0.68 -12.23 -45.30
N LYS A 100 0.98 -11.03 -45.77
CA LYS A 100 1.25 -10.80 -47.19
C LYS A 100 2.68 -11.21 -47.54
N VAL A 101 3.65 -10.54 -46.92
CA VAL A 101 5.06 -10.85 -47.17
C VAL A 101 5.74 -11.37 -45.91
N SER A 102 6.75 -12.22 -46.09
CA SER A 102 7.47 -12.79 -44.98
C SER A 102 8.96 -12.88 -45.29
N SER A 103 9.75 -12.00 -44.67
CA SER A 103 11.19 -11.97 -44.88
C SER A 103 11.80 -13.33 -44.57
N GLY A 104 12.53 -13.88 -45.55
CA GLY A 104 13.17 -15.16 -45.37
C GLY A 104 14.29 -15.12 -44.35
N PRO A 105 14.89 -16.29 -44.09
CA PRO A 105 16.00 -16.41 -43.12
C PRO A 105 17.27 -15.75 -43.61
N SER A 106 17.51 -14.52 -43.17
CA SER A 106 18.70 -13.77 -43.56
C SER A 106 19.95 -14.38 -42.95
N SER A 107 21.11 -14.00 -43.48
CA SER A 107 22.38 -14.51 -42.98
C SER A 107 22.73 -13.89 -41.64
N GLY A 108 22.86 -14.73 -40.61
CA GLY A 108 23.18 -14.25 -39.29
C GLY A 108 24.68 -14.18 -39.04
N GLY A 1 27.02 -20.80 33.73
CA GLY A 1 27.35 -19.69 32.86
C GLY A 1 26.15 -19.21 32.06
N SER A 2 26.42 -18.49 30.97
CA SER A 2 25.35 -17.98 30.11
C SER A 2 25.90 -17.62 28.73
N SER A 3 25.00 -17.19 27.85
CA SER A 3 25.38 -16.82 26.49
C SER A 3 24.40 -15.81 25.90
N GLY A 4 24.67 -15.36 24.68
CA GLY A 4 23.80 -14.41 24.03
C GLY A 4 23.37 -14.86 22.65
N SER A 5 22.95 -13.90 21.82
CA SER A 5 22.50 -14.21 20.47
C SER A 5 22.71 -13.02 19.54
N SER A 6 22.83 -13.30 18.25
CA SER A 6 23.03 -12.25 17.25
C SER A 6 21.95 -12.29 16.18
N GLY A 7 22.02 -11.35 15.24
CA GLY A 7 21.04 -11.30 14.17
C GLY A 7 21.58 -10.63 12.93
N PRO A 8 21.34 -11.26 11.76
CA PRO A 8 21.79 -10.73 10.47
C PRO A 8 21.06 -9.47 10.06
N GLU A 9 21.32 -9.00 8.84
CA GLU A 9 20.68 -7.80 8.33
C GLU A 9 20.18 -8.02 6.91
N LEU A 10 19.01 -7.44 6.60
CA LEU A 10 18.42 -7.58 5.28
C LEU A 10 17.76 -6.26 4.84
N LYS A 11 17.45 -6.17 3.56
CA LYS A 11 16.82 -4.97 3.02
C LYS A 11 15.48 -5.31 2.37
N CYS A 12 14.63 -4.30 2.22
CA CYS A 12 13.32 -4.49 1.62
C CYS A 12 13.39 -5.48 0.46
N PRO A 13 12.89 -6.70 0.70
CA PRO A 13 12.88 -7.76 -0.32
C PRO A 13 11.90 -7.48 -1.44
N VAL A 14 11.01 -6.51 -1.22
CA VAL A 14 10.02 -6.14 -2.22
C VAL A 14 10.67 -5.47 -3.43
N ILE A 15 10.58 -6.11 -4.58
CA ILE A 15 11.16 -5.59 -5.81
C ILE A 15 10.55 -4.23 -6.16
N GLY A 16 11.33 -3.40 -6.84
CA GLY A 16 10.85 -2.08 -7.22
C GLY A 16 10.94 -1.07 -6.10
N CYS A 17 10.70 -1.52 -4.88
CA CYS A 17 10.77 -0.65 -3.71
C CYS A 17 12.21 -0.29 -3.38
N ASP A 18 12.41 0.94 -2.91
CA ASP A 18 13.75 1.41 -2.55
C ASP A 18 13.95 1.37 -1.04
N GLY A 19 13.29 0.43 -0.38
CA GLY A 19 13.42 0.31 1.05
C GLY A 19 13.36 1.65 1.76
N GLN A 20 12.68 2.61 1.15
CA GLN A 20 12.56 3.95 1.72
C GLN A 20 11.16 4.17 2.28
N GLY A 21 11.06 5.06 3.27
CA GLY A 21 9.77 5.35 3.88
C GLY A 21 9.30 4.25 4.80
N HIS A 22 8.15 4.46 5.42
CA HIS A 22 7.59 3.48 6.36
C HIS A 22 6.07 3.43 6.25
N ILE A 23 5.52 2.22 6.23
CA ILE A 23 4.08 2.05 6.14
C ILE A 23 3.35 2.88 7.18
N SER A 24 3.93 2.97 8.38
CA SER A 24 3.34 3.74 9.47
C SER A 24 3.40 5.23 9.18
N GLY A 25 4.55 5.69 8.68
CA GLY A 25 4.71 7.09 8.37
C GLY A 25 5.72 7.77 9.28
N LYS A 26 5.75 7.37 10.54
CA LYS A 26 6.67 7.94 11.51
C LYS A 26 8.11 7.84 11.02
N TYR A 27 8.50 6.64 10.60
CA TYR A 27 9.85 6.40 10.11
C TYR A 27 9.93 6.65 8.61
N THR A 28 11.08 7.16 8.16
CA THR A 28 11.29 7.45 6.75
C THR A 28 12.22 6.42 6.12
N SER A 29 12.12 5.17 6.59
CA SER A 29 12.96 4.09 6.06
C SER A 29 12.46 2.75 6.55
N HIS A 30 12.82 1.69 5.82
CA HIS A 30 12.40 0.34 6.18
C HIS A 30 13.30 -0.70 5.51
N ARG A 31 13.44 -1.86 6.16
CA ARG A 31 14.28 -2.93 5.63
C ARG A 31 13.57 -4.27 5.72
N THR A 32 12.24 -4.22 5.84
CA THR A 32 11.44 -5.43 5.93
C THR A 32 10.10 -5.27 5.22
N ALA A 33 9.56 -6.38 4.71
CA ALA A 33 8.30 -6.36 4.00
C ALA A 33 7.16 -5.89 4.92
N SER A 34 7.19 -6.36 6.17
CA SER A 34 6.17 -6.00 7.14
C SER A 34 6.04 -4.48 7.25
N GLY A 35 7.18 -3.79 7.25
CA GLY A 35 7.17 -2.34 7.36
C GLY A 35 7.26 -1.67 6.00
N CYS A 36 7.20 -2.46 4.94
CA CYS A 36 7.29 -1.93 3.58
C CYS A 36 6.00 -1.21 3.20
N PRO A 37 6.09 0.12 3.05
CA PRO A 37 4.94 0.96 2.68
C PRO A 37 4.49 0.72 1.24
N LEU A 38 5.44 0.41 0.37
CA LEU A 38 5.14 0.16 -1.03
C LEU A 38 4.36 -1.14 -1.20
N ALA A 39 4.61 -2.10 -0.32
CA ALA A 39 3.92 -3.38 -0.38
C ALA A 39 2.46 -3.23 0.02
N ALA A 40 2.19 -2.34 0.97
CA ALA A 40 0.83 -2.10 1.44
C ALA A 40 -0.04 -1.52 0.33
N LYS A 41 0.48 -0.50 -0.36
CA LYS A 41 -0.24 0.13 -1.44
C LYS A 41 -0.46 -0.83 -2.60
N ARG A 42 0.57 -1.58 -2.95
CA ARG A 42 0.49 -2.55 -4.04
C ARG A 42 -0.59 -3.60 -3.74
N GLN A 43 -0.72 -3.97 -2.48
CA GLN A 43 -1.70 -4.97 -2.07
C GLN A 43 -3.06 -4.31 -1.80
N LYS A 44 -3.44 -3.38 -2.67
CA LYS A 44 -4.71 -2.68 -2.53
C LYS A 44 -5.69 -3.09 -3.63
N GLU A 45 -6.49 -4.11 -3.34
CA GLU A 45 -7.48 -4.60 -4.31
C GLU A 45 -8.90 -4.30 -3.83
N ASN A 46 -9.83 -4.29 -4.78
CA ASN A 46 -11.23 -4.02 -4.46
C ASN A 46 -12.02 -5.31 -4.31
N PRO A 47 -12.30 -5.69 -3.06
CA PRO A 47 -13.05 -6.91 -2.74
C PRO A 47 -14.52 -6.81 -3.15
N LEU A 48 -15.17 -5.72 -2.74
CA LEU A 48 -16.57 -5.50 -3.06
C LEU A 48 -16.91 -4.02 -3.05
N ASN A 49 -18.02 -3.66 -3.69
CA ASN A 49 -18.46 -2.27 -3.76
C ASN A 49 -19.43 -1.95 -2.62
N GLY A 50 -19.62 -0.66 -2.36
CA GLY A 50 -20.51 -0.24 -1.30
C GLY A 50 -19.79 0.41 -0.14
N ALA A 51 -20.37 1.49 0.38
CA ALA A 51 -19.77 2.20 1.50
C ALA A 51 -20.42 1.80 2.81
N SER A 52 -20.65 0.50 2.98
CA SER A 52 -21.27 -0.02 4.20
C SER A 52 -20.22 -0.59 5.14
N LEU A 53 -20.37 -0.29 6.42
CA LEU A 53 -19.43 -0.78 7.43
C LEU A 53 -19.04 -2.23 7.16
N SER A 54 -17.80 -2.57 7.48
CA SER A 54 -17.30 -3.92 7.27
C SER A 54 -16.82 -4.53 8.58
N TRP A 55 -16.92 -5.85 8.68
CA TRP A 55 -16.51 -6.56 9.89
C TRP A 55 -15.28 -5.91 10.50
N LYS A 56 -14.32 -5.55 9.65
CA LYS A 56 -13.08 -4.92 10.11
C LYS A 56 -13.31 -3.43 10.37
N LEU A 57 -13.54 -3.08 11.64
CA LEU A 57 -13.76 -1.69 12.01
C LEU A 57 -12.61 -0.81 11.55
N ASN A 58 -12.95 0.36 11.01
CA ASN A 58 -11.94 1.30 10.53
C ASN A 58 -11.79 2.47 11.49
N LYS A 59 -10.98 2.28 12.53
CA LYS A 59 -10.74 3.32 13.52
C LYS A 59 -9.27 3.37 13.91
N GLN A 60 -8.71 4.58 13.93
CA GLN A 60 -7.31 4.77 14.29
C GLN A 60 -6.98 6.26 14.42
N GLU A 61 -5.86 6.55 15.08
CA GLU A 61 -5.43 7.92 15.28
C GLU A 61 -4.43 8.34 14.21
N LEU A 62 -4.68 9.48 13.58
CA LEU A 62 -3.80 10.00 12.54
C LEU A 62 -3.00 11.19 13.03
N PRO A 63 -1.79 11.36 12.50
CA PRO A 63 -0.90 12.47 12.88
C PRO A 63 -1.41 13.81 12.36
N HIS A 64 -1.19 14.86 13.14
CA HIS A 64 -1.62 16.21 12.77
C HIS A 64 -0.80 16.73 11.59
N CYS A 65 -1.14 17.92 11.12
CA CYS A 65 -0.44 18.54 9.99
C CYS A 65 1.06 18.34 10.13
N PRO A 66 1.69 17.83 9.06
CA PRO A 66 3.13 17.59 9.02
C PRO A 66 3.94 18.89 9.00
N LEU A 67 3.52 19.83 8.17
CA LEU A 67 4.20 21.12 8.05
C LEU A 67 4.52 21.68 9.43
N PRO A 68 5.78 22.11 9.62
CA PRO A 68 6.24 22.68 10.89
C PRO A 68 5.64 24.06 11.15
N GLY A 69 5.72 24.94 10.16
CA GLY A 69 5.17 26.27 10.31
C GLY A 69 3.67 26.27 10.50
N CYS A 70 2.98 25.39 9.78
CA CYS A 70 1.53 25.29 9.86
C CYS A 70 1.11 24.85 11.25
N ASN A 71 0.25 25.64 11.89
CA ASN A 71 -0.23 25.34 13.24
C ASN A 71 -1.44 24.40 13.17
N GLY A 72 -1.43 23.50 12.19
CA GLY A 72 -2.53 22.56 12.04
C GLY A 72 -3.88 23.24 12.11
N LEU A 73 -3.98 24.43 11.56
CA LEU A 73 -5.22 25.19 11.57
C LEU A 73 -5.62 25.60 10.15
N GLY A 74 -6.87 25.35 9.79
CA GLY A 74 -7.35 25.71 8.46
C GLY A 74 -7.86 24.51 7.69
N HIS A 75 -8.17 24.72 6.42
CA HIS A 75 -8.67 23.64 5.57
C HIS A 75 -8.81 24.11 4.13
N VAL A 76 -8.36 23.28 3.19
CA VAL A 76 -8.43 23.61 1.78
C VAL A 76 -9.86 23.85 1.34
N ASN A 77 -10.81 23.22 2.04
CA ASN A 77 -12.22 23.37 1.72
C ASN A 77 -12.69 24.80 1.99
N ASN A 78 -12.01 25.48 2.92
CA ASN A 78 -12.36 26.85 3.26
C ASN A 78 -13.72 26.90 3.96
N VAL A 79 -14.03 25.86 4.73
CA VAL A 79 -15.29 25.80 5.45
C VAL A 79 -15.06 25.55 6.94
N PHE A 80 -13.97 24.85 7.25
CA PHE A 80 -13.64 24.53 8.63
C PHE A 80 -12.39 25.28 9.08
N VAL A 81 -12.04 25.14 10.35
CA VAL A 81 -10.86 25.81 10.90
C VAL A 81 -9.91 24.81 11.54
N THR A 82 -9.84 23.61 10.98
CA THR A 82 -8.98 22.56 11.49
C THR A 82 -8.61 21.56 10.40
N HIS A 83 -7.50 20.85 10.61
CA HIS A 83 -7.04 19.87 9.64
C HIS A 83 -5.85 19.08 10.19
N ARG A 84 -5.90 17.76 10.05
CA ARG A 84 -4.83 16.90 10.54
C ARG A 84 -4.28 16.03 9.41
N SER A 85 -4.11 16.63 8.24
CA SER A 85 -3.59 15.91 7.08
C SER A 85 -3.12 16.88 6.01
N LEU A 86 -2.30 16.38 5.08
CA LEU A 86 -1.77 17.20 4.01
C LEU A 86 -2.88 17.67 3.08
N SER A 87 -3.59 16.72 2.49
CA SER A 87 -4.70 17.03 1.58
C SER A 87 -5.53 18.18 2.13
N GLY A 88 -5.80 18.14 3.43
CA GLY A 88 -6.60 19.19 4.06
C GLY A 88 -5.82 20.46 4.26
N CYS A 89 -4.53 20.33 4.59
CA CYS A 89 -3.68 21.48 4.81
C CYS A 89 -3.80 22.48 3.66
N PRO A 90 -4.36 23.67 3.97
CA PRO A 90 -4.54 24.73 2.98
C PRO A 90 -3.22 25.36 2.55
N LEU A 91 -2.25 25.38 3.46
CA LEU A 91 -0.95 25.95 3.17
C LEU A 91 -0.12 25.01 2.30
N ASN A 92 -0.43 23.72 2.37
CA ASN A 92 0.28 22.72 1.58
C ASN A 92 -0.27 22.65 0.17
N ALA A 93 -1.60 22.72 0.05
CA ALA A 93 -2.25 22.66 -1.24
C ALA A 93 -1.51 23.51 -2.28
N GLN A 94 -1.38 24.80 -1.99
CA GLN A 94 -0.69 25.71 -2.90
C GLN A 94 0.56 25.06 -3.47
N VAL A 95 1.30 24.36 -2.63
CA VAL A 95 2.52 23.68 -3.05
C VAL A 95 2.25 22.74 -4.22
N ILE A 96 1.51 21.68 -3.96
CA ILE A 96 1.17 20.70 -4.99
C ILE A 96 0.98 21.37 -6.34
N LYS A 97 0.26 22.49 -6.35
CA LYS A 97 0.00 23.23 -7.57
C LYS A 97 1.22 23.22 -8.48
N LYS A 98 0.99 23.03 -9.78
CA LYS A 98 2.07 23.00 -10.76
C LYS A 98 1.73 23.86 -11.98
N GLY A 99 2.66 23.92 -12.93
CA GLY A 99 2.43 24.71 -14.13
C GLY A 99 3.73 25.20 -14.74
N LYS A 100 3.99 26.50 -14.62
CA LYS A 100 5.20 27.10 -15.17
C LYS A 100 6.17 27.48 -14.06
N VAL A 101 7.38 26.94 -14.13
CA VAL A 101 8.40 27.23 -13.13
C VAL A 101 9.45 28.21 -13.67
N SER A 102 9.56 28.26 -15.00
CA SER A 102 10.53 29.14 -15.64
C SER A 102 10.33 30.58 -15.17
N SER A 103 9.08 31.03 -15.11
CA SER A 103 8.77 32.38 -14.69
C SER A 103 8.03 32.37 -13.35
N GLY A 104 8.61 33.04 -12.35
CA GLY A 104 7.99 33.10 -11.04
C GLY A 104 8.59 34.18 -10.17
N PRO A 105 7.78 35.20 -9.83
CA PRO A 105 8.21 36.31 -8.99
C PRO A 105 8.46 35.89 -7.54
N SER A 106 8.25 34.61 -7.26
CA SER A 106 8.45 34.07 -5.92
C SER A 106 9.61 33.09 -5.88
N SER A 107 10.51 33.29 -4.92
CA SER A 107 11.68 32.43 -4.78
C SER A 107 11.27 31.03 -4.31
N GLY A 108 11.59 30.03 -5.11
CA GLY A 108 11.24 28.66 -4.76
C GLY A 108 11.77 27.65 -5.75
N GLY A 1 28.73 -30.06 -6.60
CA GLY A 1 29.14 -29.21 -5.49
C GLY A 1 27.98 -28.39 -4.93
N SER A 2 28.25 -27.68 -3.84
CA SER A 2 27.22 -26.85 -3.20
C SER A 2 27.53 -25.37 -3.39
N SER A 3 26.49 -24.54 -3.32
CA SER A 3 26.64 -23.11 -3.48
C SER A 3 27.07 -22.45 -2.18
N GLY A 4 27.68 -21.27 -2.28
CA GLY A 4 28.13 -20.57 -1.10
C GLY A 4 28.13 -19.06 -1.28
N SER A 5 27.61 -18.34 -0.29
CA SER A 5 27.54 -16.88 -0.35
C SER A 5 28.03 -16.26 0.94
N SER A 6 28.11 -14.93 0.96
CA SER A 6 28.57 -14.21 2.15
C SER A 6 28.22 -12.73 2.05
N GLY A 7 27.84 -12.15 3.18
CA GLY A 7 27.47 -10.74 3.21
C GLY A 7 26.20 -10.49 3.99
N PRO A 8 26.35 -10.23 5.30
CA PRO A 8 25.23 -9.96 6.19
C PRO A 8 24.56 -8.62 5.91
N GLU A 9 23.37 -8.66 5.33
CA GLU A 9 22.63 -7.45 5.00
C GLU A 9 21.19 -7.78 4.61
N LEU A 10 20.24 -7.03 5.18
CA LEU A 10 18.83 -7.24 4.89
C LEU A 10 18.15 -5.93 4.52
N LYS A 11 17.52 -5.91 3.35
CA LYS A 11 16.82 -4.72 2.88
C LYS A 11 15.48 -5.09 2.23
N CYS A 12 14.59 -4.12 2.17
CA CYS A 12 13.26 -4.34 1.58
C CYS A 12 13.34 -5.30 0.40
N PRO A 13 12.92 -6.55 0.63
CA PRO A 13 12.93 -7.59 -0.41
C PRO A 13 11.91 -7.34 -1.51
N VAL A 14 10.96 -6.44 -1.23
CA VAL A 14 9.92 -6.10 -2.20
C VAL A 14 10.53 -5.45 -3.44
N ILE A 15 10.67 -6.24 -4.50
CA ILE A 15 11.23 -5.74 -5.76
C ILE A 15 10.65 -4.38 -6.12
N GLY A 16 11.42 -3.59 -6.84
CA GLY A 16 10.95 -2.27 -7.26
C GLY A 16 11.10 -1.24 -6.15
N CYS A 17 10.85 -1.65 -4.92
CA CYS A 17 10.94 -0.76 -3.77
C CYS A 17 12.40 -0.50 -3.42
N ASP A 18 12.68 0.69 -2.89
CA ASP A 18 14.04 1.07 -2.51
C ASP A 18 14.15 1.20 -0.99
N GLY A 19 13.33 0.43 -0.27
CA GLY A 19 13.36 0.48 1.18
C GLY A 19 13.32 1.90 1.71
N GLN A 20 12.45 2.73 1.13
CA GLN A 20 12.32 4.11 1.54
C GLN A 20 10.92 4.39 2.10
N GLY A 21 10.87 5.01 3.27
CA GLY A 21 9.60 5.32 3.90
C GLY A 21 9.19 4.28 4.91
N HIS A 22 7.93 4.33 5.34
CA HIS A 22 7.41 3.38 6.32
C HIS A 22 5.89 3.32 6.27
N ILE A 23 5.34 2.11 6.32
CA ILE A 23 3.89 1.93 6.28
C ILE A 23 3.22 2.68 7.43
N SER A 24 4.02 3.09 8.41
CA SER A 24 3.48 3.81 9.56
C SER A 24 3.58 5.32 9.34
N GLY A 25 4.64 5.75 8.67
CA GLY A 25 4.83 7.16 8.41
C GLY A 25 5.87 7.79 9.32
N LYS A 26 5.82 7.43 10.60
CA LYS A 26 6.76 7.96 11.58
C LYS A 26 8.19 7.83 11.09
N TYR A 27 8.56 6.61 10.68
CA TYR A 27 9.91 6.36 10.19
C TYR A 27 10.01 6.65 8.70
N THR A 28 11.17 7.16 8.28
CA THR A 28 11.40 7.49 6.88
C THR A 28 12.29 6.45 6.21
N SER A 29 12.11 5.18 6.59
CA SER A 29 12.91 4.10 6.03
C SER A 29 12.39 2.74 6.50
N HIS A 30 12.77 1.70 5.80
CA HIS A 30 12.34 0.35 6.15
C HIS A 30 13.21 -0.70 5.45
N ARG A 31 13.40 -1.84 6.10
CA ARG A 31 14.22 -2.92 5.54
C ARG A 31 13.50 -4.25 5.67
N THR A 32 12.17 -4.21 5.74
CA THR A 32 11.37 -5.42 5.86
C THR A 32 10.02 -5.26 5.18
N ALA A 33 9.54 -6.33 4.57
CA ALA A 33 8.25 -6.31 3.89
C ALA A 33 7.13 -5.88 4.84
N SER A 34 7.22 -6.33 6.09
CA SER A 34 6.21 -6.00 7.09
C SER A 34 6.08 -4.48 7.24
N GLY A 35 7.21 -3.80 7.22
CA GLY A 35 7.20 -2.36 7.36
C GLY A 35 7.32 -1.63 6.02
N CYS A 36 7.17 -2.39 4.94
CA CYS A 36 7.26 -1.82 3.59
C CYS A 36 5.95 -1.19 3.18
N PRO A 37 5.95 0.15 3.06
CA PRO A 37 4.76 0.91 2.67
C PRO A 37 4.37 0.68 1.21
N LEU A 38 5.36 0.38 0.37
CA LEU A 38 5.11 0.13 -1.04
C LEU A 38 4.39 -1.19 -1.24
N ALA A 39 4.54 -2.11 -0.28
CA ALA A 39 3.89 -3.41 -0.34
C ALA A 39 2.41 -3.31 0.02
N ALA A 40 2.11 -2.45 0.99
CA ALA A 40 0.74 -2.26 1.43
C ALA A 40 -0.12 -1.64 0.33
N LYS A 41 0.41 -0.60 -0.30
CA LYS A 41 -0.30 0.09 -1.38
C LYS A 41 -0.90 -0.92 -2.35
N ARG A 42 -0.11 -1.91 -2.74
CA ARG A 42 -0.56 -2.93 -3.68
C ARG A 42 -1.53 -3.90 -2.99
N GLN A 43 -1.18 -4.33 -1.79
CA GLN A 43 -2.01 -5.26 -1.04
C GLN A 43 -2.87 -4.51 -0.03
N LYS A 44 -3.43 -3.38 -0.46
CA LYS A 44 -4.27 -2.57 0.41
C LYS A 44 -5.46 -3.38 0.93
N GLU A 45 -6.26 -3.91 -0.01
CA GLU A 45 -7.42 -4.70 0.35
C GLU A 45 -7.26 -6.15 -0.11
N ASN A 46 -7.13 -6.35 -1.42
CA ASN A 46 -6.96 -7.68 -1.98
C ASN A 46 -5.58 -8.23 -1.67
N PRO A 47 -5.53 -9.35 -0.93
CA PRO A 47 -4.28 -10.00 -0.54
C PRO A 47 -3.58 -10.65 -1.74
N LEU A 48 -4.36 -11.28 -2.60
CA LEU A 48 -3.83 -11.94 -3.79
C LEU A 48 -4.57 -11.51 -5.04
N ASN A 49 -3.94 -10.64 -5.82
CA ASN A 49 -4.55 -10.15 -7.06
C ASN A 49 -4.46 -11.20 -8.16
N GLY A 50 -5.61 -11.51 -8.76
CA GLY A 50 -5.64 -12.50 -9.83
C GLY A 50 -7.03 -12.65 -10.44
N ALA A 51 -7.28 -13.79 -11.05
CA ALA A 51 -8.57 -14.05 -11.68
C ALA A 51 -9.18 -15.36 -11.15
N SER A 52 -10.20 -15.23 -10.32
CA SER A 52 -10.86 -16.40 -9.75
C SER A 52 -12.32 -16.08 -9.41
N LEU A 53 -13.23 -16.74 -10.11
CA LEU A 53 -14.66 -16.53 -9.90
C LEU A 53 -15.31 -17.77 -9.30
N SER A 54 -14.62 -18.40 -8.35
CA SER A 54 -15.12 -19.60 -7.69
C SER A 54 -16.06 -19.24 -6.54
N TRP A 55 -17.34 -19.11 -6.86
CA TRP A 55 -18.34 -18.77 -5.86
C TRP A 55 -19.49 -19.78 -5.87
N LYS A 56 -19.14 -21.06 -5.98
CA LYS A 56 -20.15 -22.12 -6.00
C LYS A 56 -19.91 -23.10 -4.86
N LEU A 57 -18.67 -23.20 -4.41
CA LEU A 57 -18.31 -24.10 -3.33
C LEU A 57 -18.53 -23.44 -1.97
N ASN A 58 -18.10 -22.19 -1.86
CA ASN A 58 -18.26 -21.44 -0.62
C ASN A 58 -19.54 -20.62 -0.62
N LYS A 59 -19.88 -20.06 -1.79
CA LYS A 59 -21.09 -19.26 -1.93
C LYS A 59 -21.37 -18.47 -0.65
N GLN A 60 -20.32 -17.95 -0.04
CA GLN A 60 -20.46 -17.18 1.20
C GLN A 60 -20.00 -15.75 0.99
N GLU A 61 -20.83 -14.79 1.41
CA GLU A 61 -20.51 -13.38 1.27
C GLU A 61 -19.69 -12.89 2.46
N LEU A 62 -18.80 -13.74 2.95
CA LEU A 62 -17.95 -13.40 4.09
C LEU A 62 -16.60 -14.09 4.00
N PRO A 63 -15.52 -13.32 4.18
CA PRO A 63 -14.15 -13.85 4.12
C PRO A 63 -13.83 -14.74 5.31
N HIS A 64 -12.80 -15.57 5.16
CA HIS A 64 -12.39 -16.48 6.22
C HIS A 64 -10.89 -16.35 6.50
N CYS A 65 -10.41 -17.08 7.49
CA CYS A 65 -9.00 -17.04 7.86
C CYS A 65 -8.13 -17.51 6.71
N PRO A 66 -7.03 -16.77 6.45
CA PRO A 66 -6.10 -17.10 5.38
C PRO A 66 -5.29 -18.37 5.66
N LEU A 67 -4.74 -18.44 6.87
CA LEU A 67 -3.96 -19.60 7.27
C LEU A 67 -4.51 -20.89 6.65
N PRO A 68 -3.62 -21.68 6.04
CA PRO A 68 -3.99 -22.95 5.39
C PRO A 68 -4.40 -24.02 6.40
N GLY A 69 -3.88 -23.90 7.62
CA GLY A 69 -4.19 -24.86 8.67
C GLY A 69 -5.35 -24.41 9.53
N CYS A 70 -5.81 -23.17 9.32
CA CYS A 70 -6.92 -22.63 10.09
C CYS A 70 -8.21 -22.65 9.27
N ASN A 71 -9.27 -23.13 9.88
CA ASN A 71 -10.57 -23.21 9.22
C ASN A 71 -11.35 -21.91 9.39
N GLY A 72 -11.14 -21.25 10.52
CA GLY A 72 -11.83 -19.99 10.79
C GLY A 72 -12.66 -20.05 12.06
N LEU A 73 -12.29 -20.95 12.96
CA LEU A 73 -13.00 -21.11 14.22
C LEU A 73 -12.08 -20.85 15.41
N GLY A 74 -12.46 -19.89 16.26
CA GLY A 74 -11.66 -19.57 17.42
C GLY A 74 -11.24 -18.12 17.44
N HIS A 75 -10.83 -17.63 18.62
CA HIS A 75 -10.40 -16.25 18.76
C HIS A 75 -9.22 -16.15 19.72
N VAL A 76 -8.30 -15.23 19.43
CA VAL A 76 -7.12 -15.03 20.26
C VAL A 76 -7.51 -14.56 21.66
N ASN A 77 -8.64 -13.88 21.74
CA ASN A 77 -9.12 -13.36 23.03
C ASN A 77 -9.81 -14.46 23.83
N ASN A 78 -9.78 -15.69 23.29
CA ASN A 78 -10.40 -16.83 23.96
C ASN A 78 -11.79 -16.47 24.46
N VAL A 79 -12.58 -15.81 23.61
CA VAL A 79 -13.93 -15.42 23.97
C VAL A 79 -14.92 -15.81 22.88
N PHE A 80 -14.61 -15.41 21.64
CA PHE A 80 -15.46 -15.71 20.51
C PHE A 80 -15.11 -17.05 19.89
N VAL A 81 -15.97 -17.54 19.00
CA VAL A 81 -15.75 -18.82 18.34
C VAL A 81 -15.65 -18.66 16.83
N THR A 82 -15.22 -17.48 16.40
CA THR A 82 -15.10 -17.19 14.98
C THR A 82 -14.16 -16.00 14.74
N HIS A 83 -13.60 -15.93 13.54
CA HIS A 83 -12.68 -14.85 13.18
C HIS A 83 -12.40 -14.85 11.68
N ARG A 84 -12.66 -13.72 11.04
CA ARG A 84 -12.42 -13.59 9.60
C ARG A 84 -11.22 -12.69 9.32
N SER A 85 -10.24 -12.73 10.22
CA SER A 85 -9.03 -11.93 10.07
C SER A 85 -7.91 -12.45 10.96
N LEU A 86 -6.70 -12.52 10.41
CA LEU A 86 -5.55 -13.00 11.14
C LEU A 86 -5.53 -12.43 12.56
N SER A 87 -5.77 -11.13 12.67
CA SER A 87 -5.78 -10.46 13.96
C SER A 87 -6.47 -11.32 15.02
N GLY A 88 -7.65 -11.83 14.67
CA GLY A 88 -8.40 -12.67 15.60
C GLY A 88 -8.15 -14.14 15.37
N CYS A 89 -6.92 -14.48 15.02
CA CYS A 89 -6.55 -15.87 14.78
C CYS A 89 -5.69 -16.42 15.92
N PRO A 90 -6.25 -17.35 16.70
CA PRO A 90 -5.56 -17.97 17.83
C PRO A 90 -4.42 -18.88 17.38
N LEU A 91 -4.59 -19.49 16.21
CA LEU A 91 -3.57 -20.39 15.67
C LEU A 91 -2.35 -19.61 15.18
N ASN A 92 -2.61 -18.43 14.62
CA ASN A 92 -1.53 -17.58 14.11
C ASN A 92 -0.77 -16.92 15.26
N ALA A 93 -1.51 -16.37 16.21
CA ALA A 93 -0.91 -15.71 17.36
C ALA A 93 0.21 -16.55 17.96
N GLN A 94 -0.14 -17.77 18.36
CA GLN A 94 0.84 -18.69 18.94
C GLN A 94 2.01 -18.91 18.00
N VAL A 95 1.78 -18.72 16.71
CA VAL A 95 2.82 -18.90 15.70
C VAL A 95 3.72 -17.67 15.61
N ILE A 96 3.11 -16.49 15.75
CA ILE A 96 3.85 -15.24 15.69
C ILE A 96 5.14 -15.33 16.49
N LYS A 97 5.01 -15.52 17.80
CA LYS A 97 6.18 -15.62 18.68
C LYS A 97 7.22 -14.58 18.32
N LYS A 98 6.79 -13.33 18.19
CA LYS A 98 7.70 -12.24 17.84
C LYS A 98 7.04 -10.89 18.12
N GLY A 99 7.85 -9.83 18.08
CA GLY A 99 7.34 -8.49 18.32
C GLY A 99 8.40 -7.43 18.19
N LYS A 100 8.16 -6.28 18.81
CA LYS A 100 9.11 -5.17 18.74
C LYS A 100 9.33 -4.57 20.13
N VAL A 101 10.54 -4.09 20.38
CA VAL A 101 10.89 -3.49 21.66
C VAL A 101 11.27 -2.03 21.51
N SER A 102 10.63 -1.16 22.28
CA SER A 102 10.91 0.27 22.22
C SER A 102 12.41 0.54 22.14
N SER A 103 12.81 1.29 21.13
CA SER A 103 14.22 1.62 20.94
C SER A 103 14.58 2.93 21.63
N GLY A 104 13.74 3.93 21.44
CA GLY A 104 13.98 5.23 22.04
C GLY A 104 12.71 6.04 22.19
N PRO A 105 12.68 6.91 23.21
CA PRO A 105 11.52 7.77 23.49
C PRO A 105 11.34 8.85 22.44
N SER A 106 10.15 8.92 21.85
CA SER A 106 9.86 9.92 20.82
C SER A 106 8.70 10.82 21.26
N SER A 107 8.99 12.12 21.36
CA SER A 107 7.98 13.09 21.77
C SER A 107 7.57 13.98 20.60
N GLY A 108 6.59 14.83 20.83
CA GLY A 108 6.11 15.73 19.78
C GLY A 108 5.61 17.05 20.34
N GLY A 1 51.56 -11.66 8.47
CA GLY A 1 50.23 -11.84 9.01
C GLY A 1 49.13 -11.49 8.02
N SER A 2 47.98 -12.11 8.18
CA SER A 2 46.85 -11.87 7.28
C SER A 2 45.52 -11.98 8.03
N SER A 3 44.54 -11.18 7.62
CA SER A 3 43.24 -11.19 8.25
C SER A 3 42.15 -10.74 7.28
N GLY A 4 40.89 -10.92 7.67
CA GLY A 4 39.79 -10.53 6.81
C GLY A 4 38.50 -10.32 7.59
N SER A 5 37.60 -9.51 7.04
CA SER A 5 36.33 -9.24 7.68
C SER A 5 35.24 -8.95 6.65
N SER A 6 33.99 -9.16 7.04
CA SER A 6 32.86 -8.92 6.15
C SER A 6 31.54 -9.07 6.90
N GLY A 7 30.51 -8.38 6.42
CA GLY A 7 29.20 -8.45 7.05
C GLY A 7 28.07 -8.34 6.05
N PRO A 8 27.03 -9.16 6.25
CA PRO A 8 25.86 -9.17 5.36
C PRO A 8 25.01 -7.90 5.49
N GLU A 9 24.15 -7.66 4.52
CA GLU A 9 23.29 -6.48 4.52
C GLU A 9 21.86 -6.85 4.16
N LEU A 10 20.91 -6.22 4.85
CA LEU A 10 19.49 -6.49 4.59
C LEU A 10 18.75 -5.20 4.25
N LYS A 11 17.61 -5.33 3.59
CA LYS A 11 16.81 -4.18 3.20
C LYS A 11 15.49 -4.63 2.57
N CYS A 12 14.57 -3.69 2.41
CA CYS A 12 13.27 -3.97 1.82
C CYS A 12 13.38 -5.05 0.75
N PRO A 13 12.93 -6.27 1.08
CA PRO A 13 12.98 -7.41 0.17
C PRO A 13 11.99 -7.27 -0.99
N VAL A 14 11.09 -6.30 -0.87
CA VAL A 14 10.10 -6.06 -1.91
C VAL A 14 10.74 -5.43 -3.15
N ILE A 15 10.88 -6.23 -4.20
CA ILE A 15 11.48 -5.76 -5.44
C ILE A 15 10.73 -4.55 -5.98
N GLY A 16 11.45 -3.69 -6.70
CA GLY A 16 10.82 -2.52 -7.28
C GLY A 16 10.76 -1.36 -6.30
N CYS A 17 10.62 -1.68 -5.02
CA CYS A 17 10.55 -0.65 -3.98
C CYS A 17 11.90 0.02 -3.78
N ASP A 18 11.89 1.20 -3.17
CA ASP A 18 13.11 1.94 -2.91
C ASP A 18 13.66 1.63 -1.53
N GLY A 19 12.78 1.19 -0.64
CA GLY A 19 13.20 0.87 0.72
C GLY A 19 13.01 2.03 1.67
N GLN A 20 12.99 3.25 1.12
CA GLN A 20 12.82 4.45 1.93
C GLN A 20 11.36 4.63 2.33
N GLY A 21 11.15 5.07 3.57
CA GLY A 21 9.80 5.29 4.05
C GLY A 21 9.37 4.25 5.06
N HIS A 22 8.07 4.20 5.34
CA HIS A 22 7.53 3.24 6.31
C HIS A 22 6.01 3.22 6.26
N ILE A 23 5.44 2.02 6.14
CA ILE A 23 4.00 1.87 6.08
C ILE A 23 3.31 2.68 7.17
N SER A 24 4.05 2.96 8.24
CA SER A 24 3.51 3.72 9.35
C SER A 24 3.59 5.23 9.07
N GLY A 25 4.69 5.65 8.46
CA GLY A 25 4.87 7.05 8.14
C GLY A 25 5.90 7.72 9.02
N LYS A 26 5.87 7.40 10.32
CA LYS A 26 6.81 7.97 11.28
C LYS A 26 8.24 7.77 10.81
N TYR A 27 8.62 6.51 10.59
CA TYR A 27 9.97 6.18 10.15
C TYR A 27 10.15 6.47 8.66
N THR A 28 11.34 6.90 8.28
CA THR A 28 11.64 7.21 6.88
C THR A 28 12.51 6.14 6.26
N SER A 29 12.32 4.90 6.70
CA SER A 29 13.09 3.77 6.18
C SER A 29 12.50 2.44 6.64
N HIS A 30 12.73 1.40 5.85
CA HIS A 30 12.21 0.07 6.18
C HIS A 30 13.06 -1.01 5.52
N ARG A 31 13.34 -2.08 6.27
CA ARG A 31 14.14 -3.18 5.76
C ARG A 31 13.39 -4.51 5.90
N THR A 32 12.07 -4.42 5.95
CA THR A 32 11.24 -5.62 6.09
C THR A 32 9.91 -5.43 5.37
N ALA A 33 9.52 -6.43 4.59
CA ALA A 33 8.27 -6.39 3.84
C ALA A 33 7.12 -5.90 4.73
N SER A 34 7.11 -6.37 5.97
CA SER A 34 6.07 -5.97 6.92
C SER A 34 6.03 -4.46 7.10
N GLY A 35 7.22 -3.85 7.08
CA GLY A 35 7.30 -2.40 7.24
C GLY A 35 7.40 -1.68 5.91
N CYS A 36 7.20 -2.40 4.82
CA CYS A 36 7.27 -1.82 3.48
C CYS A 36 5.96 -1.16 3.12
N PRO A 37 6.00 0.17 2.95
CA PRO A 37 4.81 0.96 2.58
C PRO A 37 4.35 0.69 1.15
N LEU A 38 5.30 0.38 0.27
CA LEU A 38 4.99 0.11 -1.12
C LEU A 38 4.19 -1.19 -1.25
N ALA A 39 4.53 -2.17 -0.42
CA ALA A 39 3.84 -3.46 -0.44
C ALA A 39 2.37 -3.31 -0.07
N ALA A 40 2.10 -2.44 0.90
CA ALA A 40 0.74 -2.20 1.35
C ALA A 40 -0.17 -1.80 0.19
N LYS A 41 0.35 -0.93 -0.67
CA LYS A 41 -0.40 -0.46 -1.83
C LYS A 41 -0.51 -1.57 -2.88
N ARG A 42 0.63 -2.04 -3.35
CA ARG A 42 0.65 -3.10 -4.36
C ARG A 42 -0.33 -4.21 -4.02
N GLN A 43 -0.35 -4.59 -2.75
CA GLN A 43 -1.24 -5.66 -2.28
C GLN A 43 -2.56 -5.62 -3.06
N LYS A 44 -3.12 -4.43 -3.22
CA LYS A 44 -4.38 -4.27 -3.93
C LYS A 44 -4.37 -5.05 -5.23
N GLU A 45 -3.40 -4.76 -6.09
CA GLU A 45 -3.28 -5.45 -7.38
C GLU A 45 -4.66 -5.78 -7.94
N ASN A 46 -5.52 -4.76 -8.03
CA ASN A 46 -6.87 -4.94 -8.55
C ASN A 46 -6.93 -4.56 -10.02
N PRO A 47 -7.06 -5.56 -10.90
CA PRO A 47 -7.14 -5.34 -12.34
C PRO A 47 -8.45 -4.70 -12.76
N LEU A 48 -9.30 -4.41 -11.79
CA LEU A 48 -10.59 -3.77 -12.05
C LEU A 48 -10.48 -2.78 -13.21
N ASN A 49 -9.67 -1.75 -13.02
CA ASN A 49 -9.47 -0.73 -14.04
C ASN A 49 -9.51 -1.35 -15.44
N GLY A 50 -10.52 -0.97 -16.22
CA GLY A 50 -10.66 -1.50 -17.56
C GLY A 50 -11.80 -2.48 -17.69
N ALA A 51 -13.02 -1.95 -17.86
CA ALA A 51 -14.20 -2.79 -17.99
C ALA A 51 -15.11 -2.29 -19.11
N SER A 52 -15.22 -3.08 -20.17
CA SER A 52 -16.06 -2.72 -21.31
C SER A 52 -16.67 -3.95 -21.96
N LEU A 53 -17.68 -3.73 -22.80
CA LEU A 53 -18.34 -4.83 -23.49
C LEU A 53 -17.33 -5.77 -24.13
N SER A 54 -16.35 -5.20 -24.82
CA SER A 54 -15.31 -5.98 -25.48
C SER A 54 -13.92 -5.45 -25.15
N TRP A 55 -13.05 -6.34 -24.70
CA TRP A 55 -11.69 -5.95 -24.34
C TRP A 55 -11.12 -4.97 -25.35
N LYS A 56 -11.26 -5.29 -26.63
CA LYS A 56 -10.75 -4.43 -27.70
C LYS A 56 -11.89 -3.98 -28.61
N LEU A 57 -12.37 -2.76 -28.38
CA LEU A 57 -13.46 -2.21 -29.18
C LEU A 57 -13.00 -1.96 -30.62
N ASN A 58 -11.88 -1.26 -30.77
CA ASN A 58 -11.34 -0.97 -32.09
C ASN A 58 -10.82 -2.24 -32.76
N LYS A 59 -10.97 -2.31 -34.08
CA LYS A 59 -10.51 -3.46 -34.85
C LYS A 59 -9.12 -3.21 -35.43
N GLN A 60 -8.93 -2.03 -36.01
CA GLN A 60 -7.66 -1.67 -36.61
C GLN A 60 -7.19 -0.31 -36.13
N GLU A 61 -8.15 0.60 -35.91
CA GLU A 61 -7.85 1.95 -35.46
C GLU A 61 -7.06 1.91 -34.15
N LEU A 62 -5.79 2.31 -34.22
CA LEU A 62 -4.93 2.32 -33.05
C LEU A 62 -5.60 3.05 -31.89
N PRO A 63 -5.37 2.56 -30.66
CA PRO A 63 -5.93 3.15 -29.45
C PRO A 63 -5.32 4.51 -29.12
N HIS A 64 -5.76 5.11 -28.02
CA HIS A 64 -5.26 6.41 -27.61
C HIS A 64 -5.84 6.81 -26.25
N CYS A 65 -5.22 7.80 -25.61
CA CYS A 65 -5.68 8.28 -24.32
C CYS A 65 -7.03 8.99 -24.44
N PRO A 66 -8.00 8.57 -23.61
CA PRO A 66 -9.33 9.15 -23.61
C PRO A 66 -9.34 10.58 -23.06
N LEU A 67 -8.57 10.81 -22.01
CA LEU A 67 -8.49 12.13 -21.39
C LEU A 67 -8.24 13.21 -22.44
N PRO A 68 -9.03 14.29 -22.38
CA PRO A 68 -8.90 15.41 -23.32
C PRO A 68 -7.62 16.21 -23.10
N GLY A 69 -7.38 16.60 -21.86
CA GLY A 69 -6.19 17.37 -21.55
C GLY A 69 -4.91 16.61 -21.84
N CYS A 70 -4.91 15.32 -21.55
CA CYS A 70 -3.74 14.48 -21.79
C CYS A 70 -3.45 14.37 -23.28
N ASN A 71 -2.17 14.32 -23.62
CA ASN A 71 -1.76 14.22 -25.02
C ASN A 71 -1.17 12.84 -25.32
N GLY A 72 -1.72 11.82 -24.66
CA GLY A 72 -1.24 10.47 -24.87
C GLY A 72 0.27 10.35 -24.70
N LEU A 73 0.82 11.12 -23.77
CA LEU A 73 2.25 11.11 -23.50
C LEU A 73 2.53 10.81 -22.03
N GLY A 74 3.55 10.00 -21.78
CA GLY A 74 3.90 9.67 -20.41
C GLY A 74 3.41 8.29 -20.01
N HIS A 75 3.57 7.96 -18.73
CA HIS A 75 3.13 6.66 -18.22
C HIS A 75 3.13 6.65 -16.70
N VAL A 76 2.20 5.89 -16.12
CA VAL A 76 2.09 5.80 -14.66
C VAL A 76 3.36 5.24 -14.04
N ASN A 77 3.79 4.08 -14.55
CA ASN A 77 5.01 3.44 -14.04
C ASN A 77 6.16 4.43 -13.98
N ASN A 78 6.06 5.51 -14.77
CA ASN A 78 7.10 6.53 -14.80
C ASN A 78 8.42 5.94 -15.30
N VAL A 79 8.34 5.12 -16.35
CA VAL A 79 9.52 4.50 -16.93
C VAL A 79 9.58 4.74 -18.44
N PHE A 80 8.42 4.89 -19.06
CA PHE A 80 8.34 5.11 -20.49
C PHE A 80 7.88 6.54 -20.79
N VAL A 81 7.68 6.83 -22.08
CA VAL A 81 7.25 8.15 -22.50
C VAL A 81 6.05 8.06 -23.45
N THR A 82 5.21 7.05 -23.24
CA THR A 82 4.03 6.84 -24.07
C THR A 82 2.99 6.00 -23.34
N HIS A 83 1.75 6.07 -23.82
CA HIS A 83 0.66 5.30 -23.22
C HIS A 83 -0.61 5.44 -24.04
N ARG A 84 -1.24 4.32 -24.35
CA ARG A 84 -2.47 4.31 -25.13
C ARG A 84 -3.62 3.66 -24.35
N SER A 85 -3.73 4.02 -23.08
CA SER A 85 -4.78 3.48 -22.22
C SER A 85 -4.83 4.22 -20.89
N LEU A 86 -5.96 4.08 -20.19
CA LEU A 86 -6.14 4.75 -18.90
C LEU A 86 -5.18 4.19 -17.86
N SER A 87 -5.28 2.89 -17.61
CA SER A 87 -4.42 2.23 -16.63
C SER A 87 -2.98 2.73 -16.75
N GLY A 88 -2.58 3.05 -17.98
CA GLY A 88 -1.23 3.53 -18.22
C GLY A 88 -1.10 5.03 -18.05
N CYS A 89 -2.19 5.75 -18.33
CA CYS A 89 -2.20 7.20 -18.21
C CYS A 89 -1.75 7.63 -16.82
N PRO A 90 -0.64 8.38 -16.76
CA PRO A 90 -0.08 8.87 -15.50
C PRO A 90 -0.96 9.95 -14.86
N LEU A 91 -1.57 10.78 -15.70
CA LEU A 91 -2.44 11.84 -15.21
C LEU A 91 -3.74 11.28 -14.63
N ASN A 92 -4.29 10.27 -15.29
CA ASN A 92 -5.52 9.64 -14.84
C ASN A 92 -5.33 9.00 -13.47
N ALA A 93 -4.24 8.26 -13.32
CA ALA A 93 -3.94 7.59 -12.06
C ALA A 93 -3.88 8.59 -10.90
N GLN A 94 -3.26 9.74 -11.15
CA GLN A 94 -3.14 10.77 -10.13
C GLN A 94 -4.52 11.29 -9.71
N VAL A 95 -5.36 11.57 -10.70
CA VAL A 95 -6.71 12.08 -10.43
C VAL A 95 -7.49 11.11 -9.54
N ILE A 96 -7.41 9.83 -9.86
CA ILE A 96 -8.11 8.80 -9.08
C ILE A 96 -7.79 8.94 -7.60
N LYS A 97 -8.84 9.04 -6.79
CA LYS A 97 -8.68 9.18 -5.35
C LYS A 97 -10.02 8.97 -4.63
N LYS A 98 -10.02 8.10 -3.62
CA LYS A 98 -11.23 7.82 -2.86
C LYS A 98 -12.42 7.65 -3.78
N GLY A 99 -12.21 6.99 -4.91
CA GLY A 99 -13.29 6.76 -5.85
C GLY A 99 -14.33 5.79 -5.34
N LYS A 100 -14.84 4.94 -6.24
CA LYS A 100 -15.84 3.95 -5.87
C LYS A 100 -15.20 2.76 -5.16
N VAL A 101 -15.63 2.51 -3.93
CA VAL A 101 -15.09 1.40 -3.14
C VAL A 101 -16.22 0.52 -2.60
N SER A 102 -15.85 -0.62 -2.03
CA SER A 102 -16.82 -1.55 -1.47
C SER A 102 -17.44 -0.99 -0.19
N SER A 103 -18.56 -1.56 0.21
CA SER A 103 -19.25 -1.12 1.42
C SER A 103 -19.18 -2.20 2.51
N GLY A 104 -19.65 -1.86 3.70
CA GLY A 104 -19.64 -2.80 4.81
C GLY A 104 -21.03 -3.22 5.23
N PRO A 105 -21.20 -4.51 5.55
CA PRO A 105 -22.48 -5.07 5.98
C PRO A 105 -22.90 -4.56 7.36
N SER A 106 -24.16 -4.12 7.46
CA SER A 106 -24.67 -3.61 8.73
C SER A 106 -24.98 -4.76 9.68
N SER A 107 -24.25 -4.80 10.80
CA SER A 107 -24.45 -5.84 11.79
C SER A 107 -25.91 -6.25 11.88
N GLY A 108 -26.77 -5.29 12.19
CA GLY A 108 -28.19 -5.55 12.30
C GLY A 108 -28.70 -6.42 11.17
N GLY A 1 24.43 -12.77 25.32
CA GLY A 1 23.63 -12.92 24.12
C GLY A 1 24.19 -12.13 22.94
N SER A 2 24.99 -12.80 22.12
CA SER A 2 25.59 -12.16 20.96
C SER A 2 25.79 -13.16 19.82
N SER A 3 24.97 -13.04 18.79
CA SER A 3 25.06 -13.94 17.64
C SER A 3 24.49 -13.28 16.38
N GLY A 4 24.64 -13.95 15.25
CA GLY A 4 24.14 -13.41 13.99
C GLY A 4 24.94 -12.21 13.53
N SER A 5 24.71 -11.81 12.28
CA SER A 5 25.42 -10.66 11.72
C SER A 5 24.47 -9.48 11.51
N SER A 6 23.61 -9.25 12.49
CA SER A 6 22.65 -8.16 12.43
C SER A 6 22.09 -8.02 11.01
N GLY A 7 21.62 -9.12 10.45
CA GLY A 7 21.08 -9.10 9.11
C GLY A 7 22.06 -8.58 8.09
N PRO A 8 22.89 -9.49 7.54
CA PRO A 8 23.90 -9.13 6.54
C PRO A 8 23.28 -8.76 5.20
N GLU A 9 23.38 -7.49 4.85
CA GLU A 9 22.83 -7.00 3.59
C GLU A 9 21.33 -7.25 3.52
N LEU A 10 20.64 -7.00 4.62
CA LEU A 10 19.19 -7.20 4.69
C LEU A 10 18.44 -5.91 4.44
N LYS A 11 17.54 -5.93 3.46
CA LYS A 11 16.75 -4.74 3.13
C LYS A 11 15.40 -5.14 2.54
N CYS A 12 14.58 -4.15 2.23
CA CYS A 12 13.26 -4.39 1.66
C CYS A 12 13.34 -5.40 0.52
N PRO A 13 12.84 -6.62 0.77
CA PRO A 13 12.84 -7.70 -0.21
C PRO A 13 11.87 -7.43 -1.36
N VAL A 14 10.96 -6.49 -1.15
CA VAL A 14 9.98 -6.14 -2.18
C VAL A 14 10.64 -5.52 -3.39
N ILE A 15 10.54 -6.21 -4.52
CA ILE A 15 11.14 -5.74 -5.76
C ILE A 15 10.54 -4.40 -6.19
N GLY A 16 11.36 -3.56 -6.80
CA GLY A 16 10.90 -2.26 -7.24
C GLY A 16 10.98 -1.20 -6.16
N CYS A 17 10.75 -1.61 -4.92
CA CYS A 17 10.81 -0.70 -3.78
C CYS A 17 12.26 -0.34 -3.45
N ASP A 18 12.46 0.89 -2.99
CA ASP A 18 13.79 1.36 -2.63
C ASP A 18 13.96 1.40 -1.12
N GLY A 19 13.27 0.51 -0.43
CA GLY A 19 13.36 0.45 1.03
C GLY A 19 13.35 1.84 1.65
N GLN A 20 12.49 2.71 1.13
CA GLN A 20 12.39 4.07 1.64
C GLN A 20 11.01 4.31 2.27
N GLY A 21 10.99 5.08 3.36
CA GLY A 21 9.74 5.37 4.03
C GLY A 21 9.31 4.27 4.96
N HIS A 22 8.11 4.39 5.53
CA HIS A 22 7.59 3.39 6.45
C HIS A 22 6.07 3.32 6.38
N ILE A 23 5.54 2.11 6.23
CA ILE A 23 4.11 1.91 6.13
C ILE A 23 3.36 2.73 7.18
N SER A 24 4.00 2.93 8.33
CA SER A 24 3.40 3.70 9.41
C SER A 24 3.50 5.20 9.12
N GLY A 25 4.64 5.63 8.61
CA GLY A 25 4.83 7.04 8.29
C GLY A 25 5.81 7.70 9.24
N LYS A 26 5.75 7.33 10.52
CA LYS A 26 6.63 7.91 11.53
C LYS A 26 8.09 7.81 11.09
N TYR A 27 8.49 6.64 10.62
CA TYR A 27 9.86 6.43 10.17
C TYR A 27 9.99 6.71 8.68
N THR A 28 11.19 7.14 8.27
CA THR A 28 11.45 7.45 6.88
C THR A 28 12.36 6.40 6.24
N SER A 29 12.18 5.15 6.65
CA SER A 29 12.98 4.06 6.11
C SER A 29 12.43 2.70 6.58
N HIS A 30 12.77 1.65 5.84
CA HIS A 30 12.31 0.31 6.17
C HIS A 30 13.19 -0.74 5.50
N ARG A 31 13.46 -1.82 6.22
CA ARG A 31 14.30 -2.90 5.70
C ARG A 31 13.57 -4.24 5.80
N THR A 32 12.24 -4.20 5.80
CA THR A 32 11.43 -5.40 5.89
C THR A 32 10.08 -5.20 5.22
N ALA A 33 9.59 -6.26 4.57
CA ALA A 33 8.30 -6.21 3.88
C ALA A 33 7.19 -5.77 4.83
N SER A 34 7.20 -6.32 6.04
CA SER A 34 6.19 -5.98 7.04
C SER A 34 6.06 -4.47 7.19
N GLY A 35 7.19 -3.77 7.15
CA GLY A 35 7.17 -2.32 7.28
C GLY A 35 7.26 -1.62 5.95
N CYS A 36 7.19 -2.39 4.87
CA CYS A 36 7.27 -1.83 3.52
C CYS A 36 5.98 -1.10 3.16
N PRO A 37 6.06 0.22 3.03
CA PRO A 37 4.91 1.06 2.69
C PRO A 37 4.45 0.86 1.24
N LEU A 38 5.39 0.52 0.37
CA LEU A 38 5.08 0.28 -1.04
C LEU A 38 4.26 -0.99 -1.21
N ALA A 39 4.55 -1.99 -0.39
CA ALA A 39 3.83 -3.25 -0.45
C ALA A 39 2.37 -3.08 -0.06
N ALA A 40 2.12 -2.25 0.94
CA ALA A 40 0.76 -1.99 1.40
C ALA A 40 -0.09 -1.41 0.29
N LYS A 41 0.45 -0.42 -0.42
CA LYS A 41 -0.26 0.23 -1.51
C LYS A 41 -0.95 -0.80 -2.39
N ARG A 42 -0.24 -1.88 -2.72
CA ARG A 42 -0.79 -2.94 -3.55
C ARG A 42 -2.03 -3.54 -2.93
N GLN A 43 -1.99 -3.73 -1.61
CA GLN A 43 -3.12 -4.31 -0.88
C GLN A 43 -3.70 -3.30 0.09
N LYS A 44 -4.33 -2.26 -0.45
CA LYS A 44 -4.94 -1.21 0.38
C LYS A 44 -5.67 -1.83 1.56
N GLU A 45 -5.43 -1.29 2.76
CA GLU A 45 -6.07 -1.78 3.97
C GLU A 45 -6.46 -0.63 4.88
N ASN A 46 -7.37 -0.90 5.81
CA ASN A 46 -7.82 0.12 6.76
C ASN A 46 -7.61 -0.34 8.20
N PRO A 47 -6.37 -0.20 8.69
CA PRO A 47 -6.01 -0.58 10.06
C PRO A 47 -6.64 0.32 11.10
N LEU A 48 -6.47 1.63 10.93
CA LEU A 48 -7.03 2.60 11.86
C LEU A 48 -6.62 2.27 13.30
N ASN A 49 -5.35 1.92 13.48
CA ASN A 49 -4.84 1.59 14.81
C ASN A 49 -5.26 2.63 15.84
N GLY A 50 -5.14 3.90 15.47
CA GLY A 50 -5.53 4.98 16.37
C GLY A 50 -4.73 4.96 17.66
N ALA A 51 -3.52 5.52 17.62
CA ALA A 51 -2.65 5.57 18.78
C ALA A 51 -3.11 6.66 19.76
N SER A 52 -3.64 6.22 20.90
CA SER A 52 -4.12 7.14 21.92
C SER A 52 -2.97 7.89 22.58
N LEU A 53 -3.10 9.20 22.70
CA LEU A 53 -2.07 10.03 23.30
C LEU A 53 -2.39 10.31 24.77
N SER A 54 -3.64 10.66 25.04
CA SER A 54 -4.07 10.95 26.40
C SER A 54 -4.58 9.69 27.09
N TRP A 55 -3.69 9.00 27.79
CA TRP A 55 -4.05 7.78 28.51
C TRP A 55 -3.78 7.93 29.99
N LYS A 56 -2.55 8.25 30.35
CA LYS A 56 -2.17 8.43 31.74
C LYS A 56 -3.27 9.11 32.53
N LEU A 57 -3.86 10.16 31.94
CA LEU A 57 -4.92 10.90 32.59
C LEU A 57 -6.27 10.61 31.93
N ASN A 58 -7.34 11.14 32.51
CA ASN A 58 -8.68 10.94 31.97
C ASN A 58 -9.25 12.25 31.42
N LYS A 59 -9.14 13.30 32.22
CA LYS A 59 -9.64 14.62 31.81
C LYS A 59 -9.02 15.05 30.49
N GLN A 60 -9.78 15.83 29.71
CA GLN A 60 -9.29 16.32 28.42
C GLN A 60 -9.73 17.76 28.19
N GLU A 61 -8.76 18.64 27.98
CA GLU A 61 -9.05 20.05 27.75
C GLU A 61 -8.19 20.59 26.61
N LEU A 62 -8.66 21.67 25.99
CA LEU A 62 -7.94 22.29 24.89
C LEU A 62 -6.81 23.18 25.40
N PRO A 63 -5.84 23.48 24.52
CA PRO A 63 -4.69 24.32 24.87
C PRO A 63 -5.08 25.78 25.06
N HIS A 64 -4.35 26.47 25.93
CA HIS A 64 -4.62 27.88 26.21
C HIS A 64 -3.56 28.46 27.13
N CYS A 65 -3.01 29.61 26.73
CA CYS A 65 -1.98 30.27 27.53
C CYS A 65 -2.24 30.10 29.02
N PRO A 66 -1.19 29.76 29.77
CA PRO A 66 -1.28 29.56 31.22
C PRO A 66 -1.52 30.87 31.97
N LEU A 67 -0.81 31.92 31.56
CA LEU A 67 -0.95 33.22 32.18
C LEU A 67 -2.41 33.58 32.41
N PRO A 68 -2.73 34.00 33.65
CA PRO A 68 -4.10 34.38 34.03
C PRO A 68 -4.55 35.67 33.35
N GLY A 69 -3.73 36.71 33.44
CA GLY A 69 -4.06 37.98 32.83
C GLY A 69 -4.11 37.90 31.33
N CYS A 70 -3.20 37.13 30.74
CA CYS A 70 -3.14 36.98 29.29
C CYS A 70 -4.43 36.36 28.75
N ASN A 71 -4.70 36.58 27.47
CA ASN A 71 -5.90 36.04 26.84
C ASN A 71 -5.54 34.91 25.88
N GLY A 72 -4.49 35.11 25.10
CA GLY A 72 -4.07 34.10 24.15
C GLY A 72 -4.15 34.59 22.71
N LEU A 73 -3.86 35.87 22.51
CA LEU A 73 -3.91 36.45 21.17
C LEU A 73 -2.63 37.23 20.87
N GLY A 74 -1.78 36.66 20.03
CA GLY A 74 -0.54 37.31 19.67
C GLY A 74 0.66 36.36 19.74
N HIS A 75 1.83 36.88 19.41
CA HIS A 75 3.05 36.08 19.43
C HIS A 75 4.29 36.96 19.61
N VAL A 76 5.28 36.45 20.32
CA VAL A 76 6.51 37.18 20.56
C VAL A 76 7.22 37.51 19.25
N ASN A 77 7.11 36.60 18.28
CA ASN A 77 7.75 36.80 16.98
C ASN A 77 7.02 37.89 16.19
N ASN A 78 5.99 38.47 16.79
CA ASN A 78 5.22 39.52 16.14
C ASN A 78 4.87 39.13 14.71
N VAL A 79 4.63 37.84 14.49
CA VAL A 79 4.29 37.34 13.16
C VAL A 79 2.94 36.63 13.17
N PHE A 80 2.59 36.05 14.31
CA PHE A 80 1.33 35.34 14.45
C PHE A 80 0.46 35.98 15.54
N VAL A 81 -0.83 36.12 15.26
CA VAL A 81 -1.75 36.71 16.21
C VAL A 81 -2.32 35.66 17.17
N THR A 82 -1.58 34.56 17.33
CA THR A 82 -2.00 33.48 18.20
C THR A 82 -0.80 32.83 18.89
N HIS A 83 -1.07 32.07 19.95
CA HIS A 83 -0.01 31.40 20.69
C HIS A 83 -0.61 30.49 21.77
N ARG A 84 0.03 29.34 21.98
CA ARG A 84 -0.43 28.38 22.98
C ARG A 84 0.73 27.91 23.85
N SER A 85 1.58 28.85 24.26
CA SER A 85 2.73 28.52 25.10
C SER A 85 3.42 29.78 25.57
N LEU A 86 4.10 29.69 26.71
CA LEU A 86 4.82 30.82 27.27
C LEU A 86 5.84 31.37 26.27
N SER A 87 6.70 30.50 25.77
CA SER A 87 7.72 30.90 24.80
C SER A 87 7.13 31.78 23.71
N GLY A 88 5.93 31.42 23.25
CA GLY A 88 5.27 32.20 22.22
C GLY A 88 4.48 33.36 22.78
N CYS A 89 4.04 33.23 24.03
CA CYS A 89 3.26 34.28 24.68
C CYS A 89 4.01 35.61 24.64
N PRO A 90 3.47 36.56 23.86
CA PRO A 90 4.06 37.90 23.70
C PRO A 90 3.94 38.72 24.97
N LEU A 91 3.16 38.24 25.92
CA LEU A 91 2.96 38.93 27.18
C LEU A 91 3.90 38.42 28.26
N ASN A 92 4.27 37.14 28.14
CA ASN A 92 5.18 36.52 29.10
C ASN A 92 6.61 37.01 28.91
N ALA A 93 6.98 37.24 27.65
CA ALA A 93 8.32 37.71 27.32
C ALA A 93 8.53 39.13 27.82
N GLN A 94 7.72 40.06 27.30
CA GLN A 94 7.82 41.47 27.70
C GLN A 94 7.96 41.60 29.21
N VAL A 95 7.27 40.73 29.94
CA VAL A 95 7.31 40.75 31.40
C VAL A 95 8.72 40.48 31.91
N ILE A 96 9.44 39.61 31.21
CA ILE A 96 10.80 39.25 31.60
C ILE A 96 11.55 40.47 32.13
N LYS A 97 11.14 41.65 31.67
CA LYS A 97 11.78 42.90 32.10
C LYS A 97 12.19 42.81 33.56
N LYS A 98 13.49 42.64 33.80
CA LYS A 98 14.02 42.56 35.16
C LYS A 98 14.25 43.94 35.75
N GLY A 99 13.23 44.47 36.42
CA GLY A 99 13.34 45.79 37.02
C GLY A 99 13.76 46.85 36.03
N LYS A 100 15.05 47.20 36.04
CA LYS A 100 15.58 48.21 35.13
C LYS A 100 17.06 47.98 34.88
N VAL A 101 17.47 48.12 33.63
CA VAL A 101 18.87 47.93 33.26
C VAL A 101 19.56 49.27 33.01
N SER A 102 20.30 49.74 34.00
CA SER A 102 21.01 51.01 33.90
C SER A 102 22.34 50.83 33.17
N SER A 103 22.42 51.37 31.96
CA SER A 103 23.64 51.28 31.16
C SER A 103 23.73 52.43 30.17
N GLY A 104 24.95 52.72 29.71
CA GLY A 104 25.15 53.79 28.77
C GLY A 104 26.58 53.86 28.26
N PRO A 105 26.76 54.42 27.06
CA PRO A 105 28.08 54.55 26.43
C PRO A 105 28.95 55.58 27.15
N SER A 106 30.20 55.21 27.42
CA SER A 106 31.13 56.09 28.10
C SER A 106 32.37 56.36 27.23
N SER A 107 33.25 57.21 27.72
CA SER A 107 34.47 57.55 27.00
C SER A 107 35.70 57.00 27.70
N GLY A 108 36.86 57.16 27.07
CA GLY A 108 38.09 56.67 27.65
C GLY A 108 38.79 55.65 26.77
N GLY A 1 31.58 -3.70 33.58
CA GLY A 1 32.04 -3.62 32.22
C GLY A 1 31.03 -4.18 31.23
N SER A 2 31.48 -4.44 30.01
CA SER A 2 30.61 -4.98 28.97
C SER A 2 31.41 -5.76 27.93
N SER A 3 30.70 -6.41 27.01
CA SER A 3 31.35 -7.20 25.97
C SER A 3 31.08 -6.59 24.60
N GLY A 4 29.81 -6.50 24.23
CA GLY A 4 29.45 -5.93 22.94
C GLY A 4 28.69 -6.91 22.08
N SER A 5 28.18 -6.43 20.94
CA SER A 5 27.42 -7.27 20.02
C SER A 5 27.39 -6.66 18.63
N SER A 6 26.78 -7.38 17.69
CA SER A 6 26.69 -6.90 16.31
C SER A 6 25.26 -7.08 15.77
N GLY A 7 25.05 -6.65 14.54
CA GLY A 7 23.74 -6.76 13.94
C GLY A 7 23.80 -6.98 12.43
N PRO A 8 22.86 -7.77 11.90
CA PRO A 8 22.79 -8.06 10.47
C PRO A 8 22.40 -6.85 9.64
N GLU A 9 22.17 -7.08 8.35
CA GLU A 9 21.79 -6.00 7.44
C GLU A 9 20.59 -6.41 6.58
N LEU A 10 19.41 -5.96 6.99
CA LEU A 10 18.18 -6.28 6.28
C LEU A 10 17.90 -5.23 5.21
N LYS A 11 17.04 -5.58 4.25
CA LYS A 11 16.68 -4.66 3.17
C LYS A 11 15.32 -5.02 2.58
N CYS A 12 14.51 -4.01 2.32
CA CYS A 12 13.18 -4.22 1.75
C CYS A 12 13.19 -5.36 0.74
N PRO A 13 12.61 -6.50 1.12
CA PRO A 13 12.54 -7.69 0.27
C PRO A 13 11.60 -7.50 -0.92
N VAL A 14 10.83 -6.41 -0.88
CA VAL A 14 9.89 -6.11 -1.94
C VAL A 14 10.59 -5.50 -3.15
N ILE A 15 10.89 -6.32 -4.14
CA ILE A 15 11.57 -5.86 -5.35
C ILE A 15 10.87 -4.63 -5.92
N GLY A 16 11.62 -3.84 -6.68
CA GLY A 16 11.07 -2.64 -7.28
C GLY A 16 11.01 -1.47 -6.31
N CYS A 17 10.73 -1.77 -5.05
CA CYS A 17 10.64 -0.75 -4.01
C CYS A 17 11.99 -0.04 -3.84
N ASP A 18 11.97 1.10 -3.17
CA ASP A 18 13.18 1.88 -2.94
C ASP A 18 13.72 1.63 -1.53
N GLY A 19 12.86 1.11 -0.66
CA GLY A 19 13.27 0.82 0.70
C GLY A 19 13.10 2.02 1.62
N GLN A 20 13.02 3.21 1.03
CA GLN A 20 12.85 4.43 1.81
C GLN A 20 11.41 4.60 2.26
N GLY A 21 11.22 5.17 3.45
CA GLY A 21 9.89 5.38 3.97
C GLY A 21 9.48 4.29 4.93
N HIS A 22 8.22 4.34 5.38
CA HIS A 22 7.69 3.34 6.32
C HIS A 22 6.17 3.26 6.22
N ILE A 23 5.66 2.04 6.07
CA ILE A 23 4.23 1.83 5.97
C ILE A 23 3.47 2.66 7.00
N SER A 24 3.99 2.70 8.22
CA SER A 24 3.37 3.46 9.30
C SER A 24 3.50 4.96 9.06
N GLY A 25 4.68 5.38 8.58
CA GLY A 25 4.90 6.78 8.32
C GLY A 25 5.86 7.41 9.30
N LYS A 26 5.71 7.06 10.58
CA LYS A 26 6.57 7.60 11.63
C LYS A 26 8.03 7.52 11.23
N TYR A 27 8.43 6.38 10.67
CA TYR A 27 9.81 6.18 10.23
C TYR A 27 9.99 6.56 8.77
N THR A 28 11.21 6.94 8.41
CA THR A 28 11.51 7.35 7.05
C THR A 28 12.41 6.32 6.36
N SER A 29 12.25 5.06 6.73
CA SER A 29 13.05 3.99 6.16
C SER A 29 12.53 2.62 6.59
N HIS A 30 12.76 1.60 5.77
CA HIS A 30 12.32 0.25 6.08
C HIS A 30 13.22 -0.78 5.41
N ARG A 31 13.38 -1.94 6.06
CA ARG A 31 14.21 -3.00 5.52
C ARG A 31 13.47 -4.33 5.53
N THR A 32 12.16 -4.27 5.77
CA THR A 32 11.33 -5.47 5.81
C THR A 32 9.97 -5.22 5.18
N ALA A 33 9.42 -6.24 4.54
CA ALA A 33 8.11 -6.13 3.91
C ALA A 33 7.06 -5.64 4.90
N SER A 34 7.15 -6.11 6.13
CA SER A 34 6.20 -5.72 7.17
C SER A 34 6.12 -4.20 7.29
N GLY A 35 7.26 -3.54 7.12
CA GLY A 35 7.29 -2.09 7.21
C GLY A 35 7.38 -1.42 5.85
N CYS A 36 7.24 -2.22 4.80
CA CYS A 36 7.31 -1.71 3.44
C CYS A 36 6.01 -0.99 3.06
N PRO A 37 6.11 0.34 2.88
CA PRO A 37 4.96 1.17 2.51
C PRO A 37 4.48 0.90 1.09
N LEU A 38 5.41 0.47 0.23
CA LEU A 38 5.09 0.18 -1.16
C LEU A 38 4.21 -1.06 -1.28
N ALA A 39 4.50 -2.07 -0.46
CA ALA A 39 3.73 -3.31 -0.45
C ALA A 39 2.29 -3.06 -0.04
N ALA A 40 2.11 -2.25 0.99
CA ALA A 40 0.77 -1.93 1.49
C ALA A 40 0.07 -0.92 0.57
N LYS A 41 0.78 0.14 0.22
CA LYS A 41 0.23 1.17 -0.65
C LYS A 41 -0.45 0.56 -1.87
N ARG A 42 0.20 -0.44 -2.46
CA ARG A 42 -0.35 -1.12 -3.63
C ARG A 42 -1.70 -1.77 -3.31
N GLN A 43 -1.80 -2.33 -2.11
CA GLN A 43 -3.03 -2.98 -1.68
C GLN A 43 -4.09 -1.95 -1.32
N LYS A 44 -3.80 -1.13 -0.31
CA LYS A 44 -4.72 -0.10 0.13
C LYS A 44 -5.06 0.86 -1.00
N GLU A 45 -6.34 0.99 -1.31
CA GLU A 45 -6.78 1.88 -2.38
C GLU A 45 -7.95 2.74 -1.91
N ASN A 46 -8.27 3.77 -2.70
CA ASN A 46 -9.37 4.67 -2.37
C ASN A 46 -10.53 3.91 -1.72
N PRO A 47 -10.74 4.15 -0.42
CA PRO A 47 -11.81 3.50 0.35
C PRO A 47 -13.20 3.97 -0.07
N LEU A 48 -13.38 5.29 -0.10
CA LEU A 48 -14.66 5.87 -0.49
C LEU A 48 -14.56 7.39 -0.57
N ASN A 49 -15.68 8.03 -0.88
CA ASN A 49 -15.72 9.49 -0.99
C ASN A 49 -17.15 10.01 -0.81
N GLY A 50 -17.32 10.95 0.11
CA GLY A 50 -18.63 11.51 0.35
C GLY A 50 -19.19 11.13 1.71
N ALA A 51 -20.51 11.19 1.84
CA ALA A 51 -21.16 10.84 3.10
C ALA A 51 -21.69 9.42 3.07
N SER A 52 -20.80 8.45 3.29
CA SER A 52 -21.18 7.04 3.29
C SER A 52 -20.14 6.20 4.03
N LEU A 53 -20.60 5.50 5.06
CA LEU A 53 -19.70 4.65 5.85
C LEU A 53 -18.36 5.33 6.09
N SER A 54 -18.42 6.62 6.41
CA SER A 54 -17.20 7.39 6.66
C SER A 54 -16.66 7.11 8.05
N TRP A 55 -15.34 7.18 8.19
CA TRP A 55 -14.69 6.93 9.48
C TRP A 55 -13.42 7.76 9.62
N LYS A 56 -13.01 8.00 10.86
CA LYS A 56 -11.81 8.77 11.13
C LYS A 56 -10.66 8.34 10.22
N LEU A 57 -10.29 9.20 9.29
CA LEU A 57 -9.21 8.90 8.36
C LEU A 57 -8.81 10.14 7.56
N ASN A 58 -7.58 10.16 7.06
CA ASN A 58 -7.09 11.29 6.27
C ASN A 58 -6.87 12.51 7.16
N LYS A 59 -6.38 12.29 8.37
CA LYS A 59 -6.12 13.37 9.31
C LYS A 59 -5.22 14.44 8.67
N GLN A 60 -4.22 13.99 7.95
CA GLN A 60 -3.29 14.90 7.28
C GLN A 60 -4.02 16.12 6.73
N GLU A 61 -3.34 17.26 6.69
CA GLU A 61 -3.92 18.49 6.17
C GLU A 61 -4.09 18.42 4.66
N LEU A 62 -5.12 19.10 4.16
CA LEU A 62 -5.38 19.12 2.72
C LEU A 62 -4.09 19.20 1.93
N PRO A 63 -4.12 18.67 0.69
CA PRO A 63 -2.96 18.67 -0.20
C PRO A 63 -2.61 20.07 -0.70
N HIS A 64 -1.48 20.18 -1.39
CA HIS A 64 -1.03 21.47 -1.92
C HIS A 64 -1.22 21.51 -3.44
N CYS A 65 -1.25 20.34 -4.07
CA CYS A 65 -1.42 20.24 -5.50
C CYS A 65 -1.43 18.79 -5.97
N PRO A 66 -2.53 18.37 -6.60
CA PRO A 66 -2.68 17.00 -7.11
C PRO A 66 -1.76 16.70 -8.29
N LEU A 67 -1.56 17.71 -9.13
CA LEU A 67 -0.72 17.56 -10.30
C LEU A 67 0.47 16.64 -10.00
N PRO A 68 0.64 15.61 -10.85
CA PRO A 68 1.74 14.64 -10.70
C PRO A 68 3.10 15.25 -11.00
N GLY A 69 3.10 16.51 -11.42
CA GLY A 69 4.34 17.19 -11.73
C GLY A 69 4.56 18.43 -10.88
N CYS A 70 3.78 18.55 -9.81
CA CYS A 70 3.89 19.69 -8.91
C CYS A 70 4.06 19.23 -7.46
N ASN A 71 4.55 20.13 -6.62
CA ASN A 71 4.76 19.81 -5.21
C ASN A 71 3.88 20.69 -4.32
N GLY A 72 3.91 22.00 -4.57
CA GLY A 72 3.12 22.92 -3.79
C GLY A 72 3.84 24.22 -3.52
N LEU A 73 4.70 24.62 -4.45
CA LEU A 73 5.46 25.86 -4.31
C LEU A 73 5.36 26.70 -5.58
N GLY A 74 4.70 27.85 -5.48
CA GLY A 74 4.55 28.73 -6.62
C GLY A 74 3.11 29.14 -6.86
N HIS A 75 2.92 30.27 -7.52
CA HIS A 75 1.58 30.77 -7.80
C HIS A 75 1.49 31.30 -9.24
N VAL A 76 0.32 31.14 -9.85
CA VAL A 76 0.10 31.59 -11.21
C VAL A 76 0.09 33.11 -11.30
N ASN A 77 -0.14 33.76 -10.16
CA ASN A 77 -0.18 35.21 -10.10
C ASN A 77 1.23 35.79 -9.99
N ASN A 78 2.17 34.96 -9.54
CA ASN A 78 3.56 35.38 -9.38
C ASN A 78 3.71 36.29 -8.18
N VAL A 79 2.91 36.05 -7.15
CA VAL A 79 2.96 36.85 -5.93
C VAL A 79 3.08 35.97 -4.69
N PHE A 80 2.49 34.78 -4.77
CA PHE A 80 2.52 33.84 -3.65
C PHE A 80 3.47 32.68 -3.95
N VAL A 81 4.03 32.09 -2.89
CA VAL A 81 4.94 30.98 -3.03
C VAL A 81 4.30 29.67 -2.57
N THR A 82 2.97 29.61 -2.63
CA THR A 82 2.24 28.43 -2.21
C THR A 82 0.84 28.40 -2.83
N HIS A 83 0.29 27.20 -2.98
CA HIS A 83 -1.04 27.04 -3.56
C HIS A 83 -1.61 25.67 -3.22
N ARG A 84 -2.93 25.60 -3.12
CA ARG A 84 -3.61 24.35 -2.81
C ARG A 84 -4.80 24.12 -3.73
N SER A 85 -4.62 24.40 -5.02
CA SER A 85 -5.68 24.23 -6.00
C SER A 85 -5.16 24.48 -7.41
N LEU A 86 -5.37 23.53 -8.30
CA LEU A 86 -4.92 23.64 -9.68
C LEU A 86 -5.02 25.08 -10.16
N SER A 87 -6.08 25.77 -9.74
CA SER A 87 -6.29 27.16 -10.13
C SER A 87 -5.06 28.00 -9.86
N GLY A 88 -4.56 27.92 -8.62
CA GLY A 88 -3.39 28.68 -8.25
C GLY A 88 -2.10 27.95 -8.55
N CYS A 89 -2.15 27.03 -9.51
CA CYS A 89 -0.98 26.24 -9.89
C CYS A 89 -0.28 26.87 -11.10
N PRO A 90 0.95 27.35 -10.88
CA PRO A 90 1.76 27.97 -11.94
C PRO A 90 2.23 26.97 -12.98
N LEU A 91 2.60 25.78 -12.53
CA LEU A 91 3.06 24.73 -13.42
C LEU A 91 1.97 24.31 -14.40
N ASN A 92 0.76 24.16 -13.88
CA ASN A 92 -0.39 23.77 -14.70
C ASN A 92 -0.73 24.86 -15.71
N ALA A 93 -1.10 26.03 -15.20
CA ALA A 93 -1.44 27.16 -16.06
C ALA A 93 -0.48 27.28 -17.23
N GLN A 94 0.81 27.16 -16.94
CA GLN A 94 1.83 27.26 -17.97
C GLN A 94 1.64 26.19 -19.04
N VAL A 95 1.38 24.97 -18.62
CA VAL A 95 1.16 23.86 -19.53
C VAL A 95 0.01 24.16 -20.50
N ILE A 96 -1.15 24.47 -19.94
CA ILE A 96 -2.32 24.78 -20.76
C ILE A 96 -1.95 25.68 -21.93
N LYS A 97 -1.12 26.69 -21.66
CA LYS A 97 -0.69 27.62 -22.69
C LYS A 97 -0.45 26.90 -24.01
N LYS A 98 -1.31 27.15 -24.99
CA LYS A 98 -1.19 26.53 -26.31
C LYS A 98 -0.20 27.29 -27.18
N GLY A 99 -0.48 28.57 -27.42
CA GLY A 99 0.39 29.39 -28.24
C GLY A 99 0.46 30.82 -27.76
N LYS A 100 1.42 31.11 -26.89
CA LYS A 100 1.59 32.45 -26.34
C LYS A 100 3.03 32.65 -25.85
N VAL A 101 3.64 33.75 -26.27
CA VAL A 101 5.00 34.06 -25.86
C VAL A 101 5.08 34.35 -24.36
N SER A 102 6.14 33.84 -23.73
CA SER A 102 6.33 34.03 -22.29
C SER A 102 7.81 33.91 -21.93
N SER A 103 8.24 34.78 -21.02
CA SER A 103 9.64 34.78 -20.59
C SER A 103 10.58 34.57 -21.76
N GLY A 104 10.19 35.09 -22.92
CA GLY A 104 11.01 34.95 -24.11
C GLY A 104 11.94 36.13 -24.32
N PRO A 105 11.38 37.26 -24.74
CA PRO A 105 12.14 38.49 -24.99
C PRO A 105 12.66 39.12 -23.71
N SER A 106 12.31 38.51 -22.57
CA SER A 106 12.73 39.02 -21.27
C SER A 106 14.24 39.27 -21.25
N SER A 107 14.63 40.40 -20.67
CA SER A 107 16.03 40.77 -20.59
C SER A 107 16.73 40.01 -19.47
N GLY A 108 17.95 39.55 -19.74
CA GLY A 108 18.71 38.81 -18.75
C GLY A 108 18.84 37.34 -19.10
N GLY A 1 37.78 -24.59 -0.79
CA GLY A 1 37.27 -24.01 0.44
C GLY A 1 38.33 -23.23 1.19
N SER A 2 38.45 -21.94 0.88
CA SER A 2 39.43 -21.09 1.52
C SER A 2 38.89 -20.52 2.83
N SER A 3 37.76 -19.81 2.73
CA SER A 3 37.13 -19.20 3.89
C SER A 3 35.77 -18.62 3.53
N GLY A 4 35.05 -18.15 4.55
CA GLY A 4 33.73 -17.58 4.32
C GLY A 4 33.27 -16.70 5.47
N SER A 5 32.60 -17.30 6.44
CA SER A 5 32.10 -16.57 7.59
C SER A 5 31.57 -15.20 7.18
N SER A 6 30.86 -15.16 6.05
CA SER A 6 30.32 -13.90 5.55
C SER A 6 28.80 -13.87 5.74
N GLY A 7 28.21 -12.71 5.46
CA GLY A 7 26.77 -12.56 5.60
C GLY A 7 26.20 -11.48 4.70
N PRO A 8 25.04 -11.76 4.09
CA PRO A 8 24.37 -10.83 3.19
C PRO A 8 23.81 -9.61 3.92
N GLU A 9 23.15 -8.73 3.18
CA GLU A 9 22.58 -7.52 3.76
C GLU A 9 21.05 -7.57 3.72
N LEU A 10 20.42 -7.30 4.86
CA LEU A 10 18.96 -7.32 4.95
C LEU A 10 18.37 -5.98 4.50
N LYS A 11 17.41 -6.04 3.59
CA LYS A 11 16.76 -4.83 3.09
C LYS A 11 15.43 -5.18 2.41
N CYS A 12 14.57 -4.17 2.27
CA CYS A 12 13.28 -4.37 1.63
C CYS A 12 13.37 -5.39 0.50
N PRO A 13 12.92 -6.62 0.78
CA PRO A 13 12.94 -7.72 -0.20
C PRO A 13 11.94 -7.50 -1.33
N VAL A 14 11.09 -6.49 -1.19
CA VAL A 14 10.09 -6.17 -2.19
C VAL A 14 10.74 -5.54 -3.42
N ILE A 15 10.54 -6.18 -4.58
CA ILE A 15 11.10 -5.69 -5.83
C ILE A 15 10.51 -4.33 -6.20
N GLY A 16 11.29 -3.53 -6.91
CA GLY A 16 10.83 -2.22 -7.32
C GLY A 16 11.00 -1.17 -6.22
N CYS A 17 10.78 -1.60 -4.98
CA CYS A 17 10.89 -0.69 -3.84
C CYS A 17 12.36 -0.38 -3.55
N ASP A 18 12.62 0.78 -2.97
CA ASP A 18 13.98 1.19 -2.64
C ASP A 18 14.17 1.28 -1.13
N GLY A 19 13.29 0.60 -0.40
CA GLY A 19 13.38 0.62 1.06
C GLY A 19 13.36 2.02 1.63
N GLN A 20 12.44 2.84 1.15
CA GLN A 20 12.32 4.21 1.60
C GLN A 20 10.93 4.49 2.18
N GLY A 21 10.90 5.12 3.35
CA GLY A 21 9.63 5.44 3.97
C GLY A 21 9.22 4.39 5.00
N HIS A 22 7.94 4.37 5.34
CA HIS A 22 7.42 3.42 6.31
C HIS A 22 5.90 3.36 6.27
N ILE A 23 5.35 2.15 6.28
CA ILE A 23 3.90 1.97 6.24
C ILE A 23 3.22 2.71 7.38
N SER A 24 4.01 3.11 8.38
CA SER A 24 3.49 3.83 9.53
C SER A 24 3.56 5.34 9.31
N GLY A 25 4.62 5.78 8.64
CA GLY A 25 4.79 7.19 8.37
C GLY A 25 5.81 7.84 9.28
N LYS A 26 5.78 7.47 10.55
CA LYS A 26 6.71 8.02 11.53
C LYS A 26 8.16 7.86 11.06
N TYR A 27 8.51 6.65 10.66
CA TYR A 27 9.86 6.37 10.20
C TYR A 27 10.00 6.67 8.70
N THR A 28 11.19 7.09 8.29
CA THR A 28 11.45 7.42 6.90
C THR A 28 12.34 6.37 6.24
N SER A 29 12.16 5.12 6.63
CA SER A 29 12.96 4.02 6.08
C SER A 29 12.43 2.67 6.56
N HIS A 30 12.81 1.61 5.85
CA HIS A 30 12.37 0.26 6.20
C HIS A 30 13.23 -0.79 5.49
N ARG A 31 13.41 -1.93 6.14
CA ARG A 31 14.21 -3.01 5.58
C ARG A 31 13.49 -4.35 5.72
N THR A 32 12.17 -4.29 5.87
CA THR A 32 11.37 -5.50 6.01
C THR A 32 10.01 -5.34 5.33
N ALA A 33 9.58 -6.38 4.63
CA ALA A 33 8.29 -6.35 3.94
C ALA A 33 7.18 -5.89 4.87
N SER A 34 7.19 -6.40 6.10
CA SER A 34 6.18 -6.03 7.08
C SER A 34 6.10 -4.52 7.24
N GLY A 35 7.23 -3.85 7.13
CA GLY A 35 7.28 -2.41 7.27
C GLY A 35 7.37 -1.70 5.94
N CYS A 36 7.23 -2.46 4.85
CA CYS A 36 7.30 -1.90 3.51
C CYS A 36 5.97 -1.24 3.11
N PRO A 37 5.99 0.09 3.00
CA PRO A 37 4.80 0.86 2.63
C PRO A 37 4.39 0.64 1.17
N LEU A 38 5.37 0.39 0.32
CA LEU A 38 5.12 0.16 -1.10
C LEU A 38 4.36 -1.15 -1.30
N ALA A 39 4.61 -2.11 -0.43
CA ALA A 39 3.96 -3.41 -0.52
C ALA A 39 2.49 -3.31 -0.09
N ALA A 40 2.23 -2.50 0.93
CA ALA A 40 0.87 -2.32 1.44
C ALA A 40 -0.05 -1.81 0.34
N LYS A 41 0.44 -0.86 -0.44
CA LYS A 41 -0.34 -0.28 -1.53
C LYS A 41 -0.43 -1.25 -2.71
N ARG A 42 0.71 -1.78 -3.12
CA ARG A 42 0.77 -2.71 -4.24
C ARG A 42 -0.16 -3.90 -4.00
N GLN A 43 -0.08 -4.48 -2.81
CA GLN A 43 -0.91 -5.63 -2.46
C GLN A 43 -2.32 -5.18 -2.09
N LYS A 44 -2.40 -4.30 -1.09
CA LYS A 44 -3.68 -3.79 -0.63
C LYS A 44 -4.59 -4.92 -0.18
N GLU A 45 -4.01 -5.91 0.50
CA GLU A 45 -4.77 -7.05 0.99
C GLU A 45 -5.66 -6.65 2.17
N ASN A 46 -6.52 -7.57 2.59
CA ASN A 46 -7.42 -7.32 3.71
C ASN A 46 -6.98 -8.08 4.96
N PRO A 47 -6.29 -7.37 5.87
CA PRO A 47 -5.80 -7.96 7.12
C PRO A 47 -6.93 -8.30 8.08
N LEU A 48 -7.84 -7.36 8.27
CA LEU A 48 -8.97 -7.57 9.17
C LEU A 48 -8.49 -7.85 10.60
N ASN A 49 -7.48 -7.11 11.02
CA ASN A 49 -6.93 -7.28 12.37
C ASN A 49 -8.05 -7.42 13.40
N GLY A 50 -7.85 -8.35 14.33
CA GLY A 50 -8.86 -8.57 15.36
C GLY A 50 -9.15 -10.05 15.58
N ALA A 51 -9.99 -10.61 14.72
CA ALA A 51 -10.36 -12.02 14.81
C ALA A 51 -10.62 -12.42 16.26
N SER A 52 -11.28 -11.54 17.01
CA SER A 52 -11.59 -11.79 18.41
C SER A 52 -12.88 -12.62 18.54
N LEU A 53 -12.80 -13.70 19.30
CA LEU A 53 -13.96 -14.56 19.50
C LEU A 53 -14.80 -14.07 20.68
N SER A 54 -15.01 -12.76 20.74
CA SER A 54 -15.81 -12.17 21.81
C SER A 54 -17.13 -11.63 21.27
N TRP A 55 -18.22 -12.08 21.88
CA TRP A 55 -19.55 -11.65 21.47
C TRP A 55 -20.57 -11.86 22.59
N LYS A 56 -21.34 -10.82 22.89
CA LYS A 56 -22.35 -10.90 23.94
C LYS A 56 -23.16 -9.61 24.00
N LEU A 57 -24.12 -9.57 24.93
CA LEU A 57 -24.97 -8.39 25.09
C LEU A 57 -24.80 -7.80 26.49
N ASN A 58 -23.92 -6.80 26.61
CA ASN A 58 -23.67 -6.16 27.88
C ASN A 58 -24.04 -4.67 27.82
N LYS A 59 -23.68 -4.03 26.72
CA LYS A 59 -23.97 -2.61 26.53
C LYS A 59 -23.95 -1.87 27.86
N GLN A 60 -22.91 -2.11 28.65
CA GLN A 60 -22.77 -1.47 29.95
C GLN A 60 -21.49 -0.65 30.02
N GLU A 61 -21.63 0.67 30.16
CA GLU A 61 -20.49 1.57 30.24
C GLU A 61 -19.37 0.94 31.07
N LEU A 62 -18.26 0.63 30.41
CA LEU A 62 -17.11 0.03 31.08
C LEU A 62 -16.60 0.94 32.21
N PRO A 63 -15.93 0.32 33.19
CA PRO A 63 -15.38 1.04 34.34
C PRO A 63 -14.20 1.94 33.96
N HIS A 64 -14.30 3.22 34.29
CA HIS A 64 -13.24 4.17 33.98
C HIS A 64 -12.14 4.13 35.05
N CYS A 65 -11.80 2.92 35.48
CA CYS A 65 -10.76 2.74 36.49
C CYS A 65 -10.53 1.26 36.76
N PRO A 66 -9.24 0.87 36.83
CA PRO A 66 -8.86 -0.52 37.10
C PRO A 66 -9.17 -0.96 38.52
N LEU A 67 -8.84 -0.09 39.48
CA LEU A 67 -9.09 -0.38 40.89
C LEU A 67 -10.51 -0.91 41.09
N PRO A 68 -10.62 -2.06 41.78
CA PRO A 68 -11.91 -2.69 42.06
C PRO A 68 -12.74 -1.89 43.07
N GLY A 69 -12.07 -1.37 44.08
CA GLY A 69 -12.76 -0.59 45.10
C GLY A 69 -13.09 0.81 44.63
N CYS A 70 -12.21 1.38 43.82
CA CYS A 70 -12.40 2.74 43.30
C CYS A 70 -13.62 2.79 42.38
N ASN A 71 -14.31 3.93 42.40
CA ASN A 71 -15.49 4.12 41.57
C ASN A 71 -15.12 4.74 40.23
N GLY A 72 -14.20 5.69 40.26
CA GLY A 72 -13.78 6.35 39.04
C GLY A 72 -14.18 7.81 38.99
N LEU A 73 -14.35 8.41 40.17
CA LEU A 73 -14.73 9.82 40.26
C LEU A 73 -13.70 10.62 41.04
N GLY A 74 -12.91 11.41 40.31
CA GLY A 74 -11.89 12.21 40.95
C GLY A 74 -10.58 12.23 40.17
N HIS A 75 -9.58 12.91 40.71
CA HIS A 75 -8.28 12.99 40.06
C HIS A 75 -7.17 13.27 41.08
N VAL A 76 -5.99 12.70 40.83
CA VAL A 76 -4.86 12.88 41.73
C VAL A 76 -4.44 14.35 41.80
N ASN A 77 -4.59 15.05 40.68
CA ASN A 77 -4.23 16.46 40.62
C ASN A 77 -5.26 17.32 41.36
N ASN A 78 -6.25 16.67 41.96
CA ASN A 78 -7.30 17.36 42.70
C ASN A 78 -7.81 18.56 41.90
N VAL A 79 -8.08 18.34 40.61
CA VAL A 79 -8.57 19.40 39.75
C VAL A 79 -9.78 18.94 38.93
N PHE A 80 -9.80 17.64 38.62
CA PHE A 80 -10.90 17.06 37.84
C PHE A 80 -11.70 16.08 38.69
N VAL A 81 -12.90 15.75 38.22
CA VAL A 81 -13.77 14.83 38.93
C VAL A 81 -13.95 13.53 38.15
N THR A 82 -12.97 13.22 37.31
CA THR A 82 -13.02 12.00 36.50
C THR A 82 -11.62 11.49 36.18
N HIS A 83 -11.53 10.23 35.78
CA HIS A 83 -10.25 9.62 35.44
C HIS A 83 -10.44 8.23 34.85
N ARG A 84 -9.55 7.84 33.95
CA ARG A 84 -9.63 6.53 33.32
C ARG A 84 -8.25 5.85 33.30
N SER A 85 -7.46 6.10 34.33
CA SER A 85 -6.12 5.52 34.43
C SER A 85 -5.55 5.75 35.82
N LEU A 86 -4.73 4.80 36.27
CA LEU A 86 -4.10 4.89 37.59
C LEU A 86 -3.41 6.23 37.77
N SER A 87 -2.71 6.67 36.72
CA SER A 87 -1.99 7.94 36.77
C SER A 87 -2.92 9.07 37.21
N GLY A 88 -4.18 8.98 36.80
CA GLY A 88 -5.15 10.00 37.16
C GLY A 88 -6.09 9.55 38.26
N CYS A 89 -5.81 8.39 38.84
CA CYS A 89 -6.63 7.84 39.92
C CYS A 89 -6.18 8.38 41.27
N PRO A 90 -7.05 9.19 41.90
CA PRO A 90 -6.77 9.77 43.22
C PRO A 90 -6.76 8.75 44.34
N LEU A 91 -7.77 7.89 44.35
CA LEU A 91 -7.88 6.85 45.37
C LEU A 91 -6.61 6.01 45.43
N ASN A 92 -6.05 5.71 44.26
CA ASN A 92 -4.83 4.92 44.17
C ASN A 92 -3.66 5.64 44.85
N ALA A 93 -3.28 6.78 44.30
CA ALA A 93 -2.18 7.57 44.84
C ALA A 93 -2.19 7.53 46.37
N GLN A 94 -3.39 7.47 46.94
CA GLN A 94 -3.53 7.44 48.40
C GLN A 94 -3.13 6.07 48.96
N VAL A 95 -3.60 5.01 48.32
CA VAL A 95 -3.29 3.66 48.75
C VAL A 95 -1.81 3.34 48.54
N ILE A 96 -1.27 3.76 47.41
CA ILE A 96 0.14 3.54 47.09
C ILE A 96 0.99 3.58 48.36
N LYS A 97 0.88 4.68 49.10
CA LYS A 97 1.64 4.85 50.34
C LYS A 97 3.04 4.26 50.20
N LYS A 98 3.76 4.69 49.17
CA LYS A 98 5.11 4.20 48.93
C LYS A 98 5.83 5.08 47.90
N GLY A 99 7.06 5.47 48.22
CA GLY A 99 7.83 6.31 47.32
C GLY A 99 8.20 7.65 47.95
N LYS A 100 8.76 8.54 47.14
CA LYS A 100 9.17 9.85 47.61
C LYS A 100 8.49 10.96 46.82
N VAL A 101 8.24 12.09 47.47
CA VAL A 101 7.59 13.22 46.82
C VAL A 101 8.60 14.30 46.47
N SER A 102 9.86 14.07 46.83
CA SER A 102 10.92 15.03 46.56
C SER A 102 11.90 14.48 45.52
N SER A 103 11.54 14.65 44.25
CA SER A 103 12.38 14.17 43.16
C SER A 103 12.62 15.28 42.13
N GLY A 104 13.62 16.12 42.40
CA GLY A 104 13.94 17.21 41.49
C GLY A 104 15.26 17.87 41.82
N PRO A 105 15.28 18.66 42.90
CA PRO A 105 16.49 19.36 43.34
C PRO A 105 17.55 18.42 43.89
N SER A 106 18.81 18.67 43.54
CA SER A 106 19.92 17.84 44.01
C SER A 106 20.90 18.65 44.83
N SER A 107 20.37 19.50 45.70
CA SER A 107 21.21 20.35 46.55
C SER A 107 20.85 20.16 48.02
N GLY A 108 19.58 20.39 48.36
CA GLY A 108 19.14 20.23 49.72
C GLY A 108 18.25 21.38 50.17
N GLY A 1 40.99 -23.89 16.52
CA GLY A 1 40.43 -22.55 16.60
C GLY A 1 38.91 -22.55 16.43
N SER A 2 38.34 -21.36 16.27
CA SER A 2 36.91 -21.22 16.11
C SER A 2 36.54 -19.81 15.67
N SER A 3 35.33 -19.65 15.16
CA SER A 3 34.86 -18.34 14.70
C SER A 3 33.56 -17.94 15.42
N GLY A 4 33.09 -16.74 15.14
CA GLY A 4 31.86 -16.27 15.76
C GLY A 4 30.98 -15.50 14.79
N SER A 5 29.81 -15.07 15.27
CA SER A 5 28.87 -14.34 14.44
C SER A 5 28.26 -13.18 15.21
N SER A 6 27.87 -12.13 14.50
CA SER A 6 27.27 -10.96 15.12
C SER A 6 25.79 -10.85 14.74
N GLY A 7 25.52 -10.73 13.44
CA GLY A 7 24.15 -10.62 12.97
C GLY A 7 24.08 -10.40 11.47
N PRO A 8 23.13 -11.07 10.82
CA PRO A 8 22.93 -10.97 9.37
C PRO A 8 22.35 -9.61 8.97
N GLU A 9 22.03 -9.47 7.69
CA GLU A 9 21.48 -8.22 7.18
C GLU A 9 20.31 -8.49 6.22
N LEU A 10 19.27 -7.68 6.32
CA LEU A 10 18.09 -7.83 5.48
C LEU A 10 17.59 -6.47 5.00
N LYS A 11 17.08 -6.44 3.77
CA LYS A 11 16.56 -5.20 3.19
C LYS A 11 15.23 -5.45 2.49
N CYS A 12 14.44 -4.38 2.33
CA CYS A 12 13.15 -4.49 1.67
C CYS A 12 13.20 -5.49 0.51
N PRO A 13 12.73 -6.72 0.77
CA PRO A 13 12.71 -7.78 -0.24
C PRO A 13 11.70 -7.52 -1.35
N VAL A 14 10.96 -6.43 -1.21
CA VAL A 14 9.95 -6.07 -2.21
C VAL A 14 10.59 -5.42 -3.43
N ILE A 15 10.44 -6.07 -4.58
CA ILE A 15 11.01 -5.57 -5.82
C ILE A 15 10.44 -4.19 -6.16
N GLY A 16 11.23 -3.40 -6.90
CA GLY A 16 10.80 -2.07 -7.27
C GLY A 16 10.99 -1.05 -6.16
N CYS A 17 10.76 -1.49 -4.93
CA CYS A 17 10.90 -0.61 -3.77
C CYS A 17 12.37 -0.39 -3.43
N ASP A 18 12.69 0.80 -2.94
CA ASP A 18 14.06 1.14 -2.58
C ASP A 18 14.20 1.29 -1.07
N GLY A 19 13.37 0.55 -0.32
CA GLY A 19 13.42 0.62 1.13
C GLY A 19 13.38 2.05 1.64
N GLN A 20 12.42 2.82 1.15
CA GLN A 20 12.26 4.21 1.57
C GLN A 20 10.93 4.43 2.27
N GLY A 21 10.97 5.16 3.38
CA GLY A 21 9.74 5.44 4.12
C GLY A 21 9.39 4.32 5.08
N HIS A 22 8.19 4.38 5.64
CA HIS A 22 7.73 3.36 6.58
C HIS A 22 6.21 3.18 6.50
N ILE A 23 5.77 1.94 6.34
CA ILE A 23 4.35 1.65 6.24
C ILE A 23 3.54 2.50 7.20
N SER A 24 4.10 2.73 8.39
CA SER A 24 3.43 3.54 9.40
C SER A 24 3.44 5.01 9.02
N GLY A 25 4.58 5.48 8.51
CA GLY A 25 4.71 6.87 8.11
C GLY A 25 5.68 7.64 8.98
N LYS A 26 5.70 7.32 10.27
CA LYS A 26 6.60 7.99 11.21
C LYS A 26 8.04 7.88 10.75
N TYR A 27 8.50 6.65 10.55
CA TYR A 27 9.87 6.41 10.10
C TYR A 27 10.03 6.69 8.61
N THR A 28 11.18 7.20 8.23
CA THR A 28 11.46 7.52 6.83
C THR A 28 12.36 6.46 6.19
N SER A 29 12.15 5.21 6.56
CA SER A 29 12.94 4.11 6.03
C SER A 29 12.41 2.77 6.52
N HIS A 30 12.77 1.70 5.81
CA HIS A 30 12.32 0.35 6.17
C HIS A 30 13.22 -0.70 5.53
N ARG A 31 13.36 -1.83 6.21
CA ARG A 31 14.19 -2.92 5.69
C ARG A 31 13.48 -4.27 5.85
N THR A 32 12.15 -4.22 5.90
CA THR A 32 11.35 -5.43 6.05
C THR A 32 9.99 -5.28 5.37
N ALA A 33 9.56 -6.30 4.65
CA ALA A 33 8.29 -6.28 3.96
C ALA A 33 7.17 -5.81 4.88
N SER A 34 7.18 -6.30 6.11
CA SER A 34 6.16 -5.93 7.09
C SER A 34 6.08 -4.42 7.25
N GLY A 35 7.23 -3.76 7.22
CA GLY A 35 7.27 -2.32 7.35
C GLY A 35 7.41 -1.61 6.02
N CYS A 36 7.20 -2.36 4.94
CA CYS A 36 7.31 -1.81 3.59
C CYS A 36 6.02 -1.07 3.20
N PRO A 37 6.10 0.27 3.10
CA PRO A 37 4.96 1.11 2.75
C PRO A 37 4.54 0.93 1.29
N LEU A 38 5.51 0.58 0.44
CA LEU A 38 5.24 0.38 -0.98
C LEU A 38 4.42 -0.90 -1.20
N ALA A 39 4.66 -1.89 -0.36
CA ALA A 39 3.94 -3.16 -0.46
C ALA A 39 2.46 -2.98 -0.14
N ALA A 40 2.15 -2.01 0.71
CA ALA A 40 0.78 -1.73 1.09
C ALA A 40 -0.05 -1.26 -0.10
N LYS A 41 0.48 -0.27 -0.82
CA LYS A 41 -0.20 0.28 -1.98
C LYS A 41 -0.75 -0.84 -2.86
N ARG A 42 -0.04 -1.97 -2.90
CA ARG A 42 -0.45 -3.11 -3.71
C ARG A 42 -1.35 -4.04 -2.90
N GLN A 43 -1.05 -4.18 -1.61
CA GLN A 43 -1.83 -5.04 -0.74
C GLN A 43 -3.31 -4.65 -0.76
N LYS A 44 -3.57 -3.36 -0.66
CA LYS A 44 -4.94 -2.85 -0.68
C LYS A 44 -5.68 -3.31 -1.94
N GLU A 45 -6.85 -3.91 -1.75
CA GLU A 45 -7.65 -4.40 -2.86
C GLU A 45 -8.82 -3.46 -3.13
N ASN A 46 -9.26 -3.42 -4.39
CA ASN A 46 -10.37 -2.56 -4.78
C ASN A 46 -10.35 -1.25 -4.01
N PRO A 47 -9.21 -0.56 -4.05
CA PRO A 47 -9.04 0.72 -3.36
C PRO A 47 -9.85 1.84 -3.99
N LEU A 48 -10.49 1.53 -5.12
CA LEU A 48 -11.31 2.52 -5.82
C LEU A 48 -11.99 3.47 -4.84
N ASN A 49 -11.65 4.75 -4.95
CA ASN A 49 -12.23 5.77 -4.07
C ASN A 49 -13.02 6.80 -4.87
N GLY A 50 -12.41 7.28 -5.96
CA GLY A 50 -13.08 8.26 -6.80
C GLY A 50 -12.52 8.29 -8.21
N ALA A 51 -12.52 9.47 -8.82
CA ALA A 51 -12.01 9.61 -10.18
C ALA A 51 -10.53 9.26 -10.26
N SER A 52 -10.26 7.99 -10.50
CA SER A 52 -8.88 7.51 -10.60
C SER A 52 -8.62 6.86 -11.95
N LEU A 53 -7.36 6.53 -12.21
CA LEU A 53 -6.98 5.90 -13.48
C LEU A 53 -7.91 4.74 -13.80
N SER A 54 -8.60 4.84 -14.94
CA SER A 54 -9.53 3.79 -15.37
C SER A 54 -8.78 2.57 -15.88
N TRP A 55 -7.81 2.81 -16.76
CA TRP A 55 -7.01 1.72 -17.33
C TRP A 55 -5.74 2.27 -17.96
N LYS A 56 -4.65 1.49 -17.88
CA LYS A 56 -3.38 1.89 -18.44
C LYS A 56 -3.22 1.36 -19.86
N LEU A 57 -2.59 2.15 -20.72
CA LEU A 57 -2.38 1.76 -22.11
C LEU A 57 -0.89 1.74 -22.44
N ASN A 58 -0.08 1.29 -21.49
CA ASN A 58 1.37 1.20 -21.68
C ASN A 58 1.69 0.60 -23.03
N LYS A 59 1.02 -0.50 -23.38
CA LYS A 59 1.24 -1.18 -24.65
C LYS A 59 0.12 -0.85 -25.63
N GLN A 60 0.25 -1.37 -26.86
CA GLN A 60 -0.75 -1.14 -27.89
C GLN A 60 -1.73 -2.31 -27.95
N GLU A 61 -1.20 -3.52 -28.02
CA GLU A 61 -2.02 -4.71 -28.08
C GLU A 61 -2.06 -5.44 -26.74
N LEU A 62 -2.80 -4.90 -25.80
CA LEU A 62 -2.91 -5.49 -24.47
C LEU A 62 -3.58 -6.86 -24.54
N PRO A 63 -3.27 -7.72 -23.57
CA PRO A 63 -3.83 -9.07 -23.49
C PRO A 63 -5.31 -9.07 -23.14
N HIS A 64 -6.15 -9.48 -24.09
CA HIS A 64 -7.59 -9.52 -23.88
C HIS A 64 -8.27 -10.41 -24.92
N CYS A 65 -8.91 -11.47 -24.46
CA CYS A 65 -9.60 -12.40 -25.35
C CYS A 65 -10.33 -11.65 -26.47
N PRO A 66 -10.05 -12.04 -27.72
CA PRO A 66 -10.67 -11.41 -28.89
C PRO A 66 -12.15 -11.74 -29.01
N LEU A 67 -12.50 -12.99 -28.72
CA LEU A 67 -13.89 -13.44 -28.79
C LEU A 67 -14.85 -12.32 -28.40
N PRO A 68 -15.84 -12.05 -29.27
CA PRO A 68 -16.83 -11.00 -29.03
C PRO A 68 -17.79 -11.34 -27.90
N GLY A 69 -18.10 -12.63 -27.76
CA GLY A 69 -19.00 -13.07 -26.72
C GLY A 69 -18.26 -13.46 -25.45
N CYS A 70 -17.07 -12.90 -25.26
CA CYS A 70 -16.27 -13.20 -24.08
C CYS A 70 -15.83 -11.91 -23.38
N ASN A 71 -15.40 -12.04 -22.14
CA ASN A 71 -14.96 -10.88 -21.36
C ASN A 71 -13.59 -11.14 -20.73
N GLY A 72 -12.81 -11.99 -21.37
CA GLY A 72 -11.47 -12.31 -20.87
C GLY A 72 -11.51 -12.78 -19.43
N LEU A 73 -12.59 -13.45 -19.05
CA LEU A 73 -12.74 -13.97 -17.69
C LEU A 73 -13.05 -15.45 -17.69
N GLY A 74 -12.35 -16.20 -16.85
CA GLY A 74 -12.58 -17.63 -16.77
C GLY A 74 -11.50 -18.44 -17.47
N HIS A 75 -11.59 -19.76 -17.41
CA HIS A 75 -10.62 -20.63 -18.05
C HIS A 75 -11.26 -21.96 -18.43
N VAL A 76 -10.62 -22.66 -19.36
CA VAL A 76 -11.12 -23.96 -19.83
C VAL A 76 -10.86 -25.05 -18.79
N ASN A 77 -9.67 -25.01 -18.19
CA ASN A 77 -9.30 -26.00 -17.18
C ASN A 77 -10.18 -25.87 -15.94
N ASN A 78 -10.99 -24.82 -15.90
CA ASN A 78 -11.87 -24.57 -14.77
C ASN A 78 -11.09 -24.52 -13.46
N VAL A 79 -10.02 -23.73 -13.45
CA VAL A 79 -9.18 -23.60 -12.27
C VAL A 79 -8.86 -22.13 -11.98
N PHE A 80 -8.81 -21.34 -13.04
CA PHE A 80 -8.51 -19.91 -12.91
C PHE A 80 -9.72 -19.07 -13.29
N VAL A 81 -9.54 -17.75 -13.30
CA VAL A 81 -10.61 -16.83 -13.64
C VAL A 81 -10.13 -15.77 -14.63
N THR A 82 -9.14 -16.13 -15.45
CA THR A 82 -8.59 -15.20 -16.42
C THR A 82 -7.94 -15.96 -17.59
N HIS A 83 -7.78 -15.29 -18.71
CA HIS A 83 -7.17 -15.89 -19.89
C HIS A 83 -6.99 -14.86 -21.01
N ARG A 84 -5.76 -14.72 -21.48
CA ARG A 84 -5.47 -13.76 -22.54
C ARG A 84 -5.16 -14.49 -23.85
N SER A 85 -5.98 -15.49 -24.17
CA SER A 85 -5.79 -16.26 -25.40
C SER A 85 -6.95 -17.25 -25.59
N LEU A 86 -7.34 -17.43 -26.84
CA LEU A 86 -8.44 -18.35 -27.17
C LEU A 86 -8.21 -19.72 -26.53
N SER A 87 -6.97 -20.19 -26.59
CA SER A 87 -6.61 -21.48 -26.02
C SER A 87 -7.23 -21.65 -24.64
N GLY A 88 -7.07 -20.63 -23.79
CA GLY A 88 -7.61 -20.69 -22.45
C GLY A 88 -8.98 -20.05 -22.35
N CYS A 89 -9.74 -20.11 -23.44
CA CYS A 89 -11.08 -19.53 -23.47
C CYS A 89 -12.14 -20.60 -23.24
N PRO A 90 -12.81 -20.54 -22.09
CA PRO A 90 -13.86 -21.50 -21.72
C PRO A 90 -15.12 -21.32 -22.57
N LEU A 91 -15.26 -20.14 -23.17
CA LEU A 91 -16.41 -19.85 -24.01
C LEU A 91 -16.22 -20.39 -25.42
N ASN A 92 -15.01 -20.26 -25.93
CA ASN A 92 -14.68 -20.75 -27.27
C ASN A 92 -14.62 -22.27 -27.30
N ALA A 93 -13.92 -22.85 -26.33
CA ALA A 93 -13.78 -24.29 -26.25
C ALA A 93 -15.13 -24.99 -26.43
N GLN A 94 -16.10 -24.59 -25.62
CA GLN A 94 -17.44 -25.18 -25.69
C GLN A 94 -17.98 -25.12 -27.12
N VAL A 95 -17.80 -23.98 -27.77
CA VAL A 95 -18.27 -23.80 -29.14
C VAL A 95 -17.57 -24.78 -30.09
N ILE A 96 -16.27 -24.95 -29.91
CA ILE A 96 -15.50 -25.85 -30.75
C ILE A 96 -16.32 -27.07 -31.16
N LYS A 97 -17.06 -27.62 -30.20
CA LYS A 97 -17.90 -28.79 -30.46
C LYS A 97 -18.65 -28.63 -31.79
N LYS A 98 -18.35 -29.53 -32.73
CA LYS A 98 -19.00 -29.50 -34.04
C LYS A 98 -20.49 -29.77 -33.91
N GLY A 99 -21.26 -29.26 -34.87
CA GLY A 99 -22.70 -29.46 -34.85
C GLY A 99 -23.08 -30.86 -34.42
N LYS A 100 -22.81 -31.83 -35.29
CA LYS A 100 -23.13 -33.23 -35.01
C LYS A 100 -22.45 -33.69 -33.72
N VAL A 101 -23.23 -34.29 -32.83
CA VAL A 101 -22.70 -34.79 -31.57
C VAL A 101 -23.08 -36.24 -31.34
N SER A 102 -22.10 -37.06 -30.97
CA SER A 102 -22.33 -38.48 -30.73
C SER A 102 -21.79 -38.89 -29.37
N SER A 103 -22.61 -38.75 -28.34
CA SER A 103 -22.20 -39.11 -26.98
C SER A 103 -23.30 -39.89 -26.28
N GLY A 104 -23.91 -40.83 -27.01
CA GLY A 104 -24.97 -41.64 -26.44
C GLY A 104 -26.24 -40.85 -26.20
N PRO A 105 -27.03 -41.28 -25.20
CA PRO A 105 -28.29 -40.62 -24.86
C PRO A 105 -28.08 -39.25 -24.23
N SER A 106 -26.81 -38.83 -24.16
CA SER A 106 -26.47 -37.53 -23.57
C SER A 106 -25.96 -36.58 -24.65
N SER A 107 -26.42 -35.34 -24.62
CA SER A 107 -26.01 -34.33 -25.59
C SER A 107 -26.20 -32.92 -25.02
N GLY A 108 -25.18 -32.09 -25.18
CA GLY A 108 -25.25 -30.73 -24.68
C GLY A 108 -23.97 -29.95 -24.93
N GLY A 1 40.37 15.70 3.51
CA GLY A 1 39.76 14.53 4.13
C GLY A 1 38.65 13.93 3.29
N SER A 2 38.55 12.60 3.31
CA SER A 2 37.53 11.91 2.53
C SER A 2 37.30 10.51 3.09
N SER A 3 36.16 9.92 2.73
CA SER A 3 35.81 8.58 3.19
C SER A 3 34.54 8.09 2.51
N GLY A 4 34.16 6.85 2.82
CA GLY A 4 32.96 6.28 2.22
C GLY A 4 32.99 4.76 2.22
N SER A 5 33.23 4.18 1.04
CA SER A 5 33.27 2.74 0.90
C SER A 5 31.99 2.09 1.41
N SER A 6 30.85 2.63 0.98
CA SER A 6 29.56 2.11 1.40
C SER A 6 29.44 0.62 1.11
N GLY A 7 28.43 -0.02 1.70
CA GLY A 7 28.24 -1.44 1.49
C GLY A 7 26.78 -1.85 1.64
N PRO A 8 26.29 -2.67 0.71
CA PRO A 8 24.91 -3.16 0.71
C PRO A 8 24.65 -4.13 1.85
N GLU A 9 23.37 -4.38 2.14
CA GLU A 9 22.98 -5.30 3.21
C GLU A 9 21.48 -5.55 3.19
N LEU A 10 21.06 -6.62 3.84
CA LEU A 10 19.64 -6.98 3.91
C LEU A 10 18.77 -5.72 3.94
N LYS A 11 17.76 -5.69 3.07
CA LYS A 11 16.85 -4.56 3.00
C LYS A 11 15.51 -4.97 2.39
N CYS A 12 14.61 -4.01 2.24
CA CYS A 12 13.30 -4.27 1.68
C CYS A 12 13.38 -5.34 0.59
N PRO A 13 12.86 -6.54 0.90
CA PRO A 13 12.85 -7.67 -0.02
C PRO A 13 11.90 -7.46 -1.19
N VAL A 14 10.99 -6.51 -1.04
CA VAL A 14 10.02 -6.21 -2.09
C VAL A 14 10.70 -5.60 -3.31
N ILE A 15 10.92 -6.42 -4.33
CA ILE A 15 11.56 -5.95 -5.56
C ILE A 15 10.84 -4.74 -6.13
N GLY A 16 11.63 -3.81 -6.67
CA GLY A 16 11.05 -2.60 -7.24
C GLY A 16 10.99 -1.46 -6.25
N CYS A 17 10.79 -1.80 -4.98
CA CYS A 17 10.70 -0.79 -3.93
C CYS A 17 12.04 -0.11 -3.72
N ASP A 18 12.02 1.08 -3.10
CA ASP A 18 13.23 1.83 -2.85
C ASP A 18 13.79 1.51 -1.46
N GLY A 19 12.90 1.06 -0.57
CA GLY A 19 13.32 0.72 0.78
C GLY A 19 13.09 1.86 1.76
N GLN A 20 13.02 3.08 1.24
CA GLN A 20 12.80 4.26 2.07
C GLN A 20 11.34 4.36 2.49
N GLY A 21 11.08 5.16 3.52
CA GLY A 21 9.72 5.34 3.99
C GLY A 21 9.28 4.23 4.93
N HIS A 22 8.07 4.35 5.46
CA HIS A 22 7.54 3.36 6.38
C HIS A 22 6.02 3.34 6.35
N ILE A 23 5.44 2.16 6.12
CA ILE A 23 3.98 2.03 6.07
C ILE A 23 3.32 2.82 7.19
N SER A 24 4.02 2.96 8.31
CA SER A 24 3.49 3.68 9.46
C SER A 24 3.65 5.19 9.28
N GLY A 25 4.76 5.59 8.66
CA GLY A 25 5.01 7.00 8.42
C GLY A 25 6.00 7.59 9.41
N LYS A 26 5.86 7.20 10.68
CA LYS A 26 6.74 7.69 11.73
C LYS A 26 8.20 7.64 11.28
N TYR A 27 8.58 6.55 10.64
CA TYR A 27 9.94 6.37 10.17
C TYR A 27 10.06 6.77 8.70
N THR A 28 11.28 7.12 8.27
CA THR A 28 11.52 7.52 6.90
C THR A 28 12.33 6.46 6.15
N SER A 29 12.24 5.22 6.61
CA SER A 29 12.96 4.12 5.99
C SER A 29 12.46 2.78 6.50
N HIS A 30 12.70 1.73 5.73
CA HIS A 30 12.26 0.38 6.11
C HIS A 30 13.14 -0.67 5.46
N ARG A 31 13.30 -1.81 6.14
CA ARG A 31 14.13 -2.89 5.63
C ARG A 31 13.41 -4.24 5.79
N THR A 32 12.09 -4.21 5.72
CA THR A 32 11.29 -5.42 5.86
C THR A 32 9.95 -5.29 5.14
N ALA A 33 9.46 -6.38 4.59
CA ALA A 33 8.18 -6.38 3.89
C ALA A 33 7.05 -5.90 4.79
N SER A 34 7.07 -6.35 6.04
CA SER A 34 6.04 -5.96 7.00
C SER A 34 5.97 -4.44 7.13
N GLY A 35 7.12 -3.79 7.07
CA GLY A 35 7.17 -2.34 7.18
C GLY A 35 7.28 -1.66 5.83
N CYS A 36 7.10 -2.43 4.77
CA CYS A 36 7.18 -1.89 3.42
C CYS A 36 5.88 -1.20 3.02
N PRO A 37 5.94 0.14 2.89
CA PRO A 37 4.79 0.95 2.51
C PRO A 37 4.35 0.72 1.07
N LEU A 38 5.29 0.23 0.26
CA LEU A 38 5.01 -0.03 -1.16
C LEU A 38 4.17 -1.30 -1.32
N ALA A 39 4.49 -2.32 -0.52
CA ALA A 39 3.78 -3.58 -0.57
C ALA A 39 2.30 -3.38 -0.25
N ALA A 40 2.02 -2.53 0.73
CA ALA A 40 0.64 -2.25 1.13
C ALA A 40 -0.12 -1.54 0.02
N LYS A 41 0.47 -0.48 -0.51
CA LYS A 41 -0.15 0.29 -1.57
C LYS A 41 -0.81 -0.64 -2.60
N ARG A 42 -0.18 -1.77 -2.85
CA ARG A 42 -0.69 -2.75 -3.81
C ARG A 42 -2.03 -3.30 -3.34
N GLN A 43 -2.07 -3.74 -2.09
CA GLN A 43 -3.29 -4.31 -1.52
C GLN A 43 -4.34 -3.23 -1.29
N LYS A 44 -3.88 -2.01 -1.02
CA LYS A 44 -4.77 -0.88 -0.77
C LYS A 44 -4.25 0.38 -1.46
N GLU A 45 -5.04 0.92 -2.38
CA GLU A 45 -4.66 2.13 -3.10
C GLU A 45 -5.41 3.34 -2.55
N ASN A 46 -5.06 4.52 -3.07
CA ASN A 46 -5.69 5.76 -2.63
C ASN A 46 -6.22 6.55 -3.83
N PRO A 47 -7.47 6.27 -4.21
CA PRO A 47 -8.12 6.95 -5.34
C PRO A 47 -8.43 8.41 -5.04
N LEU A 48 -8.11 8.84 -3.82
CA LEU A 48 -8.36 10.22 -3.41
C LEU A 48 -8.16 11.18 -4.58
N ASN A 49 -8.98 12.23 -4.61
CA ASN A 49 -8.89 13.23 -5.67
C ASN A 49 -9.25 14.61 -5.15
N GLY A 50 -9.06 15.63 -5.99
CA GLY A 50 -9.37 16.99 -5.59
C GLY A 50 -10.06 17.78 -6.70
N ALA A 51 -10.96 18.66 -6.31
CA ALA A 51 -11.69 19.48 -7.27
C ALA A 51 -12.51 20.55 -6.57
N SER A 52 -12.42 21.78 -7.07
CA SER A 52 -13.16 22.90 -6.49
C SER A 52 -13.64 23.87 -7.57
N LEU A 53 -14.89 24.31 -7.45
CA LEU A 53 -15.47 25.22 -8.42
C LEU A 53 -16.47 26.17 -7.75
N SER A 54 -16.15 27.46 -7.75
CA SER A 54 -17.02 28.45 -7.13
C SER A 54 -18.11 28.89 -8.11
N TRP A 55 -17.70 29.55 -9.19
CA TRP A 55 -18.63 30.02 -10.20
C TRP A 55 -17.91 30.32 -11.51
N LYS A 56 -18.68 30.57 -12.56
CA LYS A 56 -18.12 30.87 -13.87
C LYS A 56 -16.98 31.88 -13.76
N LEU A 57 -15.92 31.65 -14.54
CA LEU A 57 -14.76 32.55 -14.53
C LEU A 57 -13.96 32.42 -15.82
N ASN A 58 -13.49 33.56 -16.33
CA ASN A 58 -12.72 33.58 -17.57
C ASN A 58 -11.23 33.68 -17.27
N LYS A 59 -10.77 32.91 -16.29
CA LYS A 59 -9.36 32.91 -15.91
C LYS A 59 -8.95 34.27 -15.36
N GLN A 60 -9.82 34.86 -14.54
CA GLN A 60 -9.54 36.16 -13.95
C GLN A 60 -9.35 36.04 -12.43
N GLU A 61 -8.38 36.78 -11.91
CA GLU A 61 -8.08 36.74 -10.48
C GLU A 61 -8.05 35.32 -9.95
N LEU A 62 -7.49 34.41 -10.75
CA LEU A 62 -7.40 33.01 -10.37
C LEU A 62 -6.33 32.80 -9.30
N PRO A 63 -6.47 31.72 -8.53
CA PRO A 63 -5.52 31.38 -7.46
C PRO A 63 -4.17 30.93 -8.01
N HIS A 64 -3.13 31.70 -7.70
CA HIS A 64 -1.78 31.37 -8.16
C HIS A 64 -1.32 30.03 -7.60
N CYS A 65 -0.10 29.63 -7.96
CA CYS A 65 0.45 28.37 -7.50
C CYS A 65 0.06 28.09 -6.05
N PRO A 66 -0.64 26.97 -5.83
CA PRO A 66 -1.09 26.56 -4.49
C PRO A 66 0.07 26.14 -3.59
N LEU A 67 1.06 25.49 -4.18
CA LEU A 67 2.23 25.03 -3.43
C LEU A 67 2.62 26.04 -2.36
N PRO A 68 2.77 25.57 -1.12
CA PRO A 68 3.14 26.42 0.01
C PRO A 68 4.59 26.90 -0.08
N GLY A 69 5.46 26.05 -0.59
CA GLY A 69 6.86 26.40 -0.73
C GLY A 69 7.10 27.34 -1.89
N CYS A 70 6.25 27.27 -2.91
CA CYS A 70 6.38 28.12 -4.08
C CYS A 70 5.76 29.48 -3.83
N ASN A 71 6.06 30.44 -4.72
CA ASN A 71 5.52 31.79 -4.60
C ASN A 71 4.74 32.18 -5.84
N GLY A 72 5.14 31.62 -6.99
CA GLY A 72 4.46 31.92 -8.24
C GLY A 72 5.38 32.55 -9.27
N LEU A 73 6.65 32.17 -9.22
CA LEU A 73 7.64 32.69 -10.16
C LEU A 73 8.47 31.56 -10.78
N GLY A 74 8.52 31.53 -12.11
CA GLY A 74 9.28 30.51 -12.79
C GLY A 74 8.40 29.57 -13.59
N HIS A 75 9.00 28.81 -14.49
CA HIS A 75 8.26 27.87 -15.32
C HIS A 75 9.02 26.56 -15.47
N VAL A 76 8.28 25.47 -15.63
CA VAL A 76 8.88 24.14 -15.78
C VAL A 76 9.65 24.04 -17.10
N ASN A 77 9.15 24.72 -18.13
CA ASN A 77 9.79 24.70 -19.44
C ASN A 77 10.93 25.70 -19.50
N ASN A 78 11.40 26.14 -18.33
CA ASN A 78 12.49 27.09 -18.24
C ASN A 78 12.42 28.10 -19.39
N VAL A 79 11.24 28.69 -19.57
CA VAL A 79 11.05 29.68 -20.63
C VAL A 79 10.35 30.93 -20.09
N PHE A 80 9.33 30.72 -19.26
CA PHE A 80 8.58 31.83 -18.69
C PHE A 80 9.04 32.10 -17.26
N VAL A 81 8.63 33.25 -16.72
CA VAL A 81 9.00 33.63 -15.36
C VAL A 81 7.77 33.67 -14.45
N THR A 82 6.67 33.09 -14.91
CA THR A 82 5.44 33.05 -14.14
C THR A 82 4.69 31.74 -14.36
N HIS A 83 3.75 31.45 -13.48
CA HIS A 83 2.96 30.23 -13.57
C HIS A 83 1.86 30.20 -12.51
N ARG A 84 0.62 30.08 -12.98
CA ARG A 84 -0.53 30.05 -12.07
C ARG A 84 -1.21 28.68 -12.09
N SER A 85 -0.39 27.63 -12.09
CA SER A 85 -0.90 26.26 -12.11
C SER A 85 0.22 25.26 -11.86
N LEU A 86 0.06 24.46 -10.82
CA LEU A 86 1.06 23.44 -10.48
C LEU A 86 1.69 22.85 -11.74
N SER A 87 0.87 22.65 -12.76
CA SER A 87 1.35 22.08 -14.02
C SER A 87 2.60 22.81 -14.50
N GLY A 88 2.55 24.13 -14.50
CA GLY A 88 3.69 24.92 -14.93
C GLY A 88 4.57 25.35 -13.78
N CYS A 89 4.57 24.56 -12.71
CA CYS A 89 5.36 24.86 -11.53
C CYS A 89 6.72 24.16 -11.59
N PRO A 90 7.80 24.94 -11.70
CA PRO A 90 9.16 24.41 -11.78
C PRO A 90 9.62 23.80 -10.45
N LEU A 91 8.98 24.23 -9.36
CA LEU A 91 9.32 23.73 -8.03
C LEU A 91 8.55 22.45 -7.72
N ASN A 92 7.41 22.27 -8.38
CA ASN A 92 6.58 21.10 -8.18
C ASN A 92 6.93 19.99 -9.17
N ALA A 93 7.75 20.35 -10.16
CA ALA A 93 8.17 19.39 -11.18
C ALA A 93 9.51 18.75 -10.82
N GLN A 94 10.29 19.46 -10.00
CA GLN A 94 11.59 18.96 -9.57
C GLN A 94 11.47 18.06 -8.35
N VAL A 95 10.51 18.38 -7.48
CA VAL A 95 10.28 17.59 -6.27
C VAL A 95 9.79 16.19 -6.62
N ILE A 96 9.07 16.08 -7.73
CA ILE A 96 8.53 14.79 -8.17
C ILE A 96 9.58 13.70 -8.05
N LYS A 97 10.83 14.03 -8.39
CA LYS A 97 11.92 13.07 -8.31
C LYS A 97 11.76 12.16 -7.10
N LYS A 98 11.21 10.97 -7.32
CA LYS A 98 11.01 10.02 -6.24
C LYS A 98 10.91 8.60 -6.79
N GLY A 99 10.93 7.61 -5.89
CA GLY A 99 10.84 6.23 -6.31
C GLY A 99 11.54 5.97 -7.63
N LYS A 100 10.76 5.58 -8.64
CA LYS A 100 11.31 5.30 -9.96
C LYS A 100 10.98 6.42 -10.94
N VAL A 101 11.85 6.63 -11.91
CA VAL A 101 11.64 7.67 -12.92
C VAL A 101 12.38 7.34 -14.21
N SER A 102 11.67 7.43 -15.33
CA SER A 102 12.26 7.13 -16.63
C SER A 102 12.68 8.41 -17.34
N SER A 103 13.96 8.74 -17.24
CA SER A 103 14.50 9.94 -17.86
C SER A 103 14.06 10.05 -19.32
N GLY A 104 13.92 11.27 -19.81
CA GLY A 104 13.50 11.48 -21.19
C GLY A 104 14.67 11.44 -22.16
N PRO A 105 14.42 10.87 -23.35
CA PRO A 105 15.45 10.76 -24.39
C PRO A 105 15.83 12.11 -24.99
N SER A 106 15.15 13.16 -24.53
CA SER A 106 15.42 14.51 -25.03
C SER A 106 15.98 15.39 -23.92
N SER A 107 17.24 15.79 -24.07
CA SER A 107 17.90 16.63 -23.08
C SER A 107 17.80 18.10 -23.46
N GLY A 108 16.63 18.50 -23.95
CA GLY A 108 16.42 19.88 -24.35
C GLY A 108 16.28 20.82 -23.16
N GLY A 1 48.44 -17.58 1.70
CA GLY A 1 47.17 -17.48 2.37
C GLY A 1 46.67 -16.05 2.48
N SER A 2 45.53 -15.86 3.14
CA SER A 2 44.95 -14.54 3.31
C SER A 2 43.80 -14.57 4.30
N SER A 3 43.33 -13.39 4.68
CA SER A 3 42.21 -13.28 5.62
C SER A 3 41.18 -12.29 5.13
N GLY A 4 40.08 -12.17 5.88
CA GLY A 4 39.02 -11.25 5.50
C GLY A 4 37.84 -11.30 6.46
N SER A 5 36.73 -10.68 6.06
CA SER A 5 35.54 -10.65 6.89
C SER A 5 34.29 -10.44 6.04
N SER A 6 33.13 -10.49 6.68
CA SER A 6 31.86 -10.31 5.98
C SER A 6 30.80 -9.72 6.91
N GLY A 7 29.74 -9.19 6.32
CA GLY A 7 28.67 -8.61 7.12
C GLY A 7 27.34 -8.60 6.39
N PRO A 8 26.45 -9.53 6.77
CA PRO A 8 25.12 -9.64 6.15
C PRO A 8 24.20 -8.48 6.51
N GLU A 9 23.51 -7.95 5.52
CA GLU A 9 22.60 -6.83 5.72
C GLU A 9 21.20 -7.16 5.23
N LEU A 10 20.19 -6.55 5.84
CA LEU A 10 18.80 -6.78 5.45
C LEU A 10 18.19 -5.52 4.87
N LYS A 11 17.40 -5.69 3.81
CA LYS A 11 16.75 -4.56 3.14
C LYS A 11 15.43 -5.00 2.53
N CYS A 12 14.55 -4.03 2.26
CA CYS A 12 13.25 -4.30 1.69
C CYS A 12 13.36 -5.32 0.56
N PRO A 13 12.87 -6.54 0.82
CA PRO A 13 12.91 -7.64 -0.15
C PRO A 13 11.96 -7.40 -1.33
N VAL A 14 11.01 -6.49 -1.13
CA VAL A 14 10.03 -6.17 -2.17
C VAL A 14 10.70 -5.53 -3.37
N ILE A 15 10.65 -6.20 -4.51
CA ILE A 15 11.25 -5.69 -5.73
C ILE A 15 10.61 -4.36 -6.14
N GLY A 16 11.38 -3.54 -6.86
CA GLY A 16 10.88 -2.25 -7.30
C GLY A 16 10.96 -1.20 -6.21
N CYS A 17 10.74 -1.61 -4.97
CA CYS A 17 10.77 -0.69 -3.84
C CYS A 17 12.21 -0.29 -3.51
N ASP A 18 12.37 0.92 -2.97
CA ASP A 18 13.68 1.44 -2.62
C ASP A 18 13.89 1.41 -1.11
N GLY A 19 13.29 0.43 -0.44
CA GLY A 19 13.41 0.31 0.99
C GLY A 19 13.40 1.66 1.68
N GLN A 20 12.54 2.56 1.21
CA GLN A 20 12.44 3.89 1.79
C GLN A 20 11.06 4.11 2.39
N GLY A 21 10.96 5.05 3.32
CA GLY A 21 9.69 5.35 3.96
C GLY A 21 9.24 4.24 4.88
N HIS A 22 8.06 4.41 5.47
CA HIS A 22 7.50 3.41 6.37
C HIS A 22 5.99 3.39 6.30
N ILE A 23 5.42 2.19 6.14
CA ILE A 23 3.97 2.04 6.05
C ILE A 23 3.27 2.80 7.16
N SER A 24 3.98 3.02 8.27
CA SER A 24 3.42 3.73 9.41
C SER A 24 3.54 5.24 9.21
N GLY A 25 4.66 5.67 8.64
CA GLY A 25 4.88 7.09 8.41
C GLY A 25 5.91 7.68 9.36
N LYS A 26 5.80 7.33 10.64
CA LYS A 26 6.72 7.83 11.66
C LYS A 26 8.15 7.78 11.14
N TYR A 27 8.59 6.61 10.69
CA TYR A 27 9.94 6.44 10.18
C TYR A 27 10.01 6.76 8.70
N THR A 28 11.19 7.16 8.24
CA THR A 28 11.39 7.50 6.84
C THR A 28 12.26 6.46 6.13
N SER A 29 12.16 5.22 6.58
CA SER A 29 12.93 4.13 6.00
C SER A 29 12.43 2.78 6.51
N HIS A 30 12.80 1.72 5.80
CA HIS A 30 12.39 0.37 6.18
C HIS A 30 13.30 -0.67 5.52
N ARG A 31 13.44 -1.82 6.17
CA ARG A 31 14.28 -2.90 5.66
C ARG A 31 13.56 -4.25 5.76
N THR A 32 12.23 -4.20 5.76
CA THR A 32 11.43 -5.41 5.85
C THR A 32 10.10 -5.25 5.10
N ALA A 33 9.53 -6.38 4.69
CA ALA A 33 8.26 -6.36 3.97
C ALA A 33 7.13 -5.88 4.87
N SER A 34 7.12 -6.35 6.10
CA SER A 34 6.08 -5.97 7.06
C SER A 34 5.99 -4.45 7.19
N GLY A 35 7.15 -3.80 7.16
CA GLY A 35 7.18 -2.35 7.27
C GLY A 35 7.28 -1.67 5.92
N CYS A 36 7.20 -2.45 4.85
CA CYS A 36 7.28 -1.91 3.50
C CYS A 36 5.98 -1.20 3.12
N PRO A 37 6.07 0.13 2.98
CA PRO A 37 4.91 0.96 2.60
C PRO A 37 4.47 0.73 1.16
N LEU A 38 5.43 0.40 0.30
CA LEU A 38 5.13 0.17 -1.11
C LEU A 38 4.35 -1.14 -1.29
N ALA A 39 4.61 -2.10 -0.39
CA ALA A 39 3.92 -3.38 -0.45
C ALA A 39 2.45 -3.24 -0.08
N ALA A 40 2.16 -2.36 0.87
CA ALA A 40 0.79 -2.13 1.30
C ALA A 40 -0.04 -1.48 0.20
N LYS A 41 0.58 -0.56 -0.53
CA LYS A 41 -0.11 0.14 -1.62
C LYS A 41 -0.19 -0.75 -2.86
N ARG A 42 0.94 -1.35 -3.23
CA ARG A 42 0.99 -2.22 -4.40
C ARG A 42 -0.22 -3.14 -4.44
N GLN A 43 -0.63 -3.62 -3.28
CA GLN A 43 -1.77 -4.52 -3.18
C GLN A 43 -3.09 -3.73 -3.15
N LYS A 44 -3.20 -2.74 -4.03
CA LYS A 44 -4.40 -1.92 -4.10
C LYS A 44 -5.51 -2.65 -4.84
N GLU A 45 -5.14 -3.42 -5.86
CA GLU A 45 -6.11 -4.16 -6.65
C GLU A 45 -7.18 -4.77 -5.76
N ASN A 46 -8.36 -5.02 -6.34
CA ASN A 46 -9.46 -5.61 -5.60
C ASN A 46 -9.54 -7.11 -5.84
N PRO A 47 -9.08 -7.89 -4.85
CA PRO A 47 -9.08 -9.35 -4.91
C PRO A 47 -10.49 -9.93 -4.83
N LEU A 48 -11.32 -9.34 -3.99
CA LEU A 48 -12.70 -9.79 -3.82
C LEU A 48 -13.59 -8.65 -3.36
N ASN A 49 -14.82 -8.62 -3.86
CA ASN A 49 -15.78 -7.58 -3.50
C ASN A 49 -15.91 -7.47 -1.98
N GLY A 50 -16.19 -6.26 -1.50
CA GLY A 50 -16.33 -6.05 -0.07
C GLY A 50 -17.49 -5.13 0.26
N ALA A 51 -17.98 -5.24 1.48
CA ALA A 51 -19.11 -4.42 1.93
C ALA A 51 -19.21 -4.41 3.45
N SER A 52 -19.67 -3.29 4.01
CA SER A 52 -19.82 -3.15 5.44
C SER A 52 -21.25 -2.80 5.82
N LEU A 53 -22.06 -3.82 6.08
CA LEU A 53 -23.47 -3.63 6.45
C LEU A 53 -23.61 -2.41 7.35
N SER A 54 -22.63 -2.19 8.23
CA SER A 54 -22.67 -1.06 9.15
C SER A 54 -21.28 -0.83 9.77
N TRP A 55 -21.05 0.38 10.24
CA TRP A 55 -19.78 0.74 10.86
C TRP A 55 -19.90 2.03 11.65
N LYS A 56 -19.55 1.97 12.93
CA LYS A 56 -19.62 3.14 13.80
C LYS A 56 -18.61 3.03 14.94
N LEU A 57 -17.74 4.03 15.05
CA LEU A 57 -16.73 4.04 16.10
C LEU A 57 -16.36 5.47 16.48
N ASN A 58 -15.91 5.65 17.73
CA ASN A 58 -15.53 6.97 18.21
C ASN A 58 -14.11 7.33 17.78
N LYS A 59 -14.00 8.07 16.69
CA LYS A 59 -12.70 8.48 16.17
C LYS A 59 -12.45 9.97 16.44
N GLN A 60 -11.17 10.33 16.56
CA GLN A 60 -10.80 11.72 16.82
C GLN A 60 -9.50 12.07 16.11
N GLU A 61 -9.44 13.28 15.57
CA GLU A 61 -8.25 13.75 14.86
C GLU A 61 -7.76 12.68 13.88
N LEU A 62 -8.68 12.10 13.13
CA LEU A 62 -8.34 11.07 12.16
C LEU A 62 -7.04 11.40 11.45
N PRO A 63 -6.34 10.36 10.98
CA PRO A 63 -5.07 10.52 10.27
C PRO A 63 -5.23 11.15 8.89
N HIS A 64 -4.37 12.11 8.58
CA HIS A 64 -4.43 12.79 7.29
C HIS A 64 -3.31 12.32 6.37
N CYS A 65 -3.36 12.74 5.12
CA CYS A 65 -2.34 12.36 4.14
C CYS A 65 -0.95 12.46 4.74
N PRO A 66 -0.22 11.34 4.73
CA PRO A 66 1.15 11.28 5.27
C PRO A 66 2.15 12.05 4.42
N LEU A 67 1.92 12.04 3.10
CA LEU A 67 2.81 12.74 2.18
C LEU A 67 3.31 14.05 2.78
N PRO A 68 4.64 14.21 2.84
CA PRO A 68 5.27 15.41 3.39
C PRO A 68 5.07 16.63 2.50
N GLY A 69 4.79 16.40 1.23
CA GLY A 69 4.57 17.49 0.30
C GLY A 69 3.11 17.65 -0.07
N CYS A 70 2.22 17.28 0.84
CA CYS A 70 0.78 17.38 0.61
C CYS A 70 0.09 18.07 1.77
N ASN A 71 -1.14 18.53 1.54
CA ASN A 71 -1.90 19.21 2.57
C ASN A 71 -3.27 18.57 2.75
N GLY A 72 -3.37 17.30 2.38
CA GLY A 72 -4.62 16.57 2.50
C GLY A 72 -5.75 17.24 1.77
N LEU A 73 -5.42 17.97 0.70
CA LEU A 73 -6.42 18.67 -0.10
C LEU A 73 -6.32 18.27 -1.57
N GLY A 74 -7.43 17.75 -2.11
CA GLY A 74 -7.44 17.34 -3.50
C GLY A 74 -7.74 15.87 -3.67
N HIS A 75 -7.98 15.44 -4.90
CA HIS A 75 -8.28 14.04 -5.19
C HIS A 75 -7.71 13.63 -6.53
N VAL A 76 -7.32 12.36 -6.65
CA VAL A 76 -6.75 11.83 -7.89
C VAL A 76 -7.81 11.74 -8.98
N ASN A 77 -9.07 11.70 -8.56
CA ASN A 77 -10.18 11.61 -9.51
C ASN A 77 -10.60 13.00 -9.99
N ASN A 78 -10.03 14.03 -9.37
CA ASN A 78 -10.35 15.40 -9.74
C ASN A 78 -11.84 15.69 -9.53
N VAL A 79 -12.45 15.00 -8.59
CA VAL A 79 -13.86 15.19 -8.29
C VAL A 79 -14.06 15.84 -6.93
N PHE A 80 -13.36 15.33 -5.92
CA PHE A 80 -13.46 15.87 -4.57
C PHE A 80 -12.25 16.73 -4.23
N VAL A 81 -12.38 17.57 -3.22
CA VAL A 81 -11.30 18.45 -2.80
C VAL A 81 -10.76 18.03 -1.44
N THR A 82 -10.84 16.74 -1.15
CA THR A 82 -10.36 16.21 0.13
C THR A 82 -9.92 14.76 -0.02
N HIS A 83 -9.03 14.32 0.87
CA HIS A 83 -8.53 12.95 0.85
C HIS A 83 -7.63 12.68 2.05
N ARG A 84 -8.02 11.71 2.86
CA ARG A 84 -7.24 11.35 4.05
C ARG A 84 -6.56 9.99 3.87
N SER A 85 -5.90 9.81 2.73
CA SER A 85 -5.22 8.55 2.44
C SER A 85 -4.44 8.65 1.13
N LEU A 86 -3.16 8.29 1.18
CA LEU A 86 -2.30 8.33 0.01
C LEU A 86 -3.07 7.92 -1.25
N SER A 87 -3.86 6.86 -1.13
CA SER A 87 -4.65 6.37 -2.26
C SER A 87 -5.29 7.52 -3.02
N GLY A 88 -6.03 8.36 -2.29
CA GLY A 88 -6.69 9.49 -2.91
C GLY A 88 -5.83 10.74 -2.90
N CYS A 89 -4.53 10.57 -3.14
CA CYS A 89 -3.60 11.69 -3.14
C CYS A 89 -3.23 12.08 -4.57
N PRO A 90 -3.70 13.24 -5.02
CA PRO A 90 -3.42 13.74 -6.37
C PRO A 90 -1.97 14.17 -6.54
N LEU A 91 -1.33 14.54 -5.44
CA LEU A 91 0.07 14.96 -5.46
C LEU A 91 1.00 13.76 -5.58
N ASN A 92 0.60 12.65 -4.98
CA ASN A 92 1.40 11.43 -5.02
C ASN A 92 1.24 10.71 -6.36
N ALA A 93 0.00 10.56 -6.80
CA ALA A 93 -0.29 9.89 -8.06
C ALA A 93 0.56 10.48 -9.19
N GLN A 94 0.60 11.80 -9.26
CA GLN A 94 1.38 12.48 -10.30
C GLN A 94 2.82 11.99 -10.31
N VAL A 95 3.39 11.80 -9.13
CA VAL A 95 4.77 11.33 -9.01
C VAL A 95 4.88 9.88 -9.43
N ILE A 96 3.98 9.04 -8.91
CA ILE A 96 3.98 7.62 -9.24
C ILE A 96 4.20 7.40 -10.73
N LYS A 97 3.51 8.20 -11.55
CA LYS A 97 3.63 8.09 -13.00
C LYS A 97 5.06 7.75 -13.40
N LYS A 98 5.24 6.60 -14.05
CA LYS A 98 6.55 6.17 -14.50
C LYS A 98 6.82 6.61 -15.94
N GLY A 99 5.75 6.74 -16.72
CA GLY A 99 5.90 7.16 -18.10
C GLY A 99 4.55 7.35 -18.79
N LYS A 100 4.59 7.69 -20.07
CA LYS A 100 3.38 7.90 -20.85
C LYS A 100 2.52 6.63 -20.87
N VAL A 101 1.20 6.82 -20.90
CA VAL A 101 0.27 5.70 -20.92
C VAL A 101 -1.06 6.10 -21.55
N SER A 102 -1.71 5.14 -22.20
CA SER A 102 -3.00 5.39 -22.84
C SER A 102 -4.14 4.81 -22.03
N SER A 103 -5.37 5.16 -22.41
CA SER A 103 -6.55 4.67 -21.71
C SER A 103 -6.33 4.68 -20.20
N GLY A 104 -5.72 5.74 -19.71
CA GLY A 104 -5.47 5.86 -18.29
C GLY A 104 -6.73 6.14 -17.49
N PRO A 105 -7.32 7.32 -17.71
CA PRO A 105 -8.55 7.73 -17.02
C PRO A 105 -9.76 6.92 -17.46
N SER A 106 -10.44 6.30 -16.49
CA SER A 106 -11.62 5.49 -16.78
C SER A 106 -12.87 6.14 -16.21
N SER A 107 -13.61 6.85 -17.05
CA SER A 107 -14.82 7.52 -16.64
C SER A 107 -15.83 7.60 -17.78
N GLY A 108 -17.05 7.12 -17.52
CA GLY A 108 -18.08 7.13 -18.55
C GLY A 108 -19.39 6.56 -18.04
N GLY A 1 34.91 -9.40 31.11
CA GLY A 1 35.11 -9.84 29.74
C GLY A 1 34.09 -9.25 28.79
N SER A 2 34.12 -9.70 27.54
CA SER A 2 33.19 -9.21 26.53
C SER A 2 32.88 -10.30 25.50
N SER A 3 31.67 -10.26 24.96
CA SER A 3 31.24 -11.24 23.97
C SER A 3 31.38 -10.69 22.55
N GLY A 4 30.71 -9.57 22.30
CA GLY A 4 30.76 -8.95 20.99
C GLY A 4 29.44 -9.03 20.25
N SER A 5 29.43 -8.61 18.99
CA SER A 5 28.23 -8.64 18.18
C SER A 5 28.55 -8.41 16.71
N SER A 6 28.34 -9.44 15.90
CA SER A 6 28.61 -9.35 14.46
C SER A 6 27.82 -8.22 13.83
N GLY A 7 26.49 -8.32 13.89
CA GLY A 7 25.65 -7.29 13.31
C GLY A 7 25.05 -7.71 11.99
N PRO A 8 23.82 -8.24 12.03
CA PRO A 8 23.10 -8.69 10.83
C PRO A 8 22.70 -7.53 9.92
N GLU A 9 22.20 -7.85 8.74
CA GLU A 9 21.77 -6.84 7.78
C GLU A 9 20.52 -7.30 7.02
N LEU A 10 19.63 -6.35 6.73
CA LEU A 10 18.41 -6.66 6.02
C LEU A 10 17.93 -5.46 5.20
N LYS A 11 17.29 -5.73 4.08
CA LYS A 11 16.79 -4.68 3.20
C LYS A 11 15.44 -5.08 2.58
N CYS A 12 14.62 -4.08 2.29
CA CYS A 12 13.32 -4.32 1.69
C CYS A 12 13.40 -5.37 0.59
N PRO A 13 12.92 -6.59 0.91
CA PRO A 13 12.94 -7.71 -0.04
C PRO A 13 11.96 -7.51 -1.19
N VAL A 14 11.10 -6.50 -1.06
CA VAL A 14 10.12 -6.21 -2.09
C VAL A 14 10.76 -5.54 -3.30
N ILE A 15 10.88 -6.29 -4.40
CA ILE A 15 11.48 -5.76 -5.61
C ILE A 15 10.75 -4.51 -6.09
N GLY A 16 11.47 -3.66 -6.82
CA GLY A 16 10.88 -2.43 -7.32
C GLY A 16 10.86 -1.33 -6.29
N CYS A 17 10.71 -1.71 -5.02
CA CYS A 17 10.67 -0.74 -3.93
C CYS A 17 12.04 -0.09 -3.74
N ASP A 18 12.05 1.08 -3.09
CA ASP A 18 13.29 1.79 -2.84
C ASP A 18 13.82 1.48 -1.44
N GLY A 19 12.94 1.03 -0.56
CA GLY A 19 13.34 0.70 0.80
C GLY A 19 13.10 1.85 1.76
N GLN A 20 13.00 3.06 1.23
CA GLN A 20 12.77 4.24 2.06
C GLN A 20 11.31 4.34 2.47
N GLY A 21 11.02 5.20 3.45
CA GLY A 21 9.67 5.37 3.91
C GLY A 21 9.23 4.27 4.86
N HIS A 22 7.99 4.37 5.35
CA HIS A 22 7.46 3.37 6.27
C HIS A 22 5.93 3.35 6.22
N ILE A 23 5.36 2.15 6.08
CA ILE A 23 3.91 2.01 6.02
C ILE A 23 3.23 2.79 7.14
N SER A 24 3.98 3.02 8.22
CA SER A 24 3.44 3.76 9.36
C SER A 24 3.63 5.26 9.18
N GLY A 25 4.74 5.64 8.55
CA GLY A 25 5.01 7.05 8.33
C GLY A 25 6.06 7.60 9.29
N LYS A 26 5.93 7.23 10.56
CA LYS A 26 6.86 7.69 11.58
C LYS A 26 8.30 7.58 11.09
N TYR A 27 8.69 6.38 10.69
CA TYR A 27 10.05 6.14 10.20
C TYR A 27 10.16 6.51 8.71
N THR A 28 11.30 7.10 8.35
CA THR A 28 11.53 7.50 6.97
C THR A 28 12.33 6.44 6.21
N SER A 29 12.21 5.18 6.65
CA SER A 29 12.93 4.09 6.03
C SER A 29 12.42 2.75 6.55
N HIS A 30 12.63 1.69 5.76
CA HIS A 30 12.19 0.36 6.12
C HIS A 30 13.09 -0.70 5.50
N ARG A 31 13.27 -1.81 6.22
CA ARG A 31 14.11 -2.90 5.73
C ARG A 31 13.41 -4.24 5.90
N THR A 32 12.08 -4.21 5.92
CA THR A 32 11.29 -5.42 6.07
C THR A 32 9.96 -5.31 5.34
N ALA A 33 9.54 -6.40 4.72
CA ALA A 33 8.28 -6.43 3.98
C ALA A 33 7.13 -5.92 4.85
N SER A 34 7.10 -6.35 6.11
CA SER A 34 6.06 -5.94 7.03
C SER A 34 6.00 -4.42 7.16
N GLY A 35 7.17 -3.79 7.13
CA GLY A 35 7.22 -2.35 7.24
C GLY A 35 7.33 -1.67 5.89
N CYS A 36 7.14 -2.44 4.82
CA CYS A 36 7.22 -1.91 3.47
C CYS A 36 5.91 -1.23 3.08
N PRO A 37 5.96 0.10 2.92
CA PRO A 37 4.79 0.90 2.54
C PRO A 37 4.36 0.65 1.10
N LEU A 38 5.31 0.23 0.27
CA LEU A 38 5.02 -0.05 -1.13
C LEU A 38 4.28 -1.37 -1.29
N ALA A 39 4.53 -2.30 -0.37
CA ALA A 39 3.88 -3.60 -0.40
C ALA A 39 2.43 -3.51 0.09
N ALA A 40 2.18 -2.58 0.99
CA ALA A 40 0.84 -2.38 1.54
C ALA A 40 -0.13 -1.94 0.45
N LYS A 41 0.40 -1.27 -0.57
CA LYS A 41 -0.42 -0.78 -1.68
C LYS A 41 -0.68 -1.89 -2.69
N ARG A 42 0.35 -2.66 -3.00
CA ARG A 42 0.22 -3.76 -3.95
C ARG A 42 -0.61 -4.89 -3.37
N GLN A 43 -0.26 -5.31 -2.16
CA GLN A 43 -0.98 -6.39 -1.48
C GLN A 43 -2.48 -6.19 -1.57
N LYS A 44 -2.91 -4.95 -1.33
CA LYS A 44 -4.33 -4.61 -1.38
C LYS A 44 -4.79 -4.39 -2.82
N GLU A 45 -5.04 -5.48 -3.53
CA GLU A 45 -5.49 -5.41 -4.92
C GLU A 45 -6.44 -6.55 -5.26
N ASN A 46 -7.71 -6.23 -5.44
CA ASN A 46 -8.72 -7.23 -5.77
C ASN A 46 -9.51 -6.83 -7.01
N PRO A 47 -8.91 -7.05 -8.19
CA PRO A 47 -9.53 -6.73 -9.47
C PRO A 47 -10.71 -7.64 -9.78
N LEU A 48 -11.04 -8.52 -8.86
CA LEU A 48 -12.16 -9.45 -9.03
C LEU A 48 -13.27 -8.80 -9.85
N ASN A 49 -13.34 -9.14 -11.13
CA ASN A 49 -14.35 -8.60 -12.01
C ASN A 49 -14.29 -9.26 -13.39
N GLY A 50 -15.28 -8.96 -14.23
CA GLY A 50 -15.32 -9.54 -15.56
C GLY A 50 -16.10 -10.83 -15.61
N ALA A 51 -17.42 -10.73 -15.72
CA ALA A 51 -18.28 -11.91 -15.77
C ALA A 51 -17.79 -12.89 -16.84
N SER A 52 -17.78 -12.44 -18.09
CA SER A 52 -17.34 -13.27 -19.20
C SER A 52 -15.85 -13.11 -19.46
N LEU A 53 -15.40 -11.86 -19.55
CA LEU A 53 -14.00 -11.55 -19.79
C LEU A 53 -13.19 -11.63 -18.50
N SER A 54 -11.87 -11.59 -18.62
CA SER A 54 -10.99 -11.65 -17.46
C SER A 54 -10.94 -10.32 -16.74
N TRP A 55 -10.49 -9.28 -17.45
CA TRP A 55 -10.39 -7.94 -16.88
C TRP A 55 -10.79 -6.89 -17.90
N LYS A 56 -11.97 -6.31 -17.72
CA LYS A 56 -12.47 -5.28 -18.64
C LYS A 56 -12.09 -3.90 -18.13
N LEU A 57 -11.93 -2.96 -19.06
CA LEU A 57 -11.58 -1.59 -18.72
C LEU A 57 -12.76 -0.65 -18.93
N ASN A 58 -13.33 -0.69 -20.13
CA ASN A 58 -14.46 0.17 -20.46
C ASN A 58 -15.70 -0.68 -20.75
N LYS A 59 -16.54 -0.85 -19.72
CA LYS A 59 -17.76 -1.63 -19.86
C LYS A 59 -18.99 -0.73 -19.79
N GLN A 60 -19.25 -0.19 -18.60
CA GLN A 60 -20.39 0.69 -18.40
C GLN A 60 -19.97 2.01 -17.75
N GLU A 61 -20.64 3.09 -18.11
CA GLU A 61 -20.33 4.41 -17.56
C GLU A 61 -20.81 4.51 -16.12
N LEU A 62 -19.86 4.69 -15.20
CA LEU A 62 -20.19 4.82 -13.78
C LEU A 62 -19.25 5.79 -13.08
N PRO A 63 -19.79 6.56 -12.13
CA PRO A 63 -19.01 7.54 -11.37
C PRO A 63 -18.02 6.89 -10.42
N HIS A 64 -16.79 7.39 -10.42
CA HIS A 64 -15.74 6.86 -9.55
C HIS A 64 -15.06 7.97 -8.77
N CYS A 65 -14.82 7.73 -7.49
CA CYS A 65 -14.18 8.72 -6.63
C CYS A 65 -13.99 8.16 -5.21
N PRO A 66 -12.80 8.37 -4.64
CA PRO A 66 -12.47 7.91 -3.29
C PRO A 66 -13.22 8.68 -2.22
N LEU A 67 -13.45 9.96 -2.48
CA LEU A 67 -14.17 10.82 -1.53
C LEU A 67 -15.52 10.21 -1.15
N PRO A 68 -15.80 10.19 0.16
CA PRO A 68 -17.06 9.63 0.68
C PRO A 68 -18.26 10.50 0.33
N GLY A 69 -18.15 11.80 0.57
CA GLY A 69 -19.24 12.72 0.27
C GLY A 69 -19.45 12.90 -1.22
N CYS A 70 -18.35 12.87 -1.98
CA CYS A 70 -18.42 13.03 -3.43
C CYS A 70 -19.11 11.82 -4.07
N ASN A 71 -19.97 12.10 -5.05
CA ASN A 71 -20.69 11.04 -5.75
C ASN A 71 -19.89 10.54 -6.94
N GLY A 72 -19.15 11.45 -7.58
CA GLY A 72 -18.35 11.09 -8.73
C GLY A 72 -18.80 11.79 -10.00
N LEU A 73 -19.27 13.02 -9.85
CA LEU A 73 -19.73 13.80 -11.00
C LEU A 73 -19.04 15.16 -11.04
N GLY A 74 -18.55 15.52 -12.23
CA GLY A 74 -17.86 16.80 -12.38
C GLY A 74 -16.38 16.63 -12.66
N HIS A 75 -15.68 17.75 -12.80
CA HIS A 75 -14.25 17.73 -13.07
C HIS A 75 -13.61 19.07 -12.72
N VAL A 76 -12.35 19.02 -12.28
CA VAL A 76 -11.63 20.23 -11.91
C VAL A 76 -11.44 21.15 -13.12
N ASN A 77 -11.02 20.58 -14.23
CA ASN A 77 -10.80 21.35 -15.45
C ASN A 77 -12.06 22.13 -15.83
N ASN A 78 -13.18 21.74 -15.25
CA ASN A 78 -14.46 22.40 -15.53
C ASN A 78 -14.82 22.26 -17.01
N VAL A 79 -14.63 21.06 -17.56
CA VAL A 79 -14.95 20.81 -18.96
C VAL A 79 -15.83 19.57 -19.10
N PHE A 80 -15.53 18.54 -18.30
CA PHE A 80 -16.29 17.30 -18.34
C PHE A 80 -17.29 17.24 -17.19
N VAL A 81 -18.03 16.14 -17.12
CA VAL A 81 -19.02 15.95 -16.06
C VAL A 81 -18.80 14.63 -15.34
N THR A 82 -17.57 14.14 -15.34
CA THR A 82 -17.23 12.89 -14.69
C THR A 82 -15.76 12.84 -14.32
N HIS A 83 -15.41 11.93 -13.41
CA HIS A 83 -14.02 11.78 -12.96
C HIS A 83 -13.86 10.53 -12.11
N ARG A 84 -12.68 9.93 -12.19
CA ARG A 84 -12.38 8.71 -11.44
C ARG A 84 -11.04 8.81 -10.73
N SER A 85 -10.71 10.01 -10.25
CA SER A 85 -9.44 10.25 -9.57
C SER A 85 -9.42 11.63 -8.93
N LEU A 86 -8.83 11.73 -7.76
CA LEU A 86 -8.72 13.01 -7.05
C LEU A 86 -8.31 14.12 -7.99
N SER A 87 -7.48 13.78 -8.97
CA SER A 87 -7.01 14.76 -9.94
C SER A 87 -8.17 15.41 -10.69
N GLY A 88 -9.18 14.60 -11.01
CA GLY A 88 -10.34 15.11 -11.71
C GLY A 88 -11.52 15.35 -10.79
N CYS A 89 -11.25 15.47 -9.50
CA CYS A 89 -12.30 15.69 -8.50
C CYS A 89 -12.40 17.17 -8.15
N PRO A 90 -13.48 17.81 -8.63
CA PRO A 90 -13.73 19.23 -8.36
C PRO A 90 -14.09 19.51 -6.91
N LEU A 91 -14.41 18.44 -6.18
CA LEU A 91 -14.78 18.56 -4.77
C LEU A 91 -13.55 18.43 -3.88
N ASN A 92 -12.53 17.74 -4.39
CA ASN A 92 -11.29 17.54 -3.63
C ASN A 92 -10.33 18.71 -3.83
N ALA A 93 -10.17 19.13 -5.09
CA ALA A 93 -9.28 20.23 -5.41
C ALA A 93 -9.50 21.41 -4.47
N GLN A 94 -10.75 21.82 -4.31
CA GLN A 94 -11.10 22.93 -3.43
C GLN A 94 -10.40 22.78 -2.07
N VAL A 95 -10.43 21.57 -1.53
CA VAL A 95 -9.81 21.30 -0.24
C VAL A 95 -8.30 21.40 -0.34
N ILE A 96 -7.73 20.78 -1.37
CA ILE A 96 -6.29 20.81 -1.57
C ILE A 96 -5.69 22.13 -1.12
N LYS A 97 -6.38 23.22 -1.42
CA LYS A 97 -5.91 24.55 -1.05
C LYS A 97 -5.23 24.52 0.31
N LYS A 98 -4.04 25.14 0.38
CA LYS A 98 -3.28 25.19 1.63
C LYS A 98 -2.44 26.45 1.70
N GLY A 99 -2.08 26.85 2.91
CA GLY A 99 -1.28 28.04 3.10
C GLY A 99 -1.48 28.68 4.46
N LYS A 100 -0.38 28.99 5.14
CA LYS A 100 -0.44 29.61 6.45
C LYS A 100 -0.47 31.13 6.34
N VAL A 101 -1.39 31.75 7.07
CA VAL A 101 -1.51 33.21 7.06
C VAL A 101 -0.89 33.82 8.31
N SER A 102 -0.08 34.86 8.11
CA SER A 102 0.58 35.54 9.21
C SER A 102 -0.41 35.88 10.32
N SER A 103 -0.24 35.24 11.48
CA SER A 103 -1.13 35.47 12.61
C SER A 103 -0.38 35.24 13.93
N GLY A 104 -0.85 35.92 14.98
CA GLY A 104 -0.22 35.79 16.27
C GLY A 104 -0.72 34.59 17.04
N PRO A 105 -0.21 34.41 18.28
CA PRO A 105 -0.60 33.30 19.14
C PRO A 105 -2.03 33.42 19.64
N SER A 106 -2.95 32.72 18.98
CA SER A 106 -4.35 32.75 19.37
C SER A 106 -4.74 31.52 20.18
N SER A 107 -5.83 31.61 20.92
CA SER A 107 -6.30 30.50 21.74
C SER A 107 -6.16 29.18 21.00
N GLY A 108 -6.67 29.15 19.77
CA GLY A 108 -6.60 27.95 18.97
C GLY A 108 -5.26 27.79 18.26
N GLY A 1 48.20 -17.27 9.52
CA GLY A 1 47.44 -16.77 8.38
C GLY A 1 45.99 -16.48 8.74
N SER A 2 45.36 -15.60 7.97
CA SER A 2 43.96 -15.23 8.21
C SER A 2 43.12 -15.44 6.95
N SER A 3 41.89 -15.87 7.15
CA SER A 3 40.98 -16.12 6.03
C SER A 3 39.97 -14.98 5.89
N GLY A 4 39.46 -14.50 7.02
CA GLY A 4 38.49 -13.42 7.00
C GLY A 4 37.07 -13.91 6.78
N SER A 5 36.11 -13.01 6.91
CA SER A 5 34.71 -13.36 6.73
C SER A 5 34.00 -12.35 5.83
N SER A 6 32.73 -12.58 5.57
CA SER A 6 31.94 -11.70 4.72
C SER A 6 30.47 -11.71 5.12
N GLY A 7 29.72 -10.72 4.64
CA GLY A 7 28.31 -10.64 4.97
C GLY A 7 27.57 -9.64 4.09
N PRO A 8 26.52 -10.11 3.40
CA PRO A 8 25.72 -9.27 2.52
C PRO A 8 24.88 -8.25 3.28
N GLU A 9 24.10 -7.46 2.56
CA GLU A 9 23.25 -6.45 3.18
C GLU A 9 21.78 -6.74 2.89
N LEU A 10 21.00 -6.90 3.96
CA LEU A 10 19.58 -7.18 3.83
C LEU A 10 18.77 -5.88 3.81
N LYS A 11 17.60 -5.92 3.18
CA LYS A 11 16.73 -4.76 3.08
C LYS A 11 15.41 -5.12 2.42
N CYS A 12 14.53 -4.13 2.28
CA CYS A 12 13.22 -4.34 1.67
C CYS A 12 13.31 -5.38 0.55
N PRO A 13 12.83 -6.60 0.85
CA PRO A 13 12.83 -7.70 -0.11
C PRO A 13 11.85 -7.49 -1.25
N VAL A 14 10.98 -6.49 -1.10
CA VAL A 14 10.00 -6.17 -2.14
C VAL A 14 10.66 -5.54 -3.36
N ILE A 15 10.62 -6.26 -4.47
CA ILE A 15 11.22 -5.77 -5.71
C ILE A 15 10.52 -4.50 -6.19
N GLY A 16 11.31 -3.59 -6.77
CA GLY A 16 10.75 -2.34 -7.26
C GLY A 16 10.79 -1.24 -6.22
N CYS A 17 10.68 -1.62 -4.95
CA CYS A 17 10.71 -0.66 -3.86
C CYS A 17 12.10 -0.06 -3.69
N ASP A 18 12.18 1.06 -2.97
CA ASP A 18 13.44 1.72 -2.73
C ASP A 18 13.97 1.42 -1.33
N GLY A 19 13.07 1.00 -0.44
CA GLY A 19 13.46 0.68 0.91
C GLY A 19 13.21 1.82 1.88
N GLN A 20 13.17 3.04 1.34
CA GLN A 20 12.94 4.22 2.16
C GLN A 20 11.47 4.33 2.56
N GLY A 21 11.20 5.13 3.58
CA GLY A 21 9.83 5.31 4.05
C GLY A 21 9.39 4.20 4.99
N HIS A 22 8.18 4.32 5.52
CA HIS A 22 7.64 3.33 6.44
C HIS A 22 6.12 3.25 6.33
N ILE A 23 5.61 2.02 6.25
CA ILE A 23 4.17 1.81 6.14
C ILE A 23 3.41 2.66 7.15
N SER A 24 4.01 2.87 8.32
CA SER A 24 3.39 3.67 9.36
C SER A 24 3.49 5.15 9.06
N GLY A 25 4.64 5.56 8.51
CA GLY A 25 4.84 6.96 8.17
C GLY A 25 5.83 7.64 9.09
N LYS A 26 5.76 7.31 10.38
CA LYS A 26 6.66 7.89 11.37
C LYS A 26 8.11 7.77 10.92
N TYR A 27 8.51 6.57 10.53
CA TYR A 27 9.88 6.32 10.09
C TYR A 27 10.01 6.59 8.59
N THR A 28 11.14 7.17 8.20
CA THR A 28 11.40 7.49 6.80
C THR A 28 12.31 6.43 6.16
N SER A 29 12.16 5.19 6.59
CA SER A 29 12.97 4.09 6.05
C SER A 29 12.44 2.75 6.55
N HIS A 30 12.77 1.69 5.81
CA HIS A 30 12.33 0.34 6.18
C HIS A 30 13.22 -0.70 5.51
N ARG A 31 13.37 -1.85 6.17
CA ARG A 31 14.19 -2.94 5.65
C ARG A 31 13.46 -4.28 5.78
N THR A 32 12.15 -4.21 5.90
CA THR A 32 11.34 -5.42 6.03
C THR A 32 10.01 -5.27 5.30
N ALA A 33 9.56 -6.34 4.66
CA ALA A 33 8.30 -6.34 3.93
C ALA A 33 7.15 -5.90 4.83
N SER A 34 7.19 -6.34 6.09
CA SER A 34 6.14 -5.99 7.05
C SER A 34 5.99 -4.48 7.18
N GLY A 35 7.12 -3.77 7.18
CA GLY A 35 7.09 -2.33 7.30
C GLY A 35 7.20 -1.65 5.95
N CYS A 36 7.21 -2.44 4.88
CA CYS A 36 7.31 -1.89 3.53
C CYS A 36 6.01 -1.18 3.13
N PRO A 37 6.09 0.15 2.99
CA PRO A 37 4.93 0.97 2.60
C PRO A 37 4.51 0.74 1.15
N LEU A 38 5.48 0.44 0.30
CA LEU A 38 5.21 0.19 -1.11
C LEU A 38 4.44 -1.11 -1.30
N ALA A 39 4.65 -2.05 -0.39
CA ALA A 39 3.96 -3.34 -0.45
C ALA A 39 2.49 -3.19 -0.13
N ALA A 40 2.18 -2.31 0.81
CA ALA A 40 0.79 -2.08 1.22
C ALA A 40 -0.05 -1.59 0.03
N LYS A 41 0.52 -0.70 -0.75
CA LYS A 41 -0.17 -0.15 -1.91
C LYS A 41 -0.18 -1.15 -3.06
N ARG A 42 0.98 -1.75 -3.34
CA ARG A 42 1.09 -2.74 -4.41
C ARG A 42 -0.13 -3.65 -4.45
N GLN A 43 -0.73 -3.88 -3.28
CA GLN A 43 -1.90 -4.73 -3.18
C GLN A 43 -3.17 -3.96 -3.51
N LYS A 44 -3.09 -3.11 -4.54
CA LYS A 44 -4.24 -2.31 -4.97
C LYS A 44 -4.40 -2.36 -6.47
N GLU A 45 -4.93 -3.47 -6.98
CA GLU A 45 -5.14 -3.64 -8.41
C GLU A 45 -6.60 -3.92 -8.71
N ASN A 46 -7.19 -4.86 -7.97
CA ASN A 46 -8.59 -5.23 -8.16
C ASN A 46 -9.41 -4.02 -8.61
N PRO A 47 -9.61 -3.89 -9.93
CA PRO A 47 -10.38 -2.78 -10.51
C PRO A 47 -11.86 -2.89 -10.20
N LEU A 48 -12.42 -4.07 -10.43
CA LEU A 48 -13.84 -4.31 -10.17
C LEU A 48 -14.70 -3.20 -10.79
N ASN A 49 -14.33 -2.80 -12.00
CA ASN A 49 -15.07 -1.75 -12.71
C ASN A 49 -16.58 -1.97 -12.59
N GLY A 50 -17.28 -0.93 -12.14
CA GLY A 50 -18.72 -1.04 -11.99
C GLY A 50 -19.25 -0.16 -10.88
N ALA A 51 -20.39 -0.54 -10.32
CA ALA A 51 -21.01 0.22 -9.23
C ALA A 51 -20.93 -0.55 -7.92
N SER A 52 -19.87 -0.30 -7.15
CA SER A 52 -19.67 -0.96 -5.87
C SER A 52 -19.31 0.04 -4.78
N LEU A 53 -18.33 0.88 -5.06
CA LEU A 53 -17.88 1.89 -4.11
C LEU A 53 -17.98 1.37 -2.68
N SER A 54 -17.55 0.12 -2.47
CA SER A 54 -17.60 -0.50 -1.16
C SER A 54 -16.42 -1.44 -0.96
N TRP A 55 -15.63 -1.20 0.09
CA TRP A 55 -14.49 -2.04 0.39
C TRP A 55 -14.91 -3.44 0.80
N LYS A 56 -13.94 -4.34 0.90
CA LYS A 56 -14.22 -5.73 1.29
C LYS A 56 -14.37 -5.85 2.80
N LEU A 57 -15.07 -4.89 3.40
CA LEU A 57 -15.28 -4.89 4.85
C LEU A 57 -16.60 -5.57 5.20
N ASN A 58 -16.85 -6.73 4.59
CA ASN A 58 -18.08 -7.48 4.84
C ASN A 58 -17.88 -8.48 5.97
N LYS A 59 -18.33 -8.12 7.17
CA LYS A 59 -18.20 -8.99 8.33
C LYS A 59 -19.13 -10.19 8.21
N GLN A 60 -18.69 -11.33 8.74
CA GLN A 60 -19.48 -12.56 8.69
C GLN A 60 -20.06 -12.88 10.06
N GLU A 61 -21.07 -13.74 10.07
CA GLU A 61 -21.71 -14.15 11.32
C GLU A 61 -22.70 -15.28 11.08
N LEU A 62 -22.96 -16.06 12.12
CA LEU A 62 -23.88 -17.19 12.04
C LEU A 62 -24.88 -17.16 13.18
N PRO A 63 -26.00 -17.88 13.01
CA PRO A 63 -27.06 -17.97 14.02
C PRO A 63 -26.62 -18.77 15.24
N HIS A 64 -26.88 -18.21 16.43
CA HIS A 64 -26.52 -18.86 17.68
C HIS A 64 -27.68 -19.71 18.20
N CYS A 65 -27.36 -20.70 19.02
CA CYS A 65 -28.37 -21.58 19.60
C CYS A 65 -29.66 -20.82 19.86
N PRO A 66 -30.79 -21.43 19.48
CA PRO A 66 -32.12 -20.83 19.65
C PRO A 66 -32.54 -20.78 21.12
N LEU A 67 -32.13 -21.78 21.88
CA LEU A 67 -32.46 -21.84 23.30
C LEU A 67 -32.07 -20.55 24.01
N PRO A 68 -32.98 -20.04 24.85
CA PRO A 68 -32.77 -18.80 25.60
C PRO A 68 -31.72 -18.98 26.70
N GLY A 69 -31.88 -20.02 27.52
CA GLY A 69 -30.94 -20.27 28.59
C GLY A 69 -29.60 -20.79 28.08
N CYS A 70 -29.63 -21.51 26.97
CA CYS A 70 -28.42 -22.05 26.38
C CYS A 70 -27.58 -20.95 25.75
N ASN A 71 -26.27 -20.98 26.00
CA ASN A 71 -25.36 -19.98 25.45
C ASN A 71 -24.81 -20.43 24.11
N GLY A 72 -24.48 -21.72 24.01
CA GLY A 72 -23.94 -22.26 22.78
C GLY A 72 -22.62 -22.97 22.97
N LEU A 73 -22.52 -23.71 24.08
CA LEU A 73 -21.30 -24.45 24.39
C LEU A 73 -21.61 -25.91 24.67
N GLY A 74 -21.37 -26.77 23.68
CA GLY A 74 -21.62 -28.18 23.83
C GLY A 74 -22.07 -28.83 22.54
N HIS A 75 -22.33 -30.14 22.59
CA HIS A 75 -22.77 -30.88 21.41
C HIS A 75 -23.30 -32.26 21.81
N VAL A 76 -24.42 -32.65 21.20
CA VAL A 76 -25.03 -33.94 21.49
C VAL A 76 -24.10 -35.08 21.11
N ASN A 77 -23.21 -34.83 20.16
CA ASN A 77 -22.26 -35.84 19.72
C ASN A 77 -21.22 -36.13 20.80
N ASN A 78 -20.95 -35.13 21.63
CA ASN A 78 -19.97 -35.28 22.71
C ASN A 78 -18.55 -35.34 22.16
N VAL A 79 -18.29 -34.52 21.14
CA VAL A 79 -16.96 -34.47 20.53
C VAL A 79 -16.44 -33.05 20.47
N PHE A 80 -17.35 -32.09 20.37
CA PHE A 80 -16.98 -30.68 20.30
C PHE A 80 -17.54 -29.91 21.49
N VAL A 81 -17.16 -28.64 21.59
CA VAL A 81 -17.63 -27.78 22.68
C VAL A 81 -18.39 -26.58 22.14
N THR A 82 -19.12 -26.78 21.05
CA THR A 82 -19.89 -25.70 20.45
C THR A 82 -21.02 -26.25 19.58
N HIS A 83 -21.97 -25.39 19.23
CA HIS A 83 -23.09 -25.80 18.39
C HIS A 83 -23.95 -24.60 18.02
N ARG A 84 -24.39 -24.55 16.76
CA ARG A 84 -25.22 -23.46 16.28
C ARG A 84 -26.55 -23.97 15.74
N SER A 85 -27.16 -24.89 16.48
CA SER A 85 -28.44 -25.48 16.06
C SER A 85 -29.00 -26.39 17.16
N LEU A 86 -30.25 -26.80 16.98
CA LEU A 86 -30.90 -27.67 17.95
C LEU A 86 -30.30 -29.07 17.92
N SER A 87 -30.30 -29.68 16.74
CA SER A 87 -29.76 -31.03 16.56
C SER A 87 -28.44 -31.19 17.33
N GLY A 88 -27.66 -30.10 17.37
CA GLY A 88 -26.39 -30.15 18.06
C GLY A 88 -26.53 -29.86 19.54
N CYS A 89 -27.51 -29.04 19.90
CA CYS A 89 -27.75 -28.68 21.29
C CYS A 89 -27.93 -29.93 22.14
N PRO A 90 -26.97 -30.18 23.05
CA PRO A 90 -27.00 -31.34 23.94
C PRO A 90 -28.10 -31.23 25.00
N LEU A 91 -28.15 -30.09 25.67
CA LEU A 91 -29.15 -29.85 26.71
C LEU A 91 -30.57 -29.94 26.13
N ASN A 92 -30.71 -29.55 24.86
CA ASN A 92 -32.00 -29.60 24.19
C ASN A 92 -32.45 -31.04 23.97
N ALA A 93 -31.55 -31.86 23.45
CA ALA A 93 -31.87 -33.26 23.19
C ALA A 93 -32.56 -33.90 24.40
N GLN A 94 -32.41 -33.28 25.56
CA GLN A 94 -33.02 -33.78 26.78
C GLN A 94 -34.50 -33.43 26.84
N VAL A 95 -34.84 -32.24 26.35
CA VAL A 95 -36.22 -31.78 26.34
C VAL A 95 -36.97 -32.30 25.12
N ILE A 96 -36.23 -32.49 24.03
CA ILE A 96 -36.82 -32.99 22.79
C ILE A 96 -37.69 -34.22 23.05
N LYS A 97 -37.41 -34.91 24.15
CA LYS A 97 -38.17 -36.10 24.51
C LYS A 97 -39.66 -35.90 24.23
N LYS A 98 -40.32 -36.98 23.82
CA LYS A 98 -41.74 -36.94 23.53
C LYS A 98 -42.57 -37.57 24.65
N GLY A 99 -42.23 -38.82 24.99
CA GLY A 99 -42.94 -39.52 26.04
C GLY A 99 -42.37 -40.90 26.29
N LYS A 100 -41.52 -41.01 27.30
CA LYS A 100 -40.91 -42.29 27.65
C LYS A 100 -39.93 -42.73 26.58
N VAL A 101 -38.97 -41.87 26.25
CA VAL A 101 -37.98 -42.19 25.23
C VAL A 101 -37.63 -43.67 25.23
N SER A 102 -37.32 -44.19 26.42
CA SER A 102 -36.96 -45.59 26.55
C SER A 102 -37.47 -46.16 27.88
N SER A 103 -38.11 -47.32 27.82
CA SER A 103 -38.65 -47.97 29.01
C SER A 103 -37.57 -48.11 30.09
N GLY A 104 -37.99 -48.51 31.28
CA GLY A 104 -37.05 -48.68 32.37
C GLY A 104 -36.90 -47.42 33.20
N PRO A 105 -35.65 -46.95 33.33
CA PRO A 105 -35.33 -45.74 34.09
C PRO A 105 -35.84 -44.47 33.42
N SER A 106 -35.96 -43.40 34.18
CA SER A 106 -36.44 -42.12 33.66
C SER A 106 -35.44 -41.01 33.93
N SER A 107 -34.70 -40.62 32.89
CA SER A 107 -33.71 -39.57 33.01
C SER A 107 -34.25 -38.23 32.50
N GLY A 108 -34.44 -37.29 33.41
CA GLY A 108 -34.95 -35.98 33.03
C GLY A 108 -35.32 -35.14 34.24
N GLY A 1 34.14 -28.91 -4.88
CA GLY A 1 34.94 -27.73 -5.13
C GLY A 1 34.61 -26.58 -4.21
N SER A 2 35.63 -25.97 -3.62
CA SER A 2 35.44 -24.86 -2.69
C SER A 2 35.68 -23.52 -3.40
N SER A 3 35.12 -22.45 -2.84
CA SER A 3 35.28 -21.13 -3.42
C SER A 3 34.86 -20.05 -2.42
N GLY A 4 35.02 -18.79 -2.82
CA GLY A 4 34.65 -17.69 -1.95
C GLY A 4 33.16 -17.63 -1.68
N SER A 5 32.69 -16.49 -1.20
CA SER A 5 31.28 -16.31 -0.89
C SER A 5 30.96 -14.86 -0.55
N SER A 6 29.69 -14.56 -0.34
CA SER A 6 29.26 -13.20 -0.01
C SER A 6 28.04 -13.23 0.89
N GLY A 7 27.60 -12.05 1.32
CA GLY A 7 26.44 -11.95 2.19
C GLY A 7 25.74 -10.61 2.09
N PRO A 8 24.44 -10.64 1.76
CA PRO A 8 23.64 -9.43 1.63
C PRO A 8 23.39 -8.74 2.97
N GLU A 9 22.60 -7.68 2.94
CA GLU A 9 22.28 -6.93 4.15
C GLU A 9 20.77 -6.75 4.32
N LEU A 10 20.36 -6.21 5.45
CA LEU A 10 18.94 -6.00 5.74
C LEU A 10 18.41 -4.83 4.91
N LYS A 11 17.37 -5.10 4.12
CA LYS A 11 16.76 -4.07 3.29
C LYS A 11 15.42 -4.54 2.74
N CYS A 12 14.59 -3.59 2.32
CA CYS A 12 13.28 -3.91 1.77
C CYS A 12 13.38 -5.01 0.72
N PRO A 13 12.89 -6.21 1.07
CA PRO A 13 12.92 -7.37 0.17
C PRO A 13 11.95 -7.21 -1.00
N VAL A 14 11.01 -6.28 -0.87
CA VAL A 14 10.03 -6.03 -1.91
C VAL A 14 10.68 -5.41 -3.14
N ILE A 15 10.89 -6.23 -4.17
CA ILE A 15 11.51 -5.76 -5.41
C ILE A 15 10.79 -4.52 -5.94
N GLY A 16 11.52 -3.70 -6.69
CA GLY A 16 10.94 -2.49 -7.26
C GLY A 16 10.90 -1.35 -6.25
N CYS A 17 10.72 -1.69 -4.98
CA CYS A 17 10.65 -0.68 -3.93
C CYS A 17 12.02 -0.04 -3.71
N ASP A 18 12.01 1.15 -3.10
CA ASP A 18 13.25 1.87 -2.83
C ASP A 18 13.77 1.55 -1.44
N GLY A 19 12.88 1.07 -0.57
CA GLY A 19 13.27 0.73 0.79
C GLY A 19 13.07 1.89 1.75
N GLN A 20 13.03 3.10 1.21
CA GLN A 20 12.84 4.29 2.03
C GLN A 20 11.38 4.48 2.39
N GLY A 21 11.13 5.05 3.57
CA GLY A 21 9.77 5.28 4.02
C GLY A 21 9.32 4.26 5.05
N HIS A 22 8.03 4.21 5.31
CA HIS A 22 7.47 3.28 6.28
C HIS A 22 5.94 3.27 6.21
N ILE A 23 5.37 2.07 6.22
CA ILE A 23 3.91 1.92 6.16
C ILE A 23 3.25 2.68 7.31
N SER A 24 4.03 3.05 8.31
CA SER A 24 3.51 3.78 9.47
C SER A 24 3.56 5.28 9.23
N GLY A 25 4.63 5.74 8.58
CA GLY A 25 4.78 7.15 8.30
C GLY A 25 5.85 7.80 9.15
N LYS A 26 5.88 7.44 10.43
CA LYS A 26 6.87 7.99 11.36
C LYS A 26 8.28 7.74 10.86
N TYR A 27 8.59 6.48 10.55
CA TYR A 27 9.91 6.10 10.07
C TYR A 27 10.07 6.46 8.59
N THR A 28 11.26 6.90 8.21
CA THR A 28 11.54 7.27 6.83
C THR A 28 12.40 6.21 6.15
N SER A 29 12.22 4.96 6.55
CA SER A 29 12.99 3.85 5.97
C SER A 29 12.44 2.51 6.45
N HIS A 30 12.81 1.45 5.75
CA HIS A 30 12.35 0.11 6.10
C HIS A 30 13.22 -0.96 5.42
N ARG A 31 13.35 -2.11 6.06
CA ARG A 31 14.15 -3.21 5.52
C ARG A 31 13.40 -4.52 5.63
N THR A 32 12.09 -4.45 5.86
CA THR A 32 11.27 -5.64 5.98
C THR A 32 9.91 -5.44 5.31
N ALA A 33 9.49 -6.44 4.53
CA ALA A 33 8.21 -6.37 3.84
C ALA A 33 7.10 -5.91 4.77
N SER A 34 7.14 -6.36 6.02
CA SER A 34 6.14 -6.00 7.00
C SER A 34 6.06 -4.49 7.15
N GLY A 35 7.21 -3.83 7.11
CA GLY A 35 7.25 -2.39 7.25
C GLY A 35 7.33 -1.68 5.91
N CYS A 36 7.17 -2.44 4.83
CA CYS A 36 7.23 -1.88 3.49
C CYS A 36 5.90 -1.21 3.12
N PRO A 37 5.93 0.12 2.97
CA PRO A 37 4.75 0.90 2.62
C PRO A 37 4.29 0.65 1.19
N LEU A 38 5.24 0.35 0.32
CA LEU A 38 4.94 0.09 -1.09
C LEU A 38 4.15 -1.21 -1.25
N ALA A 39 4.48 -2.19 -0.41
CA ALA A 39 3.80 -3.47 -0.44
C ALA A 39 2.31 -3.33 -0.15
N ALA A 40 1.98 -2.41 0.74
CA ALA A 40 0.58 -2.16 1.10
C ALA A 40 -0.20 -1.57 -0.06
N LYS A 41 0.50 -0.78 -0.90
CA LYS A 41 -0.13 -0.15 -2.05
C LYS A 41 -0.24 -1.14 -3.21
N ARG A 42 0.71 -2.07 -3.28
CA ARG A 42 0.71 -3.07 -4.35
C ARG A 42 -0.61 -3.82 -4.39
N GLN A 43 -1.18 -4.06 -3.22
CA GLN A 43 -2.45 -4.78 -3.12
C GLN A 43 -3.43 -4.30 -4.19
N LYS A 44 -3.23 -3.07 -4.67
CA LYS A 44 -4.09 -2.49 -5.69
C LYS A 44 -3.26 -1.90 -6.82
N GLU A 45 -2.73 -2.76 -7.69
CA GLU A 45 -1.93 -2.31 -8.81
C GLU A 45 -2.40 -2.94 -10.12
N ASN A 46 -3.20 -2.18 -10.87
CA ASN A 46 -3.73 -2.67 -12.14
C ASN A 46 -3.12 -1.92 -13.31
N PRO A 47 -1.97 -2.41 -13.78
CA PRO A 47 -1.25 -1.79 -14.90
C PRO A 47 -1.99 -1.97 -16.23
N LEU A 48 -3.17 -2.58 -16.17
CA LEU A 48 -3.97 -2.81 -17.37
C LEU A 48 -3.90 -1.61 -18.30
N ASN A 49 -3.10 -1.74 -19.35
CA ASN A 49 -2.96 -0.66 -20.33
C ASN A 49 -3.92 -0.86 -21.51
N GLY A 50 -4.96 -0.02 -21.56
CA GLY A 50 -5.93 -0.11 -22.63
C GLY A 50 -6.53 1.24 -22.99
N ALA A 51 -6.83 2.03 -21.97
CA ALA A 51 -7.41 3.36 -22.18
C ALA A 51 -6.83 4.01 -23.44
N SER A 52 -7.72 4.44 -24.33
CA SER A 52 -7.30 5.08 -25.58
C SER A 52 -8.33 6.09 -26.04
N LEU A 53 -7.90 7.05 -26.85
CA LEU A 53 -8.78 8.08 -27.37
C LEU A 53 -8.50 8.37 -28.84
N SER A 54 -9.55 8.38 -29.65
CA SER A 54 -9.41 8.64 -31.08
C SER A 54 -10.42 9.67 -31.55
N TRP A 55 -11.67 9.50 -31.12
CA TRP A 55 -12.74 10.42 -31.49
C TRP A 55 -12.77 11.63 -30.57
N LYS A 56 -13.56 12.63 -30.93
CA LYS A 56 -13.68 13.84 -30.13
C LYS A 56 -15.10 14.00 -29.59
N LEU A 57 -16.07 14.04 -30.48
CA LEU A 57 -17.47 14.18 -30.09
C LEU A 57 -18.26 12.92 -30.43
N ASN A 58 -18.63 12.16 -29.41
CA ASN A 58 -19.39 10.94 -29.60
C ASN A 58 -19.81 10.33 -28.25
N LYS A 59 -21.10 10.41 -27.96
CA LYS A 59 -21.62 9.87 -26.70
C LYS A 59 -22.19 8.47 -26.90
N GLN A 60 -21.52 7.47 -26.33
CA GLN A 60 -21.95 6.09 -26.46
C GLN A 60 -21.09 5.16 -25.60
N GLU A 61 -21.67 4.65 -24.53
CA GLU A 61 -20.95 3.75 -23.63
C GLU A 61 -20.58 2.45 -24.34
N LEU A 62 -19.30 2.29 -24.65
CA LEU A 62 -18.81 1.10 -25.33
C LEU A 62 -17.86 0.31 -24.44
N PRO A 63 -17.79 -1.00 -24.66
CA PRO A 63 -16.92 -1.89 -23.89
C PRO A 63 -15.45 -1.67 -24.19
N HIS A 64 -14.58 -2.31 -23.41
CA HIS A 64 -13.14 -2.18 -23.60
C HIS A 64 -12.52 -3.53 -23.97
N CYS A 65 -13.23 -4.30 -24.78
CA CYS A 65 -12.74 -5.61 -25.21
C CYS A 65 -12.25 -5.56 -26.65
N PRO A 66 -11.12 -6.22 -26.91
CA PRO A 66 -10.51 -6.27 -28.24
C PRO A 66 -11.34 -7.10 -29.22
N LEU A 67 -11.70 -8.31 -28.81
CA LEU A 67 -12.50 -9.20 -29.65
C LEU A 67 -13.65 -8.44 -30.30
N PRO A 68 -13.81 -8.63 -31.63
CA PRO A 68 -14.88 -7.96 -32.39
C PRO A 68 -16.26 -8.52 -32.05
N GLY A 69 -16.38 -9.85 -32.03
CA GLY A 69 -17.64 -10.48 -31.72
C GLY A 69 -18.07 -10.25 -30.28
N CYS A 70 -17.10 -10.26 -29.38
CA CYS A 70 -17.38 -10.05 -27.96
C CYS A 70 -17.96 -8.67 -27.71
N ASN A 71 -18.97 -8.59 -26.86
CA ASN A 71 -19.62 -7.32 -26.54
C ASN A 71 -19.10 -6.78 -25.21
N GLY A 72 -17.91 -7.21 -24.82
CA GLY A 72 -17.32 -6.74 -23.58
C GLY A 72 -18.20 -7.05 -22.38
N LEU A 73 -18.88 -8.19 -22.43
CA LEU A 73 -19.75 -8.60 -21.33
C LEU A 73 -19.36 -9.98 -20.81
N GLY A 74 -19.18 -10.08 -19.49
CA GLY A 74 -18.82 -11.35 -18.89
C GLY A 74 -17.39 -11.35 -18.37
N HIS A 75 -17.07 -12.33 -17.54
CA HIS A 75 -15.73 -12.44 -16.96
C HIS A 75 -15.24 -13.88 -16.97
N VAL A 76 -13.94 -14.07 -17.21
CA VAL A 76 -13.36 -15.40 -17.24
C VAL A 76 -13.49 -16.09 -15.88
N ASN A 77 -13.73 -15.30 -14.84
CA ASN A 77 -13.88 -15.83 -13.49
C ASN A 77 -15.32 -16.24 -13.22
N ASN A 78 -16.21 -15.88 -14.13
CA ASN A 78 -17.63 -16.21 -13.99
C ASN A 78 -18.21 -15.55 -12.74
N VAL A 79 -17.95 -14.27 -12.58
CA VAL A 79 -18.46 -13.52 -11.43
C VAL A 79 -19.09 -12.20 -11.86
N PHE A 80 -18.31 -11.39 -12.58
CA PHE A 80 -18.79 -10.09 -13.05
C PHE A 80 -19.39 -10.22 -14.45
N VAL A 81 -19.96 -9.12 -14.94
CA VAL A 81 -20.57 -9.11 -16.27
C VAL A 81 -19.94 -8.04 -17.16
N THR A 82 -18.65 -7.79 -16.94
CA THR A 82 -17.93 -6.78 -17.71
C THR A 82 -16.43 -7.04 -17.68
N HIS A 83 -15.69 -6.41 -18.58
CA HIS A 83 -14.25 -6.57 -18.65
C HIS A 83 -13.65 -5.61 -19.68
N ARG A 84 -12.39 -5.25 -19.47
CA ARG A 84 -11.70 -4.33 -20.36
C ARG A 84 -10.32 -4.88 -20.74
N SER A 85 -10.25 -6.19 -20.94
CA SER A 85 -8.98 -6.84 -21.30
C SER A 85 -9.20 -8.31 -21.63
N LEU A 86 -8.20 -8.93 -22.24
CA LEU A 86 -8.28 -10.33 -22.61
C LEU A 86 -8.30 -11.23 -21.37
N SER A 87 -7.39 -10.95 -20.44
CA SER A 87 -7.30 -11.74 -19.21
C SER A 87 -8.67 -11.86 -18.54
N GLY A 88 -9.53 -10.87 -18.77
CA GLY A 88 -10.85 -10.89 -18.19
C GLY A 88 -11.92 -11.36 -19.17
N CYS A 89 -11.58 -11.34 -20.45
CA CYS A 89 -12.51 -11.76 -21.50
C CYS A 89 -12.73 -13.27 -21.44
N PRO A 90 -13.97 -13.68 -21.10
CA PRO A 90 -14.34 -15.09 -21.01
C PRO A 90 -14.38 -15.77 -22.37
N LEU A 91 -14.70 -15.00 -23.40
CA LEU A 91 -14.79 -15.53 -24.76
C LEU A 91 -13.39 -15.71 -25.36
N ASN A 92 -12.42 -14.96 -24.83
CA ASN A 92 -11.05 -15.04 -25.30
C ASN A 92 -10.31 -16.20 -24.63
N ALA A 93 -10.62 -16.44 -23.37
CA ALA A 93 -9.99 -17.53 -22.62
C ALA A 93 -10.11 -18.86 -23.37
N GLN A 94 -11.35 -19.30 -23.56
CA GLN A 94 -11.60 -20.56 -24.26
C GLN A 94 -10.81 -20.63 -25.56
N VAL A 95 -10.76 -19.51 -26.28
CA VAL A 95 -10.03 -19.45 -27.54
C VAL A 95 -8.55 -19.80 -27.35
N ILE A 96 -7.93 -19.17 -26.36
CA ILE A 96 -6.53 -19.41 -26.06
C ILE A 96 -6.25 -20.91 -25.94
N LYS A 97 -7.09 -21.60 -25.17
CA LYS A 97 -6.93 -23.03 -24.96
C LYS A 97 -5.46 -23.42 -24.92
N LYS A 98 -4.69 -22.72 -24.09
CA LYS A 98 -3.27 -22.98 -23.94
C LYS A 98 -3.04 -24.40 -23.42
N GLY A 99 -3.83 -24.80 -22.42
CA GLY A 99 -3.70 -26.13 -21.85
C GLY A 99 -3.13 -26.09 -20.44
N LYS A 100 -1.87 -26.47 -20.30
CA LYS A 100 -1.22 -26.49 -19.00
C LYS A 100 -2.05 -27.25 -17.99
N VAL A 101 -2.66 -28.36 -18.43
CA VAL A 101 -3.48 -29.18 -17.56
C VAL A 101 -2.79 -29.42 -16.22
N SER A 102 -3.45 -29.03 -15.13
CA SER A 102 -2.90 -29.20 -13.80
C SER A 102 -2.88 -30.68 -13.40
N SER A 103 -1.78 -31.36 -13.74
CA SER A 103 -1.64 -32.77 -13.42
C SER A 103 -2.98 -33.49 -13.51
N GLY A 104 -3.75 -33.15 -14.54
CA GLY A 104 -5.05 -33.78 -14.73
C GLY A 104 -5.49 -33.76 -16.18
N PRO A 105 -6.75 -34.17 -16.42
CA PRO A 105 -7.32 -34.22 -17.77
C PRO A 105 -7.56 -32.82 -18.34
N SER A 106 -8.12 -32.77 -19.55
CA SER A 106 -8.40 -31.51 -20.22
C SER A 106 -9.90 -31.28 -20.34
N SER A 107 -10.63 -31.59 -19.27
CA SER A 107 -12.08 -31.42 -19.26
C SER A 107 -12.46 -29.97 -19.52
N GLY A 108 -13.72 -29.75 -19.90
CA GLY A 108 -14.19 -28.41 -20.18
C GLY A 108 -14.31 -28.13 -21.66
N GLY A 1 23.85 -16.69 30.35
CA GLY A 1 23.20 -16.02 29.24
C GLY A 1 23.30 -16.80 27.95
N SER A 2 22.46 -17.82 27.81
CA SER A 2 22.45 -18.66 26.61
C SER A 2 21.94 -17.87 25.41
N SER A 3 20.83 -17.16 25.59
CA SER A 3 20.24 -16.37 24.52
C SER A 3 21.33 -15.73 23.65
N GLY A 4 20.99 -15.46 22.40
CA GLY A 4 21.94 -14.85 21.48
C GLY A 4 21.26 -14.14 20.33
N SER A 5 22.07 -13.67 19.38
CA SER A 5 21.54 -12.96 18.22
C SER A 5 22.64 -12.69 17.20
N SER A 6 22.34 -12.93 15.92
CA SER A 6 23.30 -12.72 14.85
C SER A 6 22.60 -12.66 13.50
N GLY A 7 23.28 -12.07 12.51
CA GLY A 7 22.72 -11.96 11.18
C GLY A 7 23.13 -10.68 10.49
N PRO A 8 23.25 -10.75 9.15
CA PRO A 8 23.63 -9.59 8.34
C PRO A 8 22.53 -8.52 8.29
N GLU A 9 22.76 -7.48 7.49
CA GLU A 9 21.80 -6.40 7.35
C GLU A 9 20.80 -6.71 6.25
N LEU A 10 19.52 -6.77 6.62
CA LEU A 10 18.46 -7.06 5.65
C LEU A 10 17.96 -5.78 5.00
N LYS A 11 17.26 -5.93 3.88
CA LYS A 11 16.73 -4.78 3.15
C LYS A 11 15.40 -5.13 2.49
N CYS A 12 14.53 -4.14 2.35
CA CYS A 12 13.22 -4.33 1.73
C CYS A 12 13.30 -5.37 0.61
N PRO A 13 12.85 -6.60 0.91
CA PRO A 13 12.86 -7.71 -0.06
C PRO A 13 11.85 -7.50 -1.18
N VAL A 14 11.04 -6.46 -1.06
CA VAL A 14 10.04 -6.15 -2.07
C VAL A 14 10.67 -5.48 -3.28
N ILE A 15 10.74 -6.22 -4.39
CA ILE A 15 11.32 -5.71 -5.62
C ILE A 15 10.62 -4.43 -6.06
N GLY A 16 11.32 -3.61 -6.83
CA GLY A 16 10.75 -2.36 -7.31
C GLY A 16 10.82 -1.26 -6.28
N CYS A 17 10.64 -1.62 -5.02
CA CYS A 17 10.66 -0.65 -3.92
C CYS A 17 12.06 -0.05 -3.77
N ASP A 18 12.14 1.06 -3.06
CA ASP A 18 13.42 1.74 -2.84
C ASP A 18 13.95 1.46 -1.44
N GLY A 19 13.06 1.04 -0.54
CA GLY A 19 13.45 0.74 0.82
C GLY A 19 13.18 1.90 1.76
N GLN A 20 13.17 3.11 1.23
CA GLN A 20 12.93 4.30 2.02
C GLN A 20 11.46 4.38 2.46
N GLY A 21 11.19 5.23 3.43
CA GLY A 21 9.83 5.39 3.92
C GLY A 21 9.43 4.30 4.90
N HIS A 22 8.19 4.35 5.37
CA HIS A 22 7.69 3.35 6.31
C HIS A 22 6.17 3.19 6.19
N ILE A 23 5.71 1.95 6.24
CA ILE A 23 4.28 1.67 6.13
C ILE A 23 3.48 2.52 7.12
N SER A 24 4.06 2.75 8.29
CA SER A 24 3.40 3.55 9.32
C SER A 24 3.52 5.05 9.03
N GLY A 25 4.69 5.44 8.51
CA GLY A 25 4.91 6.83 8.20
C GLY A 25 5.92 7.48 9.12
N LYS A 26 5.80 7.20 10.41
CA LYS A 26 6.71 7.76 11.40
C LYS A 26 8.16 7.67 10.93
N TYR A 27 8.59 6.45 10.62
CA TYR A 27 9.96 6.22 10.15
C TYR A 27 10.09 6.59 8.67
N THR A 28 11.24 7.15 8.31
CA THR A 28 11.52 7.55 6.94
C THR A 28 12.34 6.49 6.21
N SER A 29 12.18 5.23 6.62
CA SER A 29 12.91 4.13 6.01
C SER A 29 12.41 2.79 6.54
N HIS A 30 12.69 1.72 5.79
CA HIS A 30 12.26 0.39 6.18
C HIS A 30 13.19 -0.67 5.57
N ARG A 31 13.30 -1.81 6.25
CA ARG A 31 14.15 -2.90 5.78
C ARG A 31 13.42 -4.24 5.88
N THR A 32 12.10 -4.18 5.94
CA THR A 32 11.29 -5.39 6.05
C THR A 32 9.97 -5.23 5.29
N ALA A 33 9.46 -6.34 4.77
CA ALA A 33 8.21 -6.32 4.03
C ALA A 33 7.06 -5.86 4.92
N SER A 34 7.05 -6.33 6.16
CA SER A 34 6.00 -5.97 7.11
C SER A 34 5.89 -4.45 7.25
N GLY A 35 7.02 -3.77 7.16
CA GLY A 35 7.03 -2.32 7.28
C GLY A 35 7.14 -1.63 5.93
N CYS A 36 7.14 -2.43 4.86
CA CYS A 36 7.24 -1.89 3.51
C CYS A 36 5.94 -1.19 3.11
N PRO A 37 6.02 0.14 2.95
CA PRO A 37 4.86 0.96 2.57
C PRO A 37 4.43 0.71 1.12
N LEU A 38 5.39 0.37 0.27
CA LEU A 38 5.11 0.11 -1.13
C LEU A 38 4.37 -1.22 -1.30
N ALA A 39 4.62 -2.15 -0.38
CA ALA A 39 3.98 -3.46 -0.43
C ALA A 39 2.49 -3.35 -0.16
N ALA A 40 2.11 -2.36 0.65
CA ALA A 40 0.70 -2.15 0.99
C ALA A 40 -0.08 -1.64 -0.21
N LYS A 41 0.56 -0.79 -1.02
CA LYS A 41 -0.08 -0.24 -2.21
C LYS A 41 -0.36 -1.33 -3.23
N ARG A 42 0.58 -2.28 -3.35
CA ARG A 42 0.43 -3.37 -4.30
C ARG A 42 -0.59 -4.40 -3.80
N GLN A 43 -0.30 -4.98 -2.63
CA GLN A 43 -1.19 -5.97 -2.05
C GLN A 43 -2.64 -5.51 -2.09
N LYS A 44 -2.86 -4.23 -1.81
CA LYS A 44 -4.19 -3.66 -1.81
C LYS A 44 -5.04 -4.25 -2.94
N GLU A 45 -5.91 -5.19 -2.58
CA GLU A 45 -6.77 -5.84 -3.56
C GLU A 45 -8.25 -5.58 -3.25
N ASN A 46 -8.60 -5.71 -1.98
CA ASN A 46 -9.98 -5.48 -1.54
C ASN A 46 -10.37 -4.01 -1.71
N PRO A 47 -11.34 -3.76 -2.61
CA PRO A 47 -11.82 -2.40 -2.88
C PRO A 47 -12.62 -1.83 -1.72
N LEU A 48 -12.64 -2.55 -0.61
CA LEU A 48 -13.37 -2.12 0.58
C LEU A 48 -13.40 -0.59 0.67
N ASN A 49 -14.52 -0.06 1.12
CA ASN A 49 -14.68 1.39 1.26
C ASN A 49 -14.66 1.80 2.73
N GLY A 50 -15.65 1.35 3.48
CA GLY A 50 -15.73 1.68 4.90
C GLY A 50 -16.83 0.93 5.61
N ALA A 51 -17.53 1.62 6.50
CA ALA A 51 -18.62 1.01 7.26
C ALA A 51 -19.74 2.02 7.52
N SER A 52 -20.78 1.57 8.22
CA SER A 52 -21.92 2.43 8.54
C SER A 52 -21.92 2.81 10.01
N LEU A 53 -21.95 4.11 10.28
CA LEU A 53 -21.96 4.60 11.66
C LEU A 53 -23.19 5.47 11.91
N SER A 54 -23.99 5.08 12.91
CA SER A 54 -25.19 5.84 13.25
C SER A 54 -25.12 6.35 14.68
N TRP A 55 -25.62 7.56 14.90
CA TRP A 55 -25.61 8.16 16.23
C TRP A 55 -27.03 8.28 16.77
N LYS A 56 -27.50 7.23 17.43
CA LYS A 56 -28.84 7.23 18.01
C LYS A 56 -28.78 7.04 19.52
N LEU A 57 -27.87 7.76 20.16
CA LEU A 57 -27.71 7.68 21.61
C LEU A 57 -28.16 8.97 22.28
N ASN A 58 -28.90 8.85 23.38
CA ASN A 58 -29.38 10.01 24.12
C ASN A 58 -28.23 10.92 24.52
N LYS A 59 -27.22 10.34 25.17
CA LYS A 59 -26.06 11.09 25.61
C LYS A 59 -24.80 10.62 24.89
N GLN A 60 -23.80 11.49 24.84
CA GLN A 60 -22.53 11.16 24.17
C GLN A 60 -21.42 12.08 24.66
N GLU A 61 -20.34 11.47 25.15
CA GLU A 61 -19.20 12.23 25.64
C GLU A 61 -17.97 12.01 24.76
N LEU A 62 -17.06 12.97 24.78
CA LEU A 62 -15.83 12.88 23.99
C LEU A 62 -14.93 11.77 24.50
N PRO A 63 -14.52 10.86 23.59
CA PRO A 63 -13.65 9.73 23.93
C PRO A 63 -12.24 10.18 24.26
N HIS A 64 -11.89 10.14 25.54
CA HIS A 64 -10.56 10.54 25.99
C HIS A 64 -9.59 9.36 25.93
N CYS A 65 -8.30 9.67 25.86
CA CYS A 65 -7.27 8.64 25.79
C CYS A 65 -7.57 7.51 26.77
N PRO A 66 -7.44 6.26 26.29
CA PRO A 66 -7.70 5.07 27.11
C PRO A 66 -6.64 4.87 28.18
N LEU A 67 -5.38 5.11 27.83
CA LEU A 67 -4.27 4.95 28.76
C LEU A 67 -4.70 5.34 30.18
N PRO A 68 -4.39 4.46 31.14
CA PRO A 68 -4.72 4.69 32.55
C PRO A 68 -3.90 5.81 33.17
N GLY A 69 -2.79 6.15 32.53
CA GLY A 69 -1.93 7.20 33.02
C GLY A 69 -1.62 8.25 31.97
N CYS A 70 -2.62 8.60 31.18
CA CYS A 70 -2.44 9.59 30.12
C CYS A 70 -3.56 10.63 30.16
N ASN A 71 -3.19 11.90 30.13
CA ASN A 71 -4.17 12.98 30.15
C ASN A 71 -4.82 13.16 28.78
N GLY A 72 -4.01 13.03 27.73
CA GLY A 72 -4.54 13.18 26.38
C GLY A 72 -3.95 14.38 25.66
N LEU A 73 -2.76 14.79 26.08
CA LEU A 73 -2.10 15.95 25.47
C LEU A 73 -0.86 15.51 24.69
N GLY A 74 -0.82 15.85 23.40
CA GLY A 74 0.31 15.50 22.57
C GLY A 74 -0.09 14.59 21.43
N HIS A 75 0.84 14.37 20.50
CA HIS A 75 0.59 13.52 19.35
C HIS A 75 1.88 12.83 18.89
N VAL A 76 1.74 11.58 18.46
CA VAL A 76 2.89 10.81 17.99
C VAL A 76 3.56 11.49 16.80
N ASN A 77 2.80 12.32 16.10
CA ASN A 77 3.32 13.02 14.93
C ASN A 77 4.03 14.31 15.35
N ASN A 78 4.15 14.51 16.66
CA ASN A 78 4.81 15.70 17.19
C ASN A 78 4.38 16.95 16.42
N VAL A 79 3.07 17.14 16.30
CA VAL A 79 2.53 18.29 15.59
C VAL A 79 1.39 18.93 16.38
N PHE A 80 0.43 18.12 16.79
CA PHE A 80 -0.72 18.60 17.55
C PHE A 80 -0.52 18.38 19.05
N VAL A 81 -1.25 19.14 19.85
CA VAL A 81 -1.14 19.03 21.30
C VAL A 81 -2.37 18.34 21.89
N THR A 82 -2.97 17.45 21.11
CA THR A 82 -4.16 16.71 21.55
C THR A 82 -4.28 15.38 20.81
N HIS A 83 -5.07 14.48 21.40
CA HIS A 83 -5.27 13.17 20.79
C HIS A 83 -6.37 12.39 21.53
N ARG A 84 -7.19 11.67 20.78
CA ARG A 84 -8.27 10.89 21.36
C ARG A 84 -8.21 9.43 20.91
N SER A 85 -7.00 8.88 20.91
CA SER A 85 -6.80 7.50 20.51
C SER A 85 -5.35 7.06 20.74
N LEU A 86 -5.13 5.75 20.80
CA LEU A 86 -3.81 5.21 21.04
C LEU A 86 -2.85 5.61 19.92
N SER A 87 -3.32 5.46 18.68
CA SER A 87 -2.50 5.82 17.51
C SER A 87 -1.90 7.21 17.67
N GLY A 88 -2.73 8.17 18.05
CA GLY A 88 -2.25 9.53 18.23
C GLY A 88 -1.47 9.70 19.53
N CYS A 89 -1.70 8.80 20.47
CA CYS A 89 -1.01 8.87 21.76
C CYS A 89 0.50 8.76 21.57
N PRO A 90 1.21 9.85 21.88
CA PRO A 90 2.67 9.91 21.75
C PRO A 90 3.37 9.05 22.79
N LEU A 91 2.99 9.24 24.06
CA LEU A 91 3.59 8.48 25.15
C LEU A 91 3.38 6.98 24.95
N ASN A 92 2.27 6.62 24.31
CA ASN A 92 1.95 5.22 24.06
C ASN A 92 2.94 4.61 23.07
N ALA A 93 3.29 5.37 22.04
CA ALA A 93 4.24 4.91 21.02
C ALA A 93 5.61 4.66 21.63
N GLN A 94 6.22 5.71 22.17
CA GLN A 94 7.53 5.60 22.79
C GLN A 94 7.64 4.34 23.63
N VAL A 95 6.51 3.88 24.15
CA VAL A 95 6.47 2.69 24.98
C VAL A 95 6.61 1.43 24.13
N ILE A 96 5.83 1.34 23.06
CA ILE A 96 5.88 0.20 22.17
C ILE A 96 7.29 -0.07 21.68
N LYS A 97 7.77 -1.28 21.90
CA LYS A 97 9.11 -1.66 21.47
C LYS A 97 9.36 -3.15 21.71
N LYS A 98 10.23 -3.75 20.90
CA LYS A 98 10.56 -5.16 21.02
C LYS A 98 12.05 -5.36 21.24
N GLY A 99 12.85 -4.74 20.37
CA GLY A 99 14.30 -4.86 20.48
C GLY A 99 15.01 -4.49 19.20
N LYS A 100 14.68 -3.31 18.66
CA LYS A 100 15.30 -2.83 17.43
C LYS A 100 15.88 -1.43 17.63
N VAL A 101 17.20 -1.33 17.47
CA VAL A 101 17.88 -0.05 17.62
C VAL A 101 18.40 0.46 16.29
N SER A 102 17.59 0.31 15.25
CA SER A 102 17.97 0.76 13.91
C SER A 102 18.04 2.27 13.83
N SER A 103 17.05 2.93 14.43
CA SER A 103 17.00 4.39 14.43
C SER A 103 17.80 4.96 15.59
N GLY A 104 18.60 5.98 15.31
CA GLY A 104 19.41 6.60 16.34
C GLY A 104 20.29 7.71 15.79
N PRO A 105 21.56 7.38 15.50
CA PRO A 105 22.52 8.34 14.98
C PRO A 105 22.21 8.76 13.54
N SER A 106 21.42 9.82 13.40
CA SER A 106 21.04 10.31 12.09
C SER A 106 22.23 10.30 11.14
N SER A 107 23.32 10.95 11.54
CA SER A 107 24.53 11.01 10.72
C SER A 107 24.18 11.28 9.26
N GLY A 108 23.26 12.21 9.05
CA GLY A 108 22.85 12.56 7.70
C GLY A 108 22.47 14.02 7.57
N GLY A 1 42.09 -17.63 25.44
CA GLY A 1 40.80 -17.01 25.27
C GLY A 1 40.25 -17.18 23.86
N SER A 2 38.93 -17.05 23.73
CA SER A 2 38.28 -17.20 22.42
C SER A 2 36.98 -16.41 22.39
N SER A 3 36.51 -16.12 21.17
CA SER A 3 35.27 -15.36 20.99
C SER A 3 34.82 -15.42 19.54
N GLY A 4 33.58 -14.99 19.30
CA GLY A 4 33.04 -14.99 17.95
C GLY A 4 31.63 -14.44 17.89
N SER A 5 31.32 -13.75 16.80
CA SER A 5 30.00 -13.16 16.62
C SER A 5 29.77 -12.74 15.17
N SER A 6 28.51 -12.58 14.80
CA SER A 6 28.17 -12.19 13.43
C SER A 6 26.73 -11.67 13.37
N GLY A 7 26.42 -10.97 12.28
CA GLY A 7 25.08 -10.44 12.10
C GLY A 7 24.88 -9.79 10.75
N PRO A 8 24.10 -10.45 9.88
CA PRO A 8 23.81 -9.96 8.54
C PRO A 8 22.92 -8.72 8.55
N GLU A 9 22.56 -8.25 7.36
CA GLU A 9 21.70 -7.07 7.23
C GLU A 9 20.55 -7.34 6.27
N LEU A 10 19.33 -7.03 6.71
CA LEU A 10 18.14 -7.23 5.88
C LEU A 10 17.83 -5.97 5.07
N LYS A 11 17.09 -6.16 3.98
CA LYS A 11 16.71 -5.04 3.12
C LYS A 11 15.40 -5.33 2.39
N CYS A 12 14.55 -4.33 2.29
CA CYS A 12 13.26 -4.47 1.61
C CYS A 12 13.38 -5.44 0.44
N PRO A 13 12.98 -6.70 0.67
CA PRO A 13 13.02 -7.75 -0.36
C PRO A 13 12.01 -7.51 -1.47
N VAL A 14 11.16 -6.50 -1.30
CA VAL A 14 10.15 -6.17 -2.29
C VAL A 14 10.76 -5.56 -3.53
N ILE A 15 10.47 -6.14 -4.69
CA ILE A 15 11.00 -5.65 -5.95
C ILE A 15 10.45 -4.28 -6.28
N GLY A 16 11.27 -3.44 -6.91
CA GLY A 16 10.84 -2.10 -7.27
C GLY A 16 11.00 -1.11 -6.14
N CYS A 17 10.76 -1.58 -4.91
CA CYS A 17 10.87 -0.73 -3.73
C CYS A 17 12.34 -0.51 -3.37
N ASP A 18 12.63 0.66 -2.80
CA ASP A 18 13.98 1.00 -2.40
C ASP A 18 14.08 1.15 -0.89
N GLY A 19 13.28 0.37 -0.16
CA GLY A 19 13.28 0.42 1.28
C GLY A 19 13.26 1.85 1.81
N GLN A 20 12.45 2.69 1.18
CA GLN A 20 12.33 4.09 1.58
C GLN A 20 10.95 4.37 2.15
N GLY A 21 10.91 5.01 3.32
CA GLY A 21 9.65 5.33 3.96
C GLY A 21 9.23 4.30 4.99
N HIS A 22 7.97 4.35 5.41
CA HIS A 22 7.45 3.42 6.40
C HIS A 22 5.93 3.38 6.37
N ILE A 23 5.37 2.18 6.28
CA ILE A 23 3.93 2.01 6.23
C ILE A 23 3.24 2.82 7.34
N SER A 24 3.96 3.05 8.43
CA SER A 24 3.44 3.81 9.55
C SER A 24 3.49 5.31 9.27
N GLY A 25 4.59 5.75 8.67
CA GLY A 25 4.75 7.15 8.35
C GLY A 25 5.76 7.84 9.25
N LYS A 26 5.77 7.46 10.52
CA LYS A 26 6.69 8.06 11.49
C LYS A 26 8.13 7.92 11.01
N TYR A 27 8.52 6.69 10.65
CA TYR A 27 9.87 6.43 10.17
C TYR A 27 9.99 6.72 8.69
N THR A 28 11.19 7.13 8.26
CA THR A 28 11.44 7.44 6.87
C THR A 28 12.34 6.40 6.22
N SER A 29 12.17 5.14 6.62
CA SER A 29 12.97 4.05 6.08
C SER A 29 12.43 2.70 6.54
N HIS A 30 12.75 1.65 5.80
CA HIS A 30 12.30 0.31 6.13
C HIS A 30 13.15 -0.75 5.43
N ARG A 31 13.47 -1.82 6.14
CA ARG A 31 14.29 -2.89 5.58
C ARG A 31 13.57 -4.24 5.72
N THR A 32 12.25 -4.19 5.75
CA THR A 32 11.44 -5.41 5.88
C THR A 32 10.08 -5.24 5.22
N ALA A 33 9.61 -6.31 4.57
CA ALA A 33 8.31 -6.27 3.91
C ALA A 33 7.20 -5.83 4.87
N SER A 34 7.28 -6.31 6.10
CA SER A 34 6.28 -5.97 7.11
C SER A 34 6.13 -4.46 7.24
N GLY A 35 7.25 -3.75 7.19
CA GLY A 35 7.23 -2.31 7.29
C GLY A 35 7.32 -1.62 5.95
N CYS A 36 7.19 -2.40 4.88
CA CYS A 36 7.27 -1.86 3.53
C CYS A 36 5.93 -1.24 3.12
N PRO A 37 5.92 0.09 2.98
CA PRO A 37 4.72 0.84 2.60
C PRO A 37 4.33 0.59 1.14
N LEU A 38 5.32 0.35 0.29
CA LEU A 38 5.07 0.09 -1.12
C LEU A 38 4.32 -1.23 -1.31
N ALA A 39 4.59 -2.19 -0.43
CA ALA A 39 3.95 -3.49 -0.50
C ALA A 39 2.47 -3.39 -0.11
N ALA A 40 2.20 -2.60 0.92
CA ALA A 40 0.83 -2.41 1.39
C ALA A 40 -0.05 -1.79 0.31
N LYS A 41 0.45 -0.74 -0.32
CA LYS A 41 -0.29 -0.04 -1.37
C LYS A 41 -0.84 -1.04 -2.38
N ARG A 42 0.03 -1.87 -2.93
CA ARG A 42 -0.37 -2.87 -3.92
C ARG A 42 -1.17 -3.99 -3.26
N GLN A 43 -0.65 -4.54 -2.17
CA GLN A 43 -1.31 -5.61 -1.45
C GLN A 43 -2.26 -5.04 -0.39
N LYS A 44 -3.06 -4.07 -0.78
CA LYS A 44 -4.01 -3.44 0.14
C LYS A 44 -4.73 -4.49 0.97
N GLU A 45 -5.09 -5.60 0.33
CA GLU A 45 -5.80 -6.68 1.01
C GLU A 45 -4.93 -7.27 2.13
N ASN A 46 -3.77 -7.80 1.75
CA ASN A 46 -2.86 -8.40 2.71
C ASN A 46 -2.91 -7.66 4.04
N PRO A 47 -3.44 -8.34 5.07
CA PRO A 47 -3.57 -7.77 6.41
C PRO A 47 -2.22 -7.60 7.10
N LEU A 48 -1.44 -8.68 7.14
CA LEU A 48 -0.12 -8.65 7.76
C LEU A 48 0.74 -9.81 7.26
N ASN A 49 1.97 -9.87 7.75
CA ASN A 49 2.90 -10.93 7.36
C ASN A 49 4.06 -11.04 8.35
N GLY A 50 4.68 -12.21 8.39
CA GLY A 50 5.79 -12.42 9.30
C GLY A 50 6.49 -13.75 9.06
N ALA A 51 7.20 -14.24 10.07
CA ALA A 51 7.91 -15.50 9.97
C ALA A 51 7.02 -16.66 10.37
N SER A 52 6.57 -16.66 11.62
CA SER A 52 5.71 -17.73 12.13
C SER A 52 4.24 -17.34 12.01
N LEU A 53 3.37 -18.35 12.04
CA LEU A 53 1.93 -18.12 11.93
C LEU A 53 1.23 -18.45 13.24
N SER A 54 0.40 -17.52 13.71
CA SER A 54 -0.34 -17.71 14.96
C SER A 54 -1.58 -18.56 14.72
N TRP A 55 -2.04 -19.22 15.79
CA TRP A 55 -3.22 -20.07 15.70
C TRP A 55 -4.36 -19.36 14.96
N LYS A 56 -4.69 -19.86 13.78
CA LYS A 56 -5.76 -19.28 12.98
C LYS A 56 -6.40 -20.34 12.08
N LEU A 57 -7.68 -20.15 11.78
CA LEU A 57 -8.41 -21.07 10.93
C LEU A 57 -7.85 -21.08 9.51
N ASN A 58 -8.32 -22.02 8.69
CA ASN A 58 -7.86 -22.12 7.32
C ASN A 58 -9.04 -22.06 6.34
N LYS A 59 -8.76 -21.66 5.11
CA LYS A 59 -9.79 -21.55 4.09
C LYS A 59 -10.26 -22.93 3.63
N GLN A 60 -9.30 -23.79 3.32
CA GLN A 60 -9.60 -25.15 2.87
C GLN A 60 -10.16 -25.99 4.01
N GLU A 61 -11.32 -26.59 3.79
CA GLU A 61 -11.96 -27.42 4.81
C GLU A 61 -12.24 -28.81 4.26
N LEU A 62 -11.52 -29.81 4.76
CA LEU A 62 -11.70 -31.18 4.32
C LEU A 62 -13.18 -31.56 4.31
N PRO A 63 -13.53 -32.57 3.51
CA PRO A 63 -14.90 -33.06 3.38
C PRO A 63 -15.40 -33.76 4.63
N HIS A 64 -16.70 -33.84 4.79
CA HIS A 64 -17.30 -34.49 5.96
C HIS A 64 -17.25 -36.01 5.82
N CYS A 65 -17.65 -36.71 6.88
CA CYS A 65 -17.64 -38.17 6.87
C CYS A 65 -18.04 -38.71 5.51
N PRO A 66 -17.28 -39.71 5.02
CA PRO A 66 -17.54 -40.34 3.73
C PRO A 66 -18.81 -41.18 3.73
N LEU A 67 -19.03 -41.92 4.81
CA LEU A 67 -20.21 -42.76 4.94
C LEU A 67 -21.47 -41.99 4.57
N PRO A 68 -22.35 -42.63 3.79
CA PRO A 68 -23.61 -42.02 3.35
C PRO A 68 -24.61 -41.86 4.48
N GLY A 69 -24.83 -42.95 5.22
CA GLY A 69 -25.76 -42.90 6.34
C GLY A 69 -25.28 -41.99 7.46
N CYS A 70 -23.98 -41.99 7.69
CA CYS A 70 -23.39 -41.16 8.74
C CYS A 70 -23.41 -39.69 8.35
N ASN A 71 -24.08 -38.87 9.15
CA ASN A 71 -24.16 -37.44 8.88
C ASN A 71 -22.86 -36.74 9.25
N GLY A 72 -22.32 -37.08 10.42
CA GLY A 72 -21.08 -36.48 10.87
C GLY A 72 -21.15 -36.04 12.32
N LEU A 73 -21.80 -36.85 13.15
CA LEU A 73 -21.93 -36.56 14.57
C LEU A 73 -21.48 -37.73 15.42
N GLY A 74 -20.45 -37.52 16.23
CA GLY A 74 -19.94 -38.57 17.09
C GLY A 74 -18.43 -38.68 17.03
N HIS A 75 -17.88 -39.64 17.77
CA HIS A 75 -16.44 -39.87 17.79
C HIS A 75 -16.09 -41.12 18.59
N VAL A 76 -15.21 -41.94 18.02
CA VAL A 76 -14.80 -43.18 18.69
C VAL A 76 -14.29 -42.90 20.09
N ASN A 77 -13.55 -41.81 20.25
CA ASN A 77 -13.01 -41.44 21.55
C ASN A 77 -14.11 -41.32 22.60
N ASN A 78 -15.35 -41.30 22.14
CA ASN A 78 -16.50 -41.19 23.03
C ASN A 78 -16.36 -40.00 23.96
N VAL A 79 -15.74 -38.93 23.46
CA VAL A 79 -15.54 -37.72 24.25
C VAL A 79 -16.18 -36.51 23.55
N PHE A 80 -16.02 -36.44 22.23
CA PHE A 80 -16.57 -35.34 21.46
C PHE A 80 -17.87 -35.75 20.76
N VAL A 81 -18.49 -34.81 20.08
CA VAL A 81 -19.73 -35.08 19.36
C VAL A 81 -19.60 -34.75 17.88
N THR A 82 -18.37 -34.76 17.39
CA THR A 82 -18.09 -34.47 15.99
C THR A 82 -16.93 -35.30 15.46
N HIS A 83 -16.82 -35.40 14.15
CA HIS A 83 -15.76 -36.17 13.52
C HIS A 83 -15.74 -35.95 12.01
N ARG A 84 -14.57 -35.63 11.48
CA ARG A 84 -14.42 -35.40 10.04
C ARG A 84 -13.44 -36.39 9.43
N SER A 85 -13.59 -37.66 9.79
CA SER A 85 -12.71 -38.71 9.27
C SER A 85 -13.17 -40.08 9.74
N LEU A 86 -12.69 -41.12 9.06
CA LEU A 86 -13.06 -42.49 9.41
C LEU A 86 -12.51 -42.87 10.78
N SER A 87 -11.22 -42.66 10.97
CA SER A 87 -10.57 -42.98 12.23
C SER A 87 -11.40 -42.48 13.41
N GLY A 88 -12.10 -41.38 13.20
CA GLY A 88 -12.93 -40.82 14.25
C GLY A 88 -14.36 -41.31 14.19
N CYS A 89 -14.83 -41.63 12.99
CA CYS A 89 -16.19 -42.12 12.80
C CYS A 89 -16.44 -43.38 13.62
N PRO A 90 -17.35 -43.27 14.60
CA PRO A 90 -17.70 -44.39 15.48
C PRO A 90 -18.48 -45.48 14.75
N LEU A 91 -19.18 -45.10 13.69
CA LEU A 91 -19.95 -46.04 12.90
C LEU A 91 -19.06 -46.82 11.93
N ASN A 92 -17.94 -46.22 11.57
CA ASN A 92 -17.00 -46.85 10.65
C ASN A 92 -16.08 -47.82 11.40
N ALA A 93 -15.75 -47.47 12.64
CA ALA A 93 -14.89 -48.31 13.46
C ALA A 93 -15.62 -49.56 13.94
N GLN A 94 -16.94 -49.44 14.13
CA GLN A 94 -17.75 -50.55 14.58
C GLN A 94 -17.97 -51.55 13.45
N VAL A 95 -18.22 -51.04 12.25
CA VAL A 95 -18.45 -51.89 11.08
C VAL A 95 -17.23 -52.76 10.80
N ILE A 96 -16.08 -52.34 11.28
CA ILE A 96 -14.85 -53.09 11.07
C ILE A 96 -15.04 -54.56 11.40
N LYS A 97 -15.86 -54.84 12.40
CA LYS A 97 -16.14 -56.20 12.82
C LYS A 97 -14.89 -57.07 12.68
N LYS A 98 -13.78 -56.60 13.24
CA LYS A 98 -12.52 -57.34 13.18
C LYS A 98 -12.77 -58.84 13.12
N GLY A 99 -11.97 -59.53 12.33
CA GLY A 99 -12.11 -60.96 12.18
C GLY A 99 -10.92 -61.73 12.74
N LYS A 100 -10.44 -62.71 11.98
CA LYS A 100 -9.30 -63.52 12.40
C LYS A 100 -8.00 -62.92 11.88
N VAL A 101 -7.19 -62.40 12.80
CA VAL A 101 -5.90 -61.81 12.43
C VAL A 101 -4.79 -62.84 12.47
N SER A 102 -4.49 -63.43 11.31
CA SER A 102 -3.44 -64.43 11.22
C SER A 102 -2.09 -63.78 10.93
N SER A 103 -1.45 -63.27 11.97
CA SER A 103 -0.15 -62.63 11.83
C SER A 103 0.91 -63.62 11.40
N GLY A 104 1.22 -63.62 10.10
CA GLY A 104 2.22 -64.53 9.57
C GLY A 104 3.62 -64.00 9.72
N PRO A 105 4.56 -64.87 10.15
CA PRO A 105 5.96 -64.50 10.34
C PRO A 105 6.68 -64.23 9.02
N SER A 106 7.31 -63.06 8.93
CA SER A 106 8.02 -62.69 7.71
C SER A 106 9.10 -63.72 7.38
N SER A 107 9.54 -63.71 6.12
CA SER A 107 10.57 -64.64 5.67
C SER A 107 11.95 -64.05 5.85
N GLY A 108 12.98 -64.90 5.73
CA GLY A 108 14.35 -64.44 5.89
C GLY A 108 15.20 -65.41 6.67
N GLY A 1 39.38 -17.17 -1.15
CA GLY A 1 39.96 -15.91 -0.71
C GLY A 1 39.84 -14.82 -1.74
N SER A 2 40.07 -15.18 -3.01
CA SER A 2 39.99 -14.22 -4.10
C SER A 2 38.64 -13.52 -4.12
N SER A 3 37.57 -14.31 -4.12
CA SER A 3 36.22 -13.77 -4.14
C SER A 3 35.98 -12.84 -2.96
N GLY A 4 34.91 -12.07 -3.03
CA GLY A 4 34.59 -11.15 -1.95
C GLY A 4 33.17 -11.32 -1.45
N SER A 5 32.48 -10.19 -1.23
CA SER A 5 31.11 -10.22 -0.75
C SER A 5 30.18 -9.44 -1.68
N SER A 6 28.88 -9.53 -1.41
CA SER A 6 27.89 -8.84 -2.23
C SER A 6 27.12 -7.83 -1.38
N GLY A 7 26.61 -8.29 -0.24
CA GLY A 7 25.85 -7.41 0.64
C GLY A 7 25.55 -8.05 1.98
N PRO A 8 26.42 -7.81 2.96
CA PRO A 8 26.27 -8.36 4.31
C PRO A 8 25.09 -7.74 5.07
N GLU A 9 24.28 -6.98 4.35
CA GLU A 9 23.12 -6.32 4.95
C GLU A 9 21.88 -6.53 4.09
N LEU A 10 20.76 -6.82 4.75
CA LEU A 10 19.50 -7.05 4.05
C LEU A 10 18.65 -5.78 4.03
N LYS A 11 17.70 -5.73 3.10
CA LYS A 11 16.82 -4.57 2.98
C LYS A 11 15.48 -4.97 2.36
N CYS A 12 14.58 -4.00 2.23
CA CYS A 12 13.26 -4.25 1.66
C CYS A 12 13.34 -5.28 0.54
N PRO A 13 12.87 -6.51 0.83
CA PRO A 13 12.88 -7.61 -0.13
C PRO A 13 11.89 -7.39 -1.26
N VAL A 14 11.00 -6.42 -1.09
CA VAL A 14 9.99 -6.11 -2.10
C VAL A 14 10.63 -5.49 -3.34
N ILE A 15 10.59 -6.23 -4.44
CA ILE A 15 11.17 -5.75 -5.69
C ILE A 15 10.57 -4.40 -6.10
N GLY A 16 11.35 -3.61 -6.83
CA GLY A 16 10.87 -2.31 -7.27
C GLY A 16 11.02 -1.24 -6.20
N CYS A 17 10.78 -1.62 -4.96
CA CYS A 17 10.88 -0.69 -3.84
C CYS A 17 12.34 -0.37 -3.54
N ASP A 18 12.58 0.81 -2.98
CA ASP A 18 13.93 1.24 -2.63
C ASP A 18 14.18 1.14 -1.14
N GLY A 19 13.11 0.93 -0.38
CA GLY A 19 13.22 0.81 1.07
C GLY A 19 13.09 2.15 1.77
N GLN A 20 12.57 3.15 1.05
CA GLN A 20 12.40 4.48 1.61
C GLN A 20 11.00 4.65 2.20
N GLY A 21 10.93 5.26 3.38
CA GLY A 21 9.65 5.46 4.03
C GLY A 21 9.32 4.38 5.03
N HIS A 22 8.05 4.28 5.40
CA HIS A 22 7.61 3.27 6.36
C HIS A 22 6.08 3.18 6.39
N ILE A 23 5.57 1.98 6.17
CA ILE A 23 4.13 1.75 6.18
C ILE A 23 3.44 2.63 7.22
N SER A 24 4.03 2.71 8.41
CA SER A 24 3.47 3.52 9.48
C SER A 24 3.56 5.01 9.15
N GLY A 25 4.69 5.42 8.58
CA GLY A 25 4.87 6.81 8.23
C GLY A 25 5.86 7.51 9.14
N LYS A 26 5.79 7.22 10.44
CA LYS A 26 6.68 7.83 11.41
C LYS A 26 8.13 7.77 10.93
N TYR A 27 8.60 6.58 10.60
CA TYR A 27 9.97 6.39 10.13
C TYR A 27 10.09 6.74 8.65
N THR A 28 11.30 7.06 8.21
CA THR A 28 11.55 7.40 6.82
C THR A 28 12.39 6.34 6.13
N SER A 29 12.28 5.10 6.60
CA SER A 29 13.04 4.00 6.02
C SER A 29 12.53 2.66 6.54
N HIS A 30 12.75 1.60 5.76
CA HIS A 30 12.31 0.27 6.13
C HIS A 30 13.17 -0.80 5.47
N ARG A 31 13.32 -1.93 6.14
CA ARG A 31 14.13 -3.03 5.62
C ARG A 31 13.39 -4.36 5.73
N THR A 32 12.08 -4.28 5.91
CA THR A 32 11.24 -5.46 6.05
C THR A 32 9.90 -5.28 5.36
N ALA A 33 9.46 -6.30 4.62
CA ALA A 33 8.19 -6.25 3.93
C ALA A 33 7.07 -5.77 4.85
N SER A 34 7.10 -6.24 6.09
CA SER A 34 6.10 -5.88 7.08
C SER A 34 6.00 -4.36 7.23
N GLY A 35 7.16 -3.70 7.20
CA GLY A 35 7.18 -2.26 7.33
C GLY A 35 7.30 -1.56 6.00
N CYS A 36 7.16 -2.32 4.92
CA CYS A 36 7.26 -1.75 3.57
C CYS A 36 5.94 -1.11 3.16
N PRO A 37 5.96 0.23 3.02
CA PRO A 37 4.78 0.99 2.63
C PRO A 37 4.38 0.75 1.17
N LEU A 38 5.37 0.45 0.33
CA LEU A 38 5.12 0.19 -1.08
C LEU A 38 4.38 -1.14 -1.26
N ALA A 39 4.56 -2.04 -0.31
CA ALA A 39 3.92 -3.35 -0.37
C ALA A 39 2.44 -3.25 0.00
N ALA A 40 2.13 -2.36 0.95
CA ALA A 40 0.76 -2.17 1.39
C ALA A 40 -0.13 -1.72 0.24
N LYS A 41 0.42 -0.91 -0.66
CA LYS A 41 -0.33 -0.41 -1.81
C LYS A 41 -0.33 -1.43 -2.93
N ARG A 42 0.82 -2.04 -3.19
CA ARG A 42 0.94 -3.04 -4.24
C ARG A 42 -0.10 -4.14 -4.07
N GLN A 43 -0.15 -4.71 -2.87
CA GLN A 43 -1.10 -5.78 -2.58
C GLN A 43 -2.42 -5.55 -3.30
N LYS A 44 -2.91 -4.31 -3.28
CA LYS A 44 -4.16 -3.95 -3.94
C LYS A 44 -3.90 -3.10 -5.17
N GLU A 45 -3.54 -3.74 -6.27
CA GLU A 45 -3.26 -3.03 -7.51
C GLU A 45 -4.51 -2.95 -8.39
N ASN A 46 -5.65 -2.67 -7.76
CA ASN A 46 -6.91 -2.57 -8.48
C ASN A 46 -7.17 -3.82 -9.31
N PRO A 47 -7.11 -4.99 -8.65
CA PRO A 47 -7.33 -6.28 -9.31
C PRO A 47 -8.79 -6.47 -9.73
N LEU A 48 -9.61 -5.44 -9.53
CA LEU A 48 -11.02 -5.50 -9.89
C LEU A 48 -11.60 -4.09 -9.99
N ASN A 49 -12.76 -3.98 -10.64
CA ASN A 49 -13.43 -2.70 -10.80
C ASN A 49 -14.87 -2.78 -10.31
N GLY A 50 -15.13 -2.16 -9.16
CA GLY A 50 -16.47 -2.17 -8.60
C GLY A 50 -16.46 -2.16 -7.09
N ALA A 51 -15.75 -3.11 -6.49
CA ALA A 51 -15.66 -3.20 -5.04
C ALA A 51 -14.61 -2.25 -4.49
N SER A 52 -14.75 -1.90 -3.21
CA SER A 52 -13.81 -1.00 -2.57
C SER A 52 -14.07 -0.92 -1.07
N LEU A 53 -13.29 -0.11 -0.37
CA LEU A 53 -13.42 0.04 1.07
C LEU A 53 -13.38 -1.31 1.77
N SER A 54 -12.42 -2.14 1.37
CA SER A 54 -12.27 -3.47 1.97
C SER A 54 -12.63 -3.45 3.45
N TRP A 55 -11.95 -2.59 4.20
CA TRP A 55 -12.21 -2.47 5.64
C TRP A 55 -13.69 -2.68 5.95
N LYS A 56 -13.96 -3.31 7.08
CA LYS A 56 -15.34 -3.57 7.49
C LYS A 56 -16.16 -4.13 6.34
N LEU A 57 -15.55 -5.01 5.55
CA LEU A 57 -16.23 -5.62 4.42
C LEU A 57 -17.57 -6.22 4.84
N ASN A 58 -18.60 -5.93 4.05
CA ASN A 58 -19.94 -6.43 4.33
C ASN A 58 -19.89 -7.88 4.82
N LYS A 59 -19.99 -8.06 6.14
CA LYS A 59 -19.95 -9.39 6.74
C LYS A 59 -21.30 -9.75 7.35
N GLN A 60 -21.48 -11.03 7.64
CA GLN A 60 -22.73 -11.51 8.23
C GLN A 60 -22.49 -12.09 9.61
N GLU A 61 -21.63 -11.45 10.39
CA GLU A 61 -21.31 -11.90 11.73
C GLU A 61 -22.58 -12.33 12.48
N LEU A 62 -22.70 -13.61 12.75
CA LEU A 62 -23.86 -14.14 13.45
C LEU A 62 -24.36 -13.15 14.50
N PRO A 63 -25.66 -13.21 14.78
CA PRO A 63 -26.30 -12.32 15.77
C PRO A 63 -25.87 -12.63 17.20
N HIS A 64 -25.44 -11.62 17.92
CA HIS A 64 -25.00 -11.78 19.31
C HIS A 64 -26.18 -12.13 20.21
N CYS A 65 -25.88 -12.54 21.43
CA CYS A 65 -26.92 -12.91 22.40
C CYS A 65 -28.06 -11.89 22.37
N PRO A 66 -29.30 -12.41 22.31
CA PRO A 66 -30.50 -11.56 22.29
C PRO A 66 -30.74 -10.86 23.61
N LEU A 67 -30.60 -11.59 24.71
CA LEU A 67 -30.79 -11.03 26.04
C LEU A 67 -30.38 -9.57 26.09
N PRO A 68 -31.31 -8.69 26.51
CA PRO A 68 -31.05 -7.25 26.61
C PRO A 68 -30.07 -6.91 27.73
N GLY A 69 -29.80 -7.89 28.59
CA GLY A 69 -28.87 -7.67 29.69
C GLY A 69 -27.57 -8.42 29.51
N CYS A 70 -27.38 -9.02 28.34
CA CYS A 70 -26.18 -9.78 28.04
C CYS A 70 -25.42 -9.16 26.86
N ASN A 71 -24.19 -9.59 26.67
CA ASN A 71 -23.36 -9.08 25.58
C ASN A 71 -23.02 -10.19 24.59
N GLY A 72 -22.81 -11.39 25.11
CA GLY A 72 -22.47 -12.52 24.26
C GLY A 72 -21.10 -13.09 24.56
N LEU A 73 -20.59 -12.81 25.76
CA LEU A 73 -19.28 -13.29 26.17
C LEU A 73 -19.39 -14.22 27.38
N GLY A 74 -19.16 -15.50 27.17
CA GLY A 74 -19.24 -16.47 28.25
C GLY A 74 -20.05 -17.70 27.88
N HIS A 75 -19.95 -18.73 28.70
CA HIS A 75 -20.68 -19.97 28.46
C HIS A 75 -21.17 -20.58 29.77
N VAL A 76 -22.38 -21.14 29.75
CA VAL A 76 -22.96 -21.75 30.93
C VAL A 76 -22.14 -22.97 31.37
N ASN A 77 -21.56 -23.66 30.40
CA ASN A 77 -20.75 -24.84 30.69
C ASN A 77 -19.37 -24.45 31.22
N ASN A 78 -19.17 -23.15 31.41
CA ASN A 78 -17.90 -22.63 31.91
C ASN A 78 -16.73 -23.26 31.16
N VAL A 79 -16.86 -23.35 29.84
CA VAL A 79 -15.81 -23.93 29.00
C VAL A 79 -15.38 -22.96 27.91
N PHE A 80 -16.37 -22.37 27.23
CA PHE A 80 -16.09 -21.42 26.17
C PHE A 80 -16.18 -19.98 26.67
N VAL A 81 -15.81 -19.03 25.82
CA VAL A 81 -15.86 -17.62 26.19
C VAL A 81 -16.85 -16.86 25.33
N THR A 82 -17.55 -17.58 24.45
CA THR A 82 -18.54 -16.98 23.57
C THR A 82 -19.84 -17.78 23.55
N HIS A 83 -20.91 -17.17 23.07
CA HIS A 83 -22.21 -17.83 23.00
C HIS A 83 -23.21 -16.97 22.25
N ARG A 84 -23.59 -17.41 21.06
CA ARG A 84 -24.54 -16.69 20.24
C ARG A 84 -25.94 -17.30 20.35
N SER A 85 -26.32 -17.68 21.57
CA SER A 85 -27.62 -18.28 21.81
C SER A 85 -27.89 -18.39 23.30
N LEU A 86 -29.15 -18.15 23.69
CA LEU A 86 -29.54 -18.23 25.09
C LEU A 86 -29.11 -19.54 25.71
N SER A 87 -29.17 -20.61 24.93
CA SER A 87 -28.78 -21.94 25.41
C SER A 87 -27.45 -21.88 26.15
N GLY A 88 -26.47 -21.21 25.56
CA GLY A 88 -25.17 -21.08 26.19
C GLY A 88 -24.96 -19.73 26.83
N CYS A 89 -26.03 -19.17 27.40
CA CYS A 89 -25.96 -17.87 28.04
C CYS A 89 -25.79 -18.02 29.56
N PRO A 90 -24.57 -17.73 30.05
CA PRO A 90 -24.26 -17.83 31.48
C PRO A 90 -24.96 -16.75 32.30
N LEU A 91 -25.37 -15.68 31.62
CA LEU A 91 -26.06 -14.59 32.30
C LEU A 91 -27.54 -14.88 32.46
N ASN A 92 -28.07 -15.75 31.60
CA ASN A 92 -29.49 -16.11 31.65
C ASN A 92 -29.70 -17.32 32.56
N ALA A 93 -28.90 -18.37 32.34
CA ALA A 93 -29.00 -19.58 33.14
C ALA A 93 -29.11 -19.25 34.62
N GLN A 94 -28.18 -18.43 35.11
CA GLN A 94 -28.17 -18.04 36.51
C GLN A 94 -29.53 -17.48 36.93
N VAL A 95 -30.13 -16.67 36.07
CA VAL A 95 -31.43 -16.08 36.34
C VAL A 95 -32.51 -17.14 36.44
N ILE A 96 -32.35 -18.21 35.66
CA ILE A 96 -33.32 -19.29 35.65
C ILE A 96 -33.04 -20.29 36.78
N LYS A 97 -32.88 -19.77 37.99
CA LYS A 97 -32.61 -20.61 39.15
C LYS A 97 -33.88 -21.29 39.64
N LYS A 98 -33.81 -22.61 39.82
CA LYS A 98 -34.95 -23.39 40.28
C LYS A 98 -35.25 -23.09 41.75
N GLY A 99 -36.50 -22.74 42.04
CA GLY A 99 -36.89 -22.44 43.40
C GLY A 99 -38.39 -22.33 43.56
N LYS A 100 -39.06 -21.88 42.51
CA LYS A 100 -40.51 -21.73 42.54
C LYS A 100 -41.18 -22.63 41.50
N VAL A 101 -42.40 -23.07 41.79
CA VAL A 101 -43.14 -23.93 40.89
C VAL A 101 -43.49 -23.20 39.60
N SER A 102 -43.38 -23.90 38.47
CA SER A 102 -43.68 -23.32 37.18
C SER A 102 -44.46 -24.31 36.31
N SER A 103 -45.12 -23.79 35.28
CA SER A 103 -45.91 -24.62 34.38
C SER A 103 -45.03 -25.65 33.68
N GLY A 104 -45.15 -26.90 34.11
CA GLY A 104 -44.36 -27.97 33.52
C GLY A 104 -44.48 -29.27 34.28
N PRO A 105 -45.35 -30.16 33.79
CA PRO A 105 -45.57 -31.47 34.42
C PRO A 105 -44.38 -32.40 34.27
N SER A 106 -43.54 -32.46 35.29
CA SER A 106 -42.35 -33.31 35.27
C SER A 106 -42.54 -34.53 36.17
N SER A 107 -42.16 -35.69 35.65
CA SER A 107 -42.29 -36.94 36.39
C SER A 107 -40.95 -37.67 36.46
N GLY A 108 -40.62 -38.17 37.65
CA GLY A 108 -39.37 -38.89 37.83
C GLY A 108 -39.59 -40.36 38.13
#